data_7WFG
#
_entry.id   7WFG
#
_cell.length_a   1.00
_cell.length_b   1.00
_cell.length_c   1.00
_cell.angle_alpha   90.00
_cell.angle_beta   90.00
_cell.angle_gamma   90.00
#
_symmetry.space_group_name_H-M   'P 1'
#
loop_
_entity.id
_entity.type
_entity.pdbx_description
1 polymer 'NAD(P)H-quinone oxidoreductase subunit H, chloroplastic'
2 polymer 'NAD(P)H-quinone oxidoreductase subunit I, chloroplastic'
3 polymer 'NAD(P)H-quinone oxidoreductase subunit J, chloroplastic'
4 polymer 'NAD(P)H-quinone oxidoreductase subunit K, chloroplastic'
5 polymer 'NAD(P)H-quinone oxidoreductase subunit L, chloroplastic'
6 polymer 'NAD(P)H-quinone oxidoreductase subunit M, chloroplastic'
7 polymer 'NAD(P)H-quinone oxidoreductase subunit N, chloroplastic'
8 polymer NdhO
9 polymer NdhT
10 non-polymer 'IRON/SULFUR CLUSTER'
#
loop_
_entity_poly.entity_id
_entity_poly.type
_entity_poly.pdbx_seq_one_letter_code
_entity_poly.pdbx_strand_id
1 'polypeptide(L)'
;MKRPVTGKDLMIVNMGPHHPSMHGVLRLIVTLDGEDVVDCEPILGYLHRGMEKIAENRAIIQYLPYVTRWDYLATMFTEA
ITVNGPEQLGNIQVPKRASYIRVIMLELSRIASHLLWLGPFMADIGAQTPFFYIFREREFVYDLFEAATGMRMMHNFFRI
GGIAADLPYGWIDKCLDFCDYFLTEVVEYQKLITRNPIFLERVEGVGIIGGEEAINWGLSGPMLRASGIPWDLRKIDRYE
SYDEFEWEIQWQKQGDSLARYLVRLSEMTESIKIIQQALEGLPGGPYENLESRGFDRKRNPEWNDFEYRFISKKPSPTFE
LSKQELYVRVEAPKGELGIFLIGDQSGFPWRWKIRPPGFINLQILPELVKRMKLADIMTILGSIDIIMGEVDR
;
H
2 'polypeptide(L)'
;MLPMITGFMNYGQQTLRAARYIGQGFMITLSHTNRLPVTIQYPYEKLITSERFRGRIHFEFDKCIACEVCVRVCPIDLPV
VDWKLETNIRKKRLLNYSIDFGICIFCGNCVEYCPTNCLSMTEEYEFSTYDRHELNYNQIALGRLPMSVIDDYTIRTIWN
SPQTKNGVNPLI
;
I
3 'polypeptide(L)'
;MQGTLSVWLAKRGLVHRSLGFDYQGIETLQIKPEDWHSIAVILYVYGYNYLRSQCAYDVAPGGLLASVYHLTRIEYGVNQ
AEEVCIKVFTHRSNPRIPSVFWVWKSTDFQERESYDMLGITYDSHPRLKRILMPESWIGWPLRKDYIAPNFYEIQDAY
;
J
4 'polypeptide(L)'
;MNSIKFPILDRTTKNSVISTTLNDLSNWSRLSSLWPLLYGTSCCFIEFASLIGSRFDFDRYGLVPRSSPRQADLILTAGT
VTMKMAPSLVRLYEQMPEPKYVIAMGACTITGGMFSTDSYSTVRGVDKLIPVDVYLPGCPPKPEAVIDAITKLRKKIARE
IYKDRIRPQQGNRCFTTNHKFFVVRSPHIGNYDQELLYPPSSTSEISTETFFKYKSPVSSHELVN
;
K
5 'polypeptide(L)'
;MSRCGSLGLYAPNALPSLSLKPRSVKSPFCITSHTKPNDTLLHNVNKMRAKACDILGAKKTILAAQLGAVLATIDHPALA
ITGVNNQQELSSVVLDIGIISVWYFLVMPPIIMNWLRVRWYRRKFFEMYLQFMFVFMFFPGLLLWAPFLNFRKFPRDPNM
KNPWDKPTDPDSIKNVYLKYPYATPEDYDLD
;
L
6 'polypeptide(L)'
;MVAAFSYTACTKLSLLHPSMVAQIRPRTTQKAFVVTNPEQDSTLEVQETETLKEEQSTEKMKKQPTPLRPVEKQLNVKSK
GMGDFGGQWLSSVTRHVRIYAAYIDPETCEFDQSQMDKLTLILDPTEEFVWDDESCNKVYSYFQELVDHYEGAPLTEYTL
RLIGSDVEHYIRKMLFDGEIQYNMDARVLNFSMGKPRVQFNTSNIEGGGDGQPQEDA
;
M
7 'polypeptide(L)'
;MGSRAICIQRVAPPCFEASQVKKIKTVGSFLVNTRSKRRRSTGVKCSSIADYIGGDLVKPDIGQWLQDVEEHKAIAIYAP
HEGGYEGRYLNRLKMQGYYFLDISARGLGDPETTLLKNYPVCPAHLGKQPIARWYYPPEVDYRLAALPPSAKGLVVWVLE
AKVLSKSELQFLALLPSLRPNVRVIAECGNWRKFVWKPLAEIANLAAQE
;
N
8 'polypeptide(L)'
;MAFSATLSQLSSLSTISSSLPISSRRLPHRSLPQFTVKAEAEKEKQSAQAKSDGEASPAATKTPKTLPKKPVYSMKKGQI
VRVEKEKYLNSINYLSVGHPPFYKGLDYIYEDRGEVLDLRVFETGEYALVGWVGIPTAPAWLPTDMLIKCEKLVYERM
;
O
9 'polypeptide(L)'
;(UNK)(UNK)(UNK)(UNK)(UNK)(UNK)(UNK)(UNK)(UNK)(UNK)(UNK)(UNK)(UNK)(UNK)(UNK)(UNK)
(UNK)(UNK)(UNK)(UNK)(UNK)(UNK)(UNK)(UNK)(UNK)(UNK)(UNK)(UNK)(UNK)(UNK)(UNK)(UNK)
(UNK)(UNK)(UNK)(UNK)(UNK)(UNK)(UNK)(UNK)(UNK)(UNK)(UNK)(UNK)(UNK)(UNK)(UNK)(UNK)
(UNK)(UNK)(UNK)(UNK)(UNK)(UNK)(UNK)(UNK)(UNK)(UNK)(UNK)(UNK)(UNK)(UNK)(UNK)(UNK)
(UNK)(UNK)(UNK)(UNK)(UNK)(UNK)(UNK)(UNK)(UNK)(UNK)(UNK)(UNK)(UNK)(UNK)(UNK)(UNK)
(UNK)(UNK)(UNK)(UNK)(UNK)(UNK)(UNK)(UNK)(UNK)(UNK)(UNK)(UNK)(UNK)(UNK)(UNK)(UNK)
(UNK)(UNK)(UNK)(UNK)(UNK)(UNK)(UNK)(UNK)(UNK)(UNK)(UNK)(UNK)(UNK)(UNK)(UNK)(UNK)
(UNK)(UNK)(UNK)(UNK)(UNK)(UNK)(UNK)(UNK)(UNK)(UNK)
;
T
#
# COMPACT_ATOMS: atom_id res chain seq x y z
N LEU A 10 -10.18 27.52 18.38
CA LEU A 10 -9.96 26.84 17.11
C LEU A 10 -8.56 26.26 17.05
N MET A 11 -8.31 25.22 17.86
CA MET A 11 -6.99 24.58 17.91
C MET A 11 -6.87 23.65 16.71
N ILE A 12 -5.84 23.87 15.89
CA ILE A 12 -5.65 23.12 14.66
C ILE A 12 -5.17 21.72 14.99
N VAL A 13 -5.93 20.70 14.53
CA VAL A 13 -5.47 19.33 14.65
C VAL A 13 -4.43 19.07 13.57
N ASN A 14 -3.41 18.30 13.92
CA ASN A 14 -2.37 17.97 12.95
C ASN A 14 -2.83 16.82 12.06
N MET A 15 -3.53 15.84 12.65
CA MET A 15 -4.07 14.64 11.99
C MET A 15 -2.95 13.85 11.31
N GLY A 16 -2.05 13.33 12.14
CA GLY A 16 -0.76 12.85 11.70
C GLY A 16 -0.77 11.60 10.84
N PRO A 17 0.44 11.13 10.48
CA PRO A 17 0.51 9.96 9.60
C PRO A 17 0.11 8.66 10.29
N HIS A 18 0.56 8.45 11.53
CA HIS A 18 0.11 7.30 12.31
C HIS A 18 -1.18 7.68 13.02
N HIS A 19 -2.30 7.34 12.42
CA HIS A 19 -3.59 7.61 13.01
C HIS A 19 -3.84 6.66 14.18
N PRO A 20 -4.73 7.03 15.11
CA PRO A 20 -5.17 6.05 16.12
C PRO A 20 -5.92 4.88 15.51
N SER A 21 -6.57 5.10 14.37
CA SER A 21 -7.15 4.02 13.58
C SER A 21 -6.15 3.56 12.52
N MET A 22 -6.46 2.49 11.80
CA MET A 22 -5.59 1.95 10.76
C MET A 22 -6.42 1.80 9.48
N HIS A 23 -6.54 2.89 8.72
CA HIS A 23 -7.32 2.91 7.49
C HIS A 23 -6.56 3.69 6.42
N GLY A 24 -5.24 3.63 6.48
CA GLY A 24 -4.41 4.41 5.59
C GLY A 24 -3.81 5.64 6.26
N VAL A 25 -3.04 6.38 5.48
CA VAL A 25 -2.39 7.61 5.92
C VAL A 25 -3.03 8.77 5.15
N LEU A 26 -3.56 9.74 5.89
CA LEU A 26 -4.32 10.84 5.32
C LEU A 26 -4.19 12.06 6.21
N ARG A 27 -4.63 13.20 5.70
CA ARG A 27 -4.47 14.49 6.38
C ARG A 27 -5.80 15.21 6.36
N LEU A 28 -6.36 15.48 7.54
CA LEU A 28 -7.71 16.05 7.69
C LEU A 28 -7.67 17.20 8.70
N ILE A 29 -6.79 18.18 8.45
CA ILE A 29 -6.70 19.35 9.32
C ILE A 29 -8.03 20.09 9.38
N VAL A 30 -8.50 20.35 10.60
CA VAL A 30 -9.82 21.01 10.81
C VAL A 30 -9.65 22.06 11.91
N THR A 31 -10.32 23.22 11.79
CA THR A 31 -10.28 24.24 12.86
C THR A 31 -10.93 23.67 14.13
N LEU A 32 -12.03 22.92 13.98
CA LEU A 32 -12.73 22.27 15.13
C LEU A 32 -13.00 23.24 16.30
N ASP A 33 -13.70 24.35 16.06
CA ASP A 33 -14.08 25.24 17.20
C ASP A 33 -14.63 24.34 18.32
N GLY A 34 -13.95 24.27 19.46
CA GLY A 34 -14.41 23.35 20.49
C GLY A 34 -14.18 21.91 20.08
N GLU A 35 -15.21 21.08 20.20
CA GLU A 35 -15.17 19.71 19.69
C GLU A 35 -15.97 19.53 18.41
N ASP A 36 -16.74 20.54 18.00
CA ASP A 36 -17.46 20.48 16.73
C ASP A 36 -16.50 20.79 15.59
N VAL A 37 -16.33 19.83 14.68
CA VAL A 37 -15.56 20.07 13.47
C VAL A 37 -16.46 20.79 12.46
N VAL A 38 -15.91 21.80 11.80
CA VAL A 38 -16.72 22.65 10.92
C VAL A 38 -16.11 22.82 9.52
N ASP A 39 -14.81 22.67 9.33
CA ASP A 39 -14.18 22.96 8.05
C ASP A 39 -13.10 21.94 7.78
N CYS A 40 -13.19 21.23 6.65
CA CYS A 40 -12.25 20.18 6.30
C CYS A 40 -11.38 20.62 5.13
N GLU A 41 -10.09 20.30 5.21
CA GLU A 41 -9.14 20.51 4.12
C GLU A 41 -8.36 19.22 3.94
N PRO A 42 -8.87 18.27 3.13
CA PRO A 42 -8.17 16.99 2.97
C PRO A 42 -6.93 17.10 2.09
N ILE A 43 -5.75 16.90 2.70
CA ILE A 43 -4.49 16.93 1.98
C ILE A 43 -4.11 15.49 1.64
N LEU A 44 -3.82 15.23 0.37
CA LEU A 44 -3.49 13.89 -0.09
C LEU A 44 -2.12 13.91 -0.78
N GLY A 45 -1.76 12.80 -1.39
CA GLY A 45 -0.46 12.63 -2.00
C GLY A 45 0.51 11.80 -1.21
N TYR A 46 0.04 11.01 -0.25
CA TYR A 46 0.92 10.29 0.66
C TYR A 46 1.37 8.96 0.08
N LEU A 47 0.43 8.13 -0.37
CA LEU A 47 0.74 6.83 -0.95
C LEU A 47 0.70 6.89 -2.47
N HIS A 48 1.62 7.68 -3.04
CA HIS A 48 1.58 8.03 -4.46
C HIS A 48 2.67 7.28 -5.23
N ARG A 49 2.35 6.83 -6.44
CA ARG A 49 3.32 6.03 -7.24
C ARG A 49 3.37 6.47 -8.72
N GLY A 50 2.49 7.38 -9.17
CA GLY A 50 2.56 7.83 -10.54
C GLY A 50 2.19 6.75 -11.53
N MET A 51 0.95 6.27 -11.45
CA MET A 51 0.53 5.12 -12.26
C MET A 51 0.38 5.49 -13.74
N GLU A 52 0.00 6.74 -14.02
CA GLU A 52 -0.36 7.11 -15.39
C GLU A 52 0.85 7.21 -16.29
N LYS A 53 1.92 7.88 -15.83
CA LYS A 53 3.10 8.08 -16.67
C LYS A 53 3.88 6.78 -16.84
N ILE A 54 3.99 5.96 -15.79
CA ILE A 54 4.65 4.67 -15.89
C ILE A 54 3.83 3.71 -16.74
N ALA A 55 2.49 3.78 -16.63
CA ALA A 55 1.63 2.97 -17.48
C ALA A 55 1.73 3.39 -18.94
N GLU A 56 2.01 4.67 -19.20
CA GLU A 56 2.35 5.10 -20.56
C GLU A 56 3.73 4.59 -20.97
N ASN A 57 4.61 4.32 -20.01
CA ASN A 57 5.96 3.84 -20.29
C ASN A 57 6.06 2.32 -20.22
N ARG A 58 4.99 1.62 -19.84
CA ARG A 58 5.00 0.17 -19.78
C ARG A 58 3.89 -0.40 -20.65
N ALA A 59 4.04 -1.68 -21.00
CA ALA A 59 3.06 -2.37 -21.85
C ALA A 59 1.89 -2.87 -21.01
N ILE A 60 1.01 -3.65 -21.63
CA ILE A 60 -0.10 -4.21 -20.89
C ILE A 60 0.36 -5.41 -20.06
N ILE A 61 1.34 -6.18 -20.54
CA ILE A 61 1.85 -7.32 -19.78
C ILE A 61 2.86 -6.86 -18.73
N GLN A 62 3.23 -5.58 -18.73
CA GLN A 62 4.13 -5.03 -17.74
C GLN A 62 3.45 -4.08 -16.76
N TYR A 63 2.38 -3.40 -17.15
CA TYR A 63 1.53 -2.73 -16.17
C TYR A 63 0.46 -3.67 -15.62
N LEU A 64 0.36 -4.89 -16.14
CA LEU A 64 -0.50 -5.95 -15.62
C LEU A 64 0.00 -6.55 -14.30
N PRO A 65 1.31 -6.62 -14.00
CA PRO A 65 1.69 -6.81 -12.58
C PRO A 65 1.52 -5.56 -11.73
N TYR A 66 1.39 -4.38 -12.35
CA TYR A 66 1.27 -3.16 -11.57
C TYR A 66 -0.12 -2.95 -11.00
N VAL A 67 -1.13 -3.68 -11.48
CA VAL A 67 -2.48 -3.47 -10.95
C VAL A 67 -2.68 -4.35 -9.71
N THR A 68 -2.05 -3.93 -8.62
CA THR A 68 -2.21 -4.54 -7.30
C THR A 68 -2.22 -3.52 -6.18
N ARG A 69 -1.87 -2.26 -6.46
CA ARG A 69 -1.63 -1.25 -5.45
C ARG A 69 -2.77 -0.24 -5.36
N TRP A 70 -3.96 -0.62 -5.80
CA TRP A 70 -5.08 0.31 -5.92
C TRP A 70 -6.17 0.02 -4.89
N ASP A 71 -6.72 -1.19 -4.92
CA ASP A 71 -7.80 -1.56 -4.02
C ASP A 71 -7.49 -2.94 -3.44
N TYR A 72 -6.27 -3.09 -2.89
CA TYR A 72 -5.69 -4.39 -2.55
C TYR A 72 -6.49 -5.21 -1.54
N LEU A 73 -7.50 -4.62 -0.88
CA LEU A 73 -8.48 -5.42 -0.15
C LEU A 73 -9.37 -6.23 -1.09
N ALA A 74 -9.44 -5.87 -2.39
CA ALA A 74 -10.08 -6.69 -3.41
C ALA A 74 -9.32 -6.46 -4.72
N THR A 75 -8.33 -7.32 -4.96
CA THR A 75 -7.45 -7.14 -6.11
C THR A 75 -8.02 -7.72 -7.40
N MET A 76 -9.15 -8.42 -7.35
CA MET A 76 -9.74 -8.96 -8.57
C MET A 76 -10.35 -7.87 -9.43
N PHE A 77 -10.85 -6.79 -8.81
CA PHE A 77 -11.54 -5.74 -9.56
C PHE A 77 -10.58 -4.96 -10.46
N THR A 78 -9.38 -4.65 -9.96
CA THR A 78 -8.42 -3.85 -10.71
C THR A 78 -7.91 -4.60 -11.93
N GLU A 79 -7.39 -5.82 -11.73
CA GLU A 79 -6.89 -6.59 -12.85
C GLU A 79 -8.04 -7.05 -13.77
N ALA A 80 -9.24 -7.21 -13.20
CA ALA A 80 -10.42 -7.55 -13.99
C ALA A 80 -10.78 -6.45 -14.98
N ILE A 81 -10.83 -5.19 -14.52
CA ILE A 81 -11.18 -4.11 -15.44
C ILE A 81 -10.02 -3.81 -16.39
N THR A 82 -8.77 -3.97 -15.93
CA THR A 82 -7.65 -3.70 -16.84
C THR A 82 -7.37 -4.86 -17.80
N VAL A 83 -8.06 -5.99 -17.66
CA VAL A 83 -7.97 -7.00 -18.70
C VAL A 83 -9.24 -6.95 -19.55
N ASN A 84 -10.36 -6.47 -18.98
CA ASN A 84 -11.59 -6.31 -19.76
C ASN A 84 -11.51 -5.13 -20.71
N GLY A 85 -10.60 -4.19 -20.45
CA GLY A 85 -10.25 -3.16 -21.41
C GLY A 85 -9.82 -3.69 -22.77
N PRO A 86 -8.70 -4.44 -22.83
CA PRO A 86 -8.26 -4.98 -24.13
C PRO A 86 -9.17 -6.05 -24.72
N GLU A 87 -10.01 -6.72 -23.93
CA GLU A 87 -10.92 -7.73 -24.49
C GLU A 87 -12.02 -7.07 -25.32
N GLN A 88 -12.65 -6.02 -24.79
CA GLN A 88 -13.63 -5.26 -25.57
C GLN A 88 -12.97 -4.31 -26.57
N LEU A 89 -11.70 -3.97 -26.35
CA LEU A 89 -10.97 -3.15 -27.32
C LEU A 89 -10.68 -3.94 -28.59
N GLY A 90 -10.11 -5.13 -28.44
CA GLY A 90 -9.83 -5.97 -29.59
C GLY A 90 -11.01 -6.78 -30.11
N ASN A 91 -12.14 -6.73 -29.39
CA ASN A 91 -13.36 -7.49 -29.69
C ASN A 91 -13.07 -8.99 -29.79
N ILE A 92 -12.42 -9.50 -28.76
CA ILE A 92 -12.09 -10.92 -28.63
C ILE A 92 -13.06 -11.53 -27.64
N GLN A 93 -13.77 -12.58 -28.07
CA GLN A 93 -14.82 -13.17 -27.25
C GLN A 93 -14.22 -14.06 -26.16
N VAL A 94 -14.71 -13.88 -24.95
CA VAL A 94 -14.38 -14.74 -23.81
C VAL A 94 -15.43 -15.85 -23.78
N PRO A 95 -15.04 -17.11 -23.60
CA PRO A 95 -16.06 -18.17 -23.46
C PRO A 95 -16.82 -18.04 -22.14
N LYS A 96 -17.97 -18.71 -22.11
CA LYS A 96 -18.92 -18.51 -21.02
C LYS A 96 -18.43 -19.10 -19.70
N ARG A 97 -17.67 -20.20 -19.75
CA ARG A 97 -17.22 -20.88 -18.54
C ARG A 97 -16.22 -20.02 -17.77
N ALA A 98 -15.17 -19.55 -18.44
CA ALA A 98 -14.16 -18.73 -17.79
C ALA A 98 -14.71 -17.39 -17.35
N SER A 99 -15.68 -16.85 -18.12
CA SER A 99 -16.30 -15.59 -17.74
C SER A 99 -17.17 -15.76 -16.49
N TYR A 100 -17.89 -16.88 -16.37
CA TYR A 100 -18.70 -17.10 -15.17
C TYR A 100 -17.84 -17.40 -13.95
N ILE A 101 -16.71 -18.09 -14.13
CA ILE A 101 -15.77 -18.28 -13.03
C ILE A 101 -15.13 -16.96 -12.63
N ARG A 102 -14.91 -16.06 -13.60
CA ARG A 102 -14.47 -14.71 -13.29
C ARG A 102 -15.53 -13.93 -12.49
N VAL A 103 -16.81 -14.11 -12.83
CA VAL A 103 -17.91 -13.51 -12.07
C VAL A 103 -17.91 -14.03 -10.63
N ILE A 104 -17.70 -15.34 -10.45
CA ILE A 104 -17.69 -15.94 -9.13
C ILE A 104 -16.53 -15.39 -8.29
N MET A 105 -15.34 -15.31 -8.87
CA MET A 105 -14.20 -14.83 -8.08
C MET A 105 -14.25 -13.31 -7.86
N LEU A 106 -14.87 -12.56 -8.78
CA LEU A 106 -15.06 -11.13 -8.56
C LEU A 106 -16.07 -10.85 -7.46
N GLU A 107 -17.14 -11.64 -7.40
CA GLU A 107 -18.08 -11.48 -6.28
C GLU A 107 -17.49 -11.97 -4.97
N LEU A 108 -16.61 -12.97 -5.03
CA LEU A 108 -15.90 -13.39 -3.81
C LEU A 108 -14.94 -12.31 -3.34
N SER A 109 -14.32 -11.58 -4.27
CA SER A 109 -13.48 -10.45 -3.87
C SER A 109 -14.31 -9.28 -3.36
N ARG A 110 -15.54 -9.12 -3.85
CA ARG A 110 -16.45 -8.13 -3.27
C ARG A 110 -16.83 -8.49 -1.83
N ILE A 111 -17.09 -9.79 -1.60
CA ILE A 111 -17.29 -10.33 -0.25
C ILE A 111 -16.09 -9.99 0.63
N ALA A 112 -14.88 -10.25 0.12
CA ALA A 112 -13.65 -10.00 0.87
C ALA A 112 -13.45 -8.51 1.15
N SER A 113 -13.83 -7.65 0.19
CA SER A 113 -13.70 -6.21 0.38
C SER A 113 -14.64 -5.70 1.45
N HIS A 114 -15.89 -6.19 1.47
CA HIS A 114 -16.82 -5.69 2.48
C HIS A 114 -16.52 -6.25 3.86
N LEU A 115 -16.06 -7.51 3.95
CA LEU A 115 -15.71 -8.04 5.27
C LEU A 115 -14.41 -7.41 5.79
N LEU A 116 -13.46 -7.11 4.90
CA LEU A 116 -12.23 -6.45 5.31
C LEU A 116 -12.45 -4.95 5.51
N TRP A 117 -13.59 -4.42 5.06
CA TRP A 117 -14.03 -3.12 5.56
C TRP A 117 -14.53 -3.25 7.00
N LEU A 118 -15.50 -4.13 7.22
CA LEU A 118 -16.19 -4.16 8.51
C LEU A 118 -15.37 -4.80 9.62
N GLY A 119 -14.22 -5.40 9.31
CA GLY A 119 -13.32 -5.88 10.33
C GLY A 119 -12.69 -4.76 11.14
N PRO A 120 -11.81 -3.97 10.50
CA PRO A 120 -11.21 -2.82 11.20
C PRO A 120 -12.18 -1.71 11.54
N PHE A 121 -13.35 -1.64 10.87
CA PHE A 121 -14.37 -0.68 11.28
C PHE A 121 -14.99 -1.07 12.62
N MET A 122 -15.21 -2.37 12.83
CA MET A 122 -15.69 -2.84 14.12
C MET A 122 -14.56 -2.89 15.14
N ALA A 123 -13.30 -2.89 14.67
CA ALA A 123 -12.17 -2.79 15.60
C ALA A 123 -11.98 -1.36 16.10
N ASP A 124 -12.19 -0.36 15.25
CA ASP A 124 -12.09 1.03 15.68
C ASP A 124 -13.27 1.41 16.56
N ILE A 125 -14.49 1.21 16.06
CA ILE A 125 -15.69 1.48 16.83
C ILE A 125 -16.13 0.20 17.52
N PRO A 130 -13.15 -9.43 17.31
CA PRO A 130 -12.33 -8.39 16.65
C PRO A 130 -11.68 -8.88 15.36
N PHE A 131 -10.39 -9.17 15.41
CA PHE A 131 -9.69 -9.62 14.21
C PHE A 131 -9.98 -11.09 13.90
N PHE A 132 -10.03 -11.94 14.92
CA PHE A 132 -10.31 -13.35 14.70
C PHE A 132 -11.79 -13.68 14.68
N TYR A 133 -12.66 -12.71 14.98
CA TYR A 133 -14.09 -12.91 14.70
C TYR A 133 -14.34 -12.95 13.21
N ILE A 134 -13.48 -12.31 12.41
CA ILE A 134 -13.55 -12.41 10.96
C ILE A 134 -12.44 -13.29 10.38
N PHE A 135 -11.34 -13.52 11.12
CA PHE A 135 -10.23 -14.29 10.58
C PHE A 135 -10.50 -15.80 10.54
N ARG A 136 -11.46 -16.29 11.35
CA ARG A 136 -11.91 -17.66 11.21
C ARG A 136 -12.64 -17.90 9.90
N GLU A 137 -13.19 -16.85 9.28
CA GLU A 137 -13.63 -16.94 7.91
C GLU A 137 -12.48 -16.67 6.94
N ARG A 138 -11.61 -15.71 7.29
CA ARG A 138 -10.58 -15.25 6.36
C ARG A 138 -9.52 -16.30 6.08
N GLU A 139 -9.29 -17.23 7.00
CA GLU A 139 -8.33 -18.30 6.72
C GLU A 139 -8.85 -19.22 5.62
N PHE A 140 -10.15 -19.53 5.62
CA PHE A 140 -10.73 -20.30 4.53
C PHE A 140 -10.90 -19.45 3.27
N VAL A 141 -11.06 -18.13 3.43
CA VAL A 141 -11.13 -17.24 2.28
C VAL A 141 -9.80 -17.21 1.53
N TYR A 142 -8.69 -17.06 2.25
CA TYR A 142 -7.39 -17.15 1.61
C TYR A 142 -7.03 -18.56 1.19
N ASP A 143 -7.63 -19.59 1.80
CA ASP A 143 -7.50 -20.94 1.26
C ASP A 143 -8.19 -21.05 -0.09
N LEU A 144 -9.32 -20.35 -0.26
CA LEU A 144 -9.99 -20.28 -1.56
C LEU A 144 -9.17 -19.48 -2.57
N PHE A 145 -8.49 -18.42 -2.12
CA PHE A 145 -7.61 -17.69 -3.03
C PHE A 145 -6.38 -18.52 -3.41
N GLU A 146 -5.90 -19.36 -2.49
CA GLU A 146 -4.77 -20.23 -2.78
C GLU A 146 -5.18 -21.37 -3.71
N ALA A 147 -6.42 -21.84 -3.59
CA ALA A 147 -6.92 -22.88 -4.47
C ALA A 147 -7.42 -22.31 -5.80
N ALA A 148 -7.65 -21.00 -5.87
CA ALA A 148 -8.13 -20.38 -7.10
C ALA A 148 -6.97 -19.98 -8.00
N THR A 149 -6.05 -19.15 -7.49
CA THR A 149 -4.91 -18.69 -8.26
C THR A 149 -3.57 -19.13 -7.67
N GLY A 150 -3.46 -19.17 -6.33
CA GLY A 150 -2.25 -19.58 -5.66
C GLY A 150 -1.67 -18.55 -4.72
N MET A 151 -1.93 -17.27 -4.95
CA MET A 151 -1.48 -16.19 -4.08
C MET A 151 -2.56 -15.86 -3.06
N ARG A 152 -2.20 -14.98 -2.12
CA ARG A 152 -3.17 -14.51 -1.13
C ARG A 152 -4.02 -13.38 -1.71
N MET A 153 -3.38 -12.25 -2.04
CA MET A 153 -4.03 -11.15 -2.74
C MET A 153 -3.21 -10.58 -3.88
N MET A 154 -2.12 -11.21 -4.27
CA MET A 154 -1.25 -10.70 -5.32
C MET A 154 -1.30 -11.56 -6.58
N HIS A 155 -2.51 -11.98 -6.97
CA HIS A 155 -2.70 -12.86 -8.11
C HIS A 155 -2.35 -12.18 -9.42
N ASN A 156 -1.85 -12.97 -10.37
CA ASN A 156 -1.66 -12.57 -11.77
C ASN A 156 -2.24 -13.70 -12.62
N PHE A 157 -3.56 -13.70 -12.82
CA PHE A 157 -4.22 -14.82 -13.48
C PHE A 157 -5.35 -14.39 -14.41
N PHE A 158 -5.28 -13.18 -14.95
CA PHE A 158 -6.31 -12.66 -15.84
C PHE A 158 -5.74 -12.47 -17.24
N ARG A 159 -6.26 -13.24 -18.19
CA ARG A 159 -5.84 -13.19 -19.58
C ARG A 159 -6.99 -12.68 -20.45
N ILE A 160 -6.73 -12.60 -21.75
CA ILE A 160 -7.77 -12.16 -22.69
C ILE A 160 -8.84 -13.25 -22.85
N GLY A 161 -8.43 -14.51 -22.82
CA GLY A 161 -9.36 -15.61 -22.94
C GLY A 161 -9.96 -16.07 -21.64
N GLY A 162 -9.61 -15.46 -20.52
CA GLY A 162 -10.17 -15.85 -19.24
C GLY A 162 -9.13 -16.00 -18.15
N ILE A 163 -9.26 -17.04 -17.34
CA ILE A 163 -8.29 -17.32 -16.28
C ILE A 163 -7.04 -17.90 -16.93
N ALA A 164 -5.87 -17.51 -16.43
CA ALA A 164 -4.60 -18.04 -16.93
C ALA A 164 -4.45 -19.54 -16.68
N ALA A 165 -5.01 -20.04 -15.59
CA ALA A 165 -4.96 -21.47 -15.31
C ALA A 165 -6.37 -22.04 -15.28
N ASP A 166 -6.49 -23.31 -14.89
CA ASP A 166 -7.78 -23.94 -14.73
C ASP A 166 -8.06 -24.16 -13.25
N LEU A 167 -9.34 -24.31 -12.93
CA LEU A 167 -9.73 -24.60 -11.56
C LEU A 167 -9.39 -26.05 -11.22
N PRO A 168 -8.78 -26.29 -10.06
CA PRO A 168 -8.48 -27.65 -9.63
C PRO A 168 -9.74 -28.31 -9.08
N TYR A 169 -9.61 -29.61 -8.79
CA TYR A 169 -10.76 -30.39 -8.34
C TYR A 169 -11.05 -30.20 -6.86
N GLY A 170 -10.21 -29.49 -6.12
CA GLY A 170 -10.47 -29.21 -4.74
C GLY A 170 -11.14 -27.86 -4.53
N TRP A 171 -10.87 -26.92 -5.45
CA TRP A 171 -11.42 -25.58 -5.30
C TRP A 171 -12.93 -25.56 -5.55
N ILE A 172 -13.44 -26.40 -6.45
CA ILE A 172 -14.88 -26.43 -6.67
C ILE A 172 -15.60 -27.06 -5.46
N ASP A 173 -14.94 -27.99 -4.77
CA ASP A 173 -15.53 -28.58 -3.57
C ASP A 173 -15.50 -27.58 -2.41
N LYS A 174 -14.41 -26.83 -2.27
CA LYS A 174 -14.37 -25.78 -1.25
C LYS A 174 -15.31 -24.63 -1.58
N CYS A 175 -15.57 -24.38 -2.87
CA CYS A 175 -16.54 -23.37 -3.25
C CYS A 175 -17.96 -23.83 -2.94
N LEU A 176 -18.24 -25.13 -3.09
CA LEU A 176 -19.51 -25.68 -2.64
C LEU A 176 -19.65 -25.62 -1.12
N ASP A 177 -18.54 -25.78 -0.40
CA ASP A 177 -18.60 -25.76 1.06
C ASP A 177 -18.59 -24.36 1.64
N PHE A 178 -18.20 -23.35 0.85
CA PHE A 178 -18.08 -21.99 1.36
C PHE A 178 -19.44 -21.38 1.71
N CYS A 179 -20.52 -21.80 1.05
CA CYS A 179 -21.82 -21.20 1.30
C CYS A 179 -22.34 -21.52 2.69
N ASP A 180 -22.39 -22.81 3.05
CA ASP A 180 -22.76 -23.19 4.41
C ASP A 180 -21.59 -23.14 5.40
N TYR A 181 -20.40 -22.72 4.96
CA TYR A 181 -19.37 -22.29 5.90
C TYR A 181 -19.50 -20.81 6.27
N PHE A 182 -20.05 -19.99 5.39
CA PHE A 182 -19.94 -18.54 5.48
C PHE A 182 -21.25 -17.83 5.81
N LEU A 183 -22.37 -18.24 5.18
CA LEU A 183 -23.63 -17.53 5.36
C LEU A 183 -24.18 -17.66 6.76
N THR A 184 -23.88 -18.77 7.45
CA THR A 184 -24.36 -18.96 8.82
C THR A 184 -23.69 -17.98 9.78
N GLU A 185 -22.37 -17.81 9.67
CA GLU A 185 -21.70 -16.82 10.52
C GLU A 185 -22.02 -15.40 10.08
N VAL A 186 -22.38 -15.19 8.81
CA VAL A 186 -22.84 -13.87 8.37
C VAL A 186 -24.17 -13.52 9.05
N VAL A 187 -25.14 -14.43 9.01
CA VAL A 187 -26.42 -14.14 9.64
C VAL A 187 -26.34 -14.19 11.16
N GLU A 188 -25.32 -14.85 11.73
CA GLU A 188 -25.03 -14.68 13.15
C GLU A 188 -24.41 -13.31 13.41
N TYR A 189 -23.73 -12.73 12.43
CA TYR A 189 -23.22 -11.37 12.56
C TYR A 189 -24.22 -10.30 12.15
N GLN A 190 -25.34 -10.69 11.52
CA GLN A 190 -26.34 -9.69 11.13
C GLN A 190 -27.14 -9.19 12.33
N LYS A 191 -27.42 -10.08 13.28
CA LYS A 191 -28.31 -9.76 14.40
C LYS A 191 -27.63 -8.93 15.48
N LEU A 192 -26.34 -8.61 15.33
CA LEU A 192 -25.64 -7.83 16.35
C LEU A 192 -26.10 -6.38 16.37
N ILE A 193 -26.30 -5.77 15.19
CA ILE A 193 -26.75 -4.38 15.15
C ILE A 193 -28.20 -4.24 15.60
N THR A 194 -28.99 -5.30 15.51
CA THR A 194 -30.33 -5.28 16.09
C THR A 194 -30.25 -5.50 17.60
N ARG A 195 -29.30 -6.31 18.04
CA ARG A 195 -29.12 -6.52 19.47
C ARG A 195 -28.39 -5.34 20.12
N ASN A 196 -27.14 -5.09 19.71
CA ASN A 196 -26.23 -4.17 20.40
C ASN A 196 -26.62 -2.72 20.14
N PRO A 197 -27.04 -1.97 21.17
CA PRO A 197 -27.47 -0.59 20.96
C PRO A 197 -26.34 0.41 20.87
N ILE A 198 -25.09 -0.01 21.06
CA ILE A 198 -23.98 0.93 20.95
C ILE A 198 -23.69 1.23 19.49
N PHE A 199 -24.07 0.33 18.58
CA PHE A 199 -24.08 0.67 17.16
C PHE A 199 -25.33 1.45 16.80
N LEU A 200 -26.37 1.38 17.65
CA LEU A 200 -27.55 2.21 17.48
C LEU A 200 -27.38 3.59 18.09
N GLU A 201 -26.23 3.88 18.71
CA GLU A 201 -26.02 5.14 19.40
C GLU A 201 -24.66 5.77 19.14
N ARG A 202 -23.72 5.06 18.51
CA ARG A 202 -22.38 5.59 18.28
C ARG A 202 -22.05 5.79 16.81
N VAL A 203 -22.70 5.06 15.91
CA VAL A 203 -22.56 5.29 14.48
C VAL A 203 -23.89 5.71 13.84
N GLU A 204 -24.98 5.64 14.59
CA GLU A 204 -26.28 6.11 14.13
C GLU A 204 -26.28 7.62 13.92
N GLY A 205 -26.79 8.04 12.77
CA GLY A 205 -27.01 9.45 12.51
C GLY A 205 -26.22 10.05 11.37
N VAL A 206 -24.96 9.64 11.21
CA VAL A 206 -24.08 10.25 10.23
C VAL A 206 -24.40 9.71 8.83
N GLY A 207 -24.22 10.54 7.82
CA GLY A 207 -24.54 10.15 6.46
C GLY A 207 -25.83 10.75 5.94
N ILE A 208 -26.03 12.06 6.16
CA ILE A 208 -27.34 12.68 5.98
C ILE A 208 -27.65 13.06 4.54
N ILE A 209 -26.87 12.58 3.57
CA ILE A 209 -27.10 12.92 2.17
C ILE A 209 -28.24 12.05 1.61
N GLY A 210 -29.06 12.65 0.74
CA GLY A 210 -30.11 11.93 0.05
C GLY A 210 -29.71 11.53 -1.36
N GLY A 211 -30.70 11.04 -2.11
CA GLY A 211 -30.43 10.49 -3.43
C GLY A 211 -30.23 11.56 -4.49
N GLU A 212 -31.07 12.60 -4.48
CA GLU A 212 -30.96 13.69 -5.44
C GLU A 212 -29.70 14.53 -5.25
N GLU A 213 -29.05 14.40 -4.09
CA GLU A 213 -27.78 15.07 -3.82
C GLU A 213 -26.58 14.16 -4.06
N ALA A 214 -26.73 12.85 -3.81
CA ALA A 214 -25.65 11.91 -4.10
C ALA A 214 -25.48 11.70 -5.60
N ILE A 215 -26.57 11.80 -6.35
CA ILE A 215 -26.46 11.89 -7.81
C ILE A 215 -25.83 13.22 -8.20
N ASN A 216 -26.11 14.28 -7.42
CA ASN A 216 -25.69 15.62 -7.80
C ASN A 216 -24.18 15.82 -7.66
N TRP A 217 -23.57 15.32 -6.58
CA TRP A 217 -22.15 15.61 -6.42
C TRP A 217 -21.26 14.71 -7.25
N GLY A 218 -20.99 13.50 -6.77
CA GLY A 218 -20.20 12.55 -7.53
C GLY A 218 -20.41 11.09 -7.16
N LEU A 219 -21.37 10.83 -6.27
CA LEU A 219 -21.28 9.62 -5.47
C LEU A 219 -21.76 8.38 -6.23
N SER A 220 -21.29 7.23 -5.74
CA SER A 220 -21.58 5.93 -6.31
C SER A 220 -21.27 4.89 -5.24
N GLY A 221 -21.81 3.69 -5.44
CA GLY A 221 -21.56 2.59 -4.54
C GLY A 221 -22.47 2.60 -3.32
N PRO A 222 -21.89 2.39 -2.13
CA PRO A 222 -22.71 2.38 -0.91
C PRO A 222 -23.32 3.72 -0.57
N MET A 223 -22.64 4.82 -0.89
CA MET A 223 -23.19 6.15 -0.61
C MET A 223 -24.33 6.51 -1.55
N LEU A 224 -24.39 5.87 -2.72
CA LEU A 224 -25.52 6.10 -3.61
C LEU A 224 -26.66 5.14 -3.33
N ARG A 225 -26.32 3.91 -2.91
CA ARG A 225 -27.38 2.91 -2.57
C ARG A 225 -27.95 3.21 -1.18
N ALA A 226 -27.27 4.04 -0.39
CA ALA A 226 -27.71 4.32 0.97
C ALA A 226 -29.04 5.06 1.02
N SER A 227 -29.45 5.69 -0.07
CA SER A 227 -30.65 6.52 -0.10
C SER A 227 -31.86 5.78 -0.67
N GLY A 228 -31.74 4.49 -0.94
CA GLY A 228 -32.85 3.76 -1.53
C GLY A 228 -32.92 3.84 -3.04
N ILE A 229 -31.78 3.87 -3.72
CA ILE A 229 -31.71 3.88 -5.17
C ILE A 229 -31.19 2.51 -5.62
N PRO A 230 -31.95 1.74 -6.38
CA PRO A 230 -31.39 0.49 -6.94
C PRO A 230 -30.44 0.77 -8.11
N TRP A 231 -29.22 1.20 -7.80
CA TRP A 231 -28.24 1.58 -8.81
C TRP A 231 -27.27 0.43 -9.04
N ASP A 232 -27.00 0.15 -10.31
CA ASP A 232 -26.04 -0.90 -10.68
C ASP A 232 -25.60 -0.63 -12.12
N LEU A 233 -24.29 -0.63 -12.35
CA LEU A 233 -23.78 -0.53 -13.71
C LEU A 233 -24.07 -1.80 -14.50
N ARG A 234 -23.83 -2.96 -13.88
CA ARG A 234 -23.94 -4.24 -14.58
C ARG A 234 -25.39 -4.69 -14.74
N LYS A 235 -26.36 -3.97 -14.17
CA LYS A 235 -27.76 -4.16 -14.48
C LYS A 235 -28.22 -3.26 -15.62
N ILE A 236 -27.78 -2.00 -15.61
CA ILE A 236 -28.08 -1.08 -16.71
C ILE A 236 -27.32 -1.51 -17.97
N ASP A 237 -26.01 -1.67 -17.87
CA ASP A 237 -25.22 -2.21 -18.96
C ASP A 237 -25.28 -3.73 -18.89
N ARG A 238 -25.74 -4.36 -19.97
CA ARG A 238 -25.88 -5.82 -20.01
C ARG A 238 -24.50 -6.45 -20.05
N TYR A 239 -24.04 -6.93 -18.90
CA TYR A 239 -22.66 -7.35 -18.74
C TYR A 239 -22.61 -8.64 -17.92
N GLU A 240 -21.97 -9.66 -18.50
CA GLU A 240 -21.72 -10.97 -17.88
C GLU A 240 -23.01 -11.70 -17.46
N SER A 241 -24.10 -11.44 -18.21
CA SER A 241 -25.42 -12.06 -18.01
C SER A 241 -25.92 -11.88 -16.58
N TYR A 242 -26.01 -10.62 -16.15
CA TYR A 242 -26.39 -10.33 -14.77
C TYR A 242 -27.88 -10.56 -14.55
N ASP A 243 -28.68 -10.50 -15.61
CA ASP A 243 -30.13 -10.71 -15.48
C ASP A 243 -30.51 -12.19 -15.45
N GLU A 244 -29.53 -13.10 -15.61
CA GLU A 244 -29.82 -14.51 -15.39
C GLU A 244 -29.81 -14.84 -13.90
N PHE A 245 -28.87 -14.27 -13.16
CA PHE A 245 -28.66 -14.61 -11.76
C PHE A 245 -29.67 -13.88 -10.88
N GLU A 246 -29.72 -14.30 -9.62
CA GLU A 246 -30.54 -13.60 -8.64
C GLU A 246 -29.88 -12.27 -8.27
N TRP A 247 -30.67 -11.20 -8.31
CA TRP A 247 -30.18 -9.88 -7.94
C TRP A 247 -31.13 -9.26 -6.94
N GLU A 248 -30.57 -8.55 -5.97
CA GLU A 248 -31.35 -7.66 -5.12
C GLU A 248 -30.43 -6.50 -4.73
N ILE A 249 -30.46 -5.45 -5.53
CA ILE A 249 -29.67 -4.26 -5.24
C ILE A 249 -30.39 -3.47 -4.16
N GLN A 250 -29.63 -2.99 -3.16
CA GLN A 250 -30.15 -2.44 -1.92
C GLN A 250 -30.93 -1.15 -2.18
N TRP A 251 -32.24 -1.25 -2.13
CA TRP A 251 -33.10 -0.06 -2.11
C TRP A 251 -33.46 0.33 -0.68
N GLN A 252 -32.44 0.44 0.16
CA GLN A 252 -32.62 0.80 1.56
C GLN A 252 -32.51 2.32 1.68
N LYS A 253 -33.58 2.96 2.14
CA LYS A 253 -33.71 4.40 2.10
C LYS A 253 -33.62 5.03 3.49
N GLN A 254 -32.89 4.39 4.40
CA GLN A 254 -32.73 4.97 5.73
C GLN A 254 -31.58 5.97 5.80
N GLY A 255 -30.78 6.09 4.75
CA GLY A 255 -29.81 7.17 4.64
C GLY A 255 -28.52 7.10 5.43
N ASP A 256 -28.61 6.75 6.71
CA ASP A 256 -27.50 6.92 7.65
C ASP A 256 -26.44 5.82 7.48
N SER A 257 -25.54 5.72 8.47
CA SER A 257 -24.45 4.76 8.38
C SER A 257 -24.92 3.33 8.61
N LEU A 258 -25.94 3.13 9.44
CA LEU A 258 -26.51 1.79 9.57
C LEU A 258 -27.28 1.39 8.32
N ALA A 259 -27.82 2.36 7.59
CA ALA A 259 -28.34 2.07 6.26
C ALA A 259 -27.25 1.61 5.33
N ARG A 260 -26.04 2.20 5.44
CA ARG A 260 -24.91 1.72 4.66
C ARG A 260 -24.45 0.33 5.11
N TYR A 261 -24.61 0.02 6.40
CA TYR A 261 -24.24 -1.31 6.85
C TYR A 261 -25.23 -2.37 6.37
N LEU A 262 -26.51 -2.01 6.32
CA LEU A 262 -27.50 -2.91 5.70
C LEU A 262 -27.30 -3.01 4.19
N VAL A 263 -26.85 -1.92 3.55
CA VAL A 263 -26.43 -1.96 2.15
C VAL A 263 -25.31 -2.96 1.93
N ARG A 264 -24.30 -2.94 2.81
CA ARG A 264 -23.17 -3.84 2.61
C ARG A 264 -23.51 -5.28 2.96
N LEU A 265 -24.36 -5.51 3.97
CA LEU A 265 -24.87 -6.85 4.26
C LEU A 265 -25.70 -7.38 3.09
N SER A 266 -26.52 -6.52 2.49
CA SER A 266 -27.34 -6.95 1.36
C SER A 266 -26.50 -7.18 0.11
N GLU A 267 -25.41 -6.42 -0.08
CA GLU A 267 -24.52 -6.66 -1.21
C GLU A 267 -23.74 -7.96 -1.04
N MET A 268 -23.29 -8.25 0.19
CA MET A 268 -22.64 -9.53 0.45
C MET A 268 -23.61 -10.69 0.28
N THR A 269 -24.86 -10.52 0.73
CA THR A 269 -25.85 -11.60 0.58
C THR A 269 -26.27 -11.76 -0.88
N GLU A 270 -26.30 -10.67 -1.64
CA GLU A 270 -26.61 -10.74 -3.07
C GLU A 270 -25.49 -11.45 -3.83
N SER A 271 -24.24 -11.17 -3.47
CA SER A 271 -23.12 -11.91 -4.05
C SER A 271 -23.13 -13.38 -3.63
N ILE A 272 -23.55 -13.67 -2.40
CA ILE A 272 -23.73 -15.06 -1.96
C ILE A 272 -24.78 -15.75 -2.80
N LYS A 273 -25.89 -15.06 -3.11
CA LYS A 273 -26.93 -15.63 -3.96
C LYS A 273 -26.45 -15.85 -5.39
N ILE A 274 -25.62 -14.92 -5.91
CA ILE A 274 -25.08 -15.06 -7.26
C ILE A 274 -24.12 -16.25 -7.32
N ILE A 275 -23.24 -16.39 -6.33
CA ILE A 275 -22.29 -17.51 -6.30
C ILE A 275 -23.03 -18.82 -6.06
N GLN A 276 -24.06 -18.81 -5.21
CA GLN A 276 -24.81 -20.03 -4.90
C GLN A 276 -25.63 -20.50 -6.08
N GLN A 277 -26.15 -19.58 -6.89
CA GLN A 277 -26.78 -19.98 -8.14
C GLN A 277 -25.74 -20.39 -9.17
N ALA A 278 -24.52 -19.84 -9.07
CA ALA A 278 -23.43 -20.20 -9.98
C ALA A 278 -22.56 -21.33 -9.45
N LEU A 279 -22.96 -22.00 -8.36
CA LEU A 279 -22.24 -23.19 -7.92
C LEU A 279 -22.39 -24.34 -8.90
N GLU A 280 -23.60 -24.58 -9.40
CA GLU A 280 -23.89 -25.69 -10.28
C GLU A 280 -24.24 -25.25 -11.69
N GLY A 281 -23.84 -24.04 -12.10
CA GLY A 281 -24.16 -23.58 -13.43
C GLY A 281 -23.42 -24.33 -14.51
N LEU A 282 -22.10 -24.07 -14.62
CA LEU A 282 -21.13 -24.72 -15.51
C LEU A 282 -21.65 -24.89 -16.95
N PRO A 283 -21.71 -23.82 -17.76
CA PRO A 283 -22.28 -23.88 -19.10
C PRO A 283 -21.47 -24.74 -20.07
N TYR A 308 -14.85 -22.83 -23.72
CA TYR A 308 -14.98 -23.12 -22.29
C TYR A 308 -13.62 -23.50 -21.72
N ARG A 309 -12.57 -23.20 -22.48
CA ARG A 309 -11.21 -23.54 -22.09
C ARG A 309 -10.63 -22.40 -21.24
N PHE A 310 -9.32 -22.47 -20.98
CA PHE A 310 -8.68 -21.47 -20.14
C PHE A 310 -8.52 -20.15 -20.87
N ILE A 311 -7.77 -20.15 -21.97
CA ILE A 311 -7.51 -18.93 -22.74
C ILE A 311 -7.93 -19.20 -24.18
N SER A 312 -8.96 -18.48 -24.63
CA SER A 312 -9.28 -18.46 -26.05
C SER A 312 -8.42 -17.41 -26.75
N LYS A 313 -8.07 -17.71 -28.00
CA LYS A 313 -7.25 -16.86 -28.88
C LYS A 313 -5.88 -16.59 -28.23
N LYS A 314 -5.09 -17.67 -28.16
CA LYS A 314 -3.67 -17.58 -27.82
C LYS A 314 -2.85 -18.26 -28.91
N PRO A 315 -2.58 -17.56 -30.04
CA PRO A 315 -1.60 -18.09 -31.00
C PRO A 315 -0.17 -17.77 -30.60
N SER A 316 0.02 -16.60 -30.01
CA SER A 316 1.34 -16.01 -29.78
C SER A 316 1.39 -15.41 -28.38
N PRO A 317 2.55 -15.38 -27.75
CA PRO A 317 2.63 -14.78 -26.41
C PRO A 317 2.48 -13.27 -26.41
N THR A 318 2.93 -12.59 -27.45
CA THR A 318 2.95 -11.13 -27.49
C THR A 318 1.91 -10.59 -28.48
N PHE A 319 1.27 -9.49 -28.11
CA PHE A 319 0.34 -8.79 -28.98
C PHE A 319 0.50 -7.29 -28.78
N GLU A 320 -0.38 -6.52 -29.41
CA GLU A 320 -0.42 -5.07 -29.25
C GLU A 320 -1.84 -4.61 -28.96
N LEU A 321 -2.07 -3.30 -29.01
CA LEU A 321 -3.40 -2.72 -28.81
C LEU A 321 -3.71 -1.77 -29.96
N SER A 322 -4.98 -1.39 -30.06
CA SER A 322 -5.42 -0.50 -31.12
C SER A 322 -5.49 0.95 -30.62
N LYS A 323 -6.06 1.83 -31.45
CA LYS A 323 -6.32 3.22 -31.11
C LYS A 323 -7.80 3.50 -31.27
N GLN A 324 -8.52 3.53 -30.15
CA GLN A 324 -9.94 3.87 -30.13
C GLN A 324 -10.16 4.92 -29.05
N GLU A 325 -11.43 5.34 -28.91
CA GLU A 325 -11.84 6.21 -27.81
C GLU A 325 -12.73 5.37 -26.90
N LEU A 326 -12.09 4.64 -26.00
CA LEU A 326 -12.76 3.62 -25.19
C LEU A 326 -12.57 3.91 -23.71
N TYR A 327 -13.68 4.17 -23.03
CA TYR A 327 -13.72 4.27 -21.57
C TYR A 327 -14.52 3.08 -21.06
N VAL A 328 -13.85 2.14 -20.41
CA VAL A 328 -14.49 0.94 -19.88
C VAL A 328 -14.64 1.10 -18.37
N ARG A 329 -15.80 0.67 -17.87
CA ARG A 329 -16.09 0.76 -16.42
C ARG A 329 -16.71 -0.55 -15.95
N VAL A 330 -16.55 -0.88 -14.67
CA VAL A 330 -17.11 -2.08 -14.06
C VAL A 330 -17.69 -1.68 -12.70
N GLU A 331 -18.64 -2.48 -12.22
CA GLU A 331 -19.29 -2.21 -10.94
C GLU A 331 -18.30 -2.51 -9.82
N ALA A 332 -17.72 -1.44 -9.27
CA ALA A 332 -16.80 -1.54 -8.16
C ALA A 332 -17.58 -1.82 -6.87
N PRO A 333 -16.93 -2.34 -5.83
CA PRO A 333 -17.58 -2.36 -4.50
C PRO A 333 -17.74 -0.99 -3.88
N LYS A 334 -17.04 0.02 -4.40
CA LYS A 334 -17.19 1.39 -3.94
C LYS A 334 -17.87 2.28 -4.97
N GLY A 335 -18.07 1.79 -6.19
CA GLY A 335 -18.92 2.44 -7.17
C GLY A 335 -18.27 3.01 -8.41
N GLU A 336 -18.32 2.25 -9.51
CA GLU A 336 -17.86 2.63 -10.84
C GLU A 336 -16.36 2.95 -10.86
N LEU A 337 -15.58 1.90 -10.68
CA LEU A 337 -14.18 1.95 -11.09
C LEU A 337 -14.11 2.10 -12.61
N GLY A 338 -13.20 2.95 -13.08
CA GLY A 338 -13.14 3.26 -14.49
C GLY A 338 -11.74 3.32 -15.08
N ILE A 339 -11.62 2.89 -16.34
CA ILE A 339 -10.35 2.92 -17.07
C ILE A 339 -10.56 3.74 -18.33
N PHE A 340 -9.79 4.82 -18.47
CA PHE A 340 -9.80 5.64 -19.67
C PHE A 340 -8.61 5.28 -20.54
N LEU A 341 -8.84 5.14 -21.85
CA LEU A 341 -7.81 4.67 -22.75
C LEU A 341 -7.89 5.40 -24.09
N ILE A 342 -6.78 6.04 -24.47
CA ILE A 342 -6.56 6.52 -25.83
C ILE A 342 -5.35 5.80 -26.37
N GLY A 343 -5.56 5.02 -27.43
CA GLY A 343 -4.54 4.11 -27.89
C GLY A 343 -3.41 4.78 -28.64
N ASP A 344 -2.40 3.97 -28.95
CA ASP A 344 -1.24 4.41 -29.71
C ASP A 344 -0.98 3.53 -30.91
N GLN A 345 -1.66 2.38 -31.04
CA GLN A 345 -1.35 1.30 -32.00
C GLN A 345 0.12 0.89 -31.88
N SER A 346 0.57 0.71 -30.64
CA SER A 346 1.95 0.40 -30.33
C SER A 346 1.96 -0.62 -29.21
N GLY A 347 3.14 -0.85 -28.62
CA GLY A 347 3.23 -1.70 -27.45
C GLY A 347 2.86 -1.00 -26.15
N PHE A 348 2.89 0.34 -26.14
CA PHE A 348 2.55 1.13 -24.97
C PHE A 348 1.23 1.86 -25.20
N PRO A 349 0.42 2.04 -24.17
CA PRO A 349 -0.78 2.88 -24.32
C PRO A 349 -0.42 4.36 -24.30
N TRP A 350 -1.04 5.12 -25.20
CA TRP A 350 -0.73 6.54 -25.30
C TRP A 350 -1.33 7.32 -24.14
N ARG A 351 -2.46 6.87 -23.61
CA ARG A 351 -3.08 7.48 -22.46
C ARG A 351 -3.71 6.40 -21.59
N TRP A 352 -3.43 6.45 -20.29
CA TRP A 352 -3.95 5.46 -19.33
C TRP A 352 -4.35 6.21 -18.07
N LYS A 353 -5.61 6.61 -17.98
CA LYS A 353 -6.13 7.30 -16.80
C LYS A 353 -7.16 6.42 -16.13
N ILE A 354 -7.10 6.35 -14.80
CA ILE A 354 -7.99 5.51 -14.00
C ILE A 354 -8.93 6.44 -13.25
N ARG A 355 -10.23 6.09 -13.25
CA ARG A 355 -11.21 6.74 -12.37
C ARG A 355 -11.48 5.80 -11.22
N PRO A 356 -10.87 5.98 -10.06
CA PRO A 356 -11.15 5.12 -8.92
C PRO A 356 -12.47 5.50 -8.27
N PRO A 357 -13.20 4.52 -7.72
CA PRO A 357 -14.51 4.81 -7.11
C PRO A 357 -14.42 5.63 -5.83
N GLY A 358 -13.56 5.19 -4.91
CA GLY A 358 -13.51 5.79 -3.59
C GLY A 358 -12.89 7.16 -3.56
N PHE A 359 -12.07 7.53 -4.55
CA PHE A 359 -11.50 8.87 -4.57
C PHE A 359 -12.53 9.90 -4.99
N ILE A 360 -13.44 9.53 -5.90
CA ILE A 360 -14.59 10.38 -6.16
C ILE A 360 -15.53 10.36 -4.96
N ASN A 361 -15.53 9.25 -4.22
CA ASN A 361 -16.37 9.17 -2.99
C ASN A 361 -15.78 10.07 -1.90
N LEU A 362 -14.48 10.35 -1.94
CA LEU A 362 -13.84 11.15 -0.89
C LEU A 362 -14.25 12.62 -0.94
N GLN A 363 -14.95 13.05 -1.99
CA GLN A 363 -15.26 14.47 -2.14
C GLN A 363 -16.38 14.90 -1.20
N ILE A 364 -17.16 13.92 -0.71
CA ILE A 364 -18.35 14.25 0.13
C ILE A 364 -17.96 14.56 1.58
N LEU A 365 -16.80 14.13 2.07
CA LEU A 365 -16.51 14.43 3.51
C LEU A 365 -16.45 15.93 3.78
N PRO A 366 -15.85 16.81 2.93
CA PRO A 366 -15.91 18.26 3.15
C PRO A 366 -17.35 18.74 3.41
N GLU A 367 -18.35 18.01 2.91
CA GLU A 367 -19.74 18.39 3.15
C GLU A 367 -20.34 17.58 4.30
N LEU A 368 -19.79 16.38 4.56
CA LEU A 368 -20.16 15.56 5.70
C LEU A 368 -19.22 15.76 6.88
N VAL A 369 -18.69 16.97 7.06
CA VAL A 369 -17.87 17.30 8.20
C VAL A 369 -18.46 18.44 9.03
N LYS A 370 -19.59 19.01 8.61
CA LYS A 370 -19.99 20.34 9.07
C LYS A 370 -20.47 20.36 10.52
N ARG A 371 -21.12 19.31 11.00
CA ARG A 371 -21.73 19.33 12.33
C ARG A 371 -21.47 18.04 13.08
N MET A 372 -20.22 17.57 13.07
CA MET A 372 -19.84 16.34 13.76
C MET A 372 -18.66 16.59 14.71
N LYS A 373 -18.09 15.51 15.23
CA LYS A 373 -17.16 15.58 16.34
C LYS A 373 -15.89 14.81 15.96
N LEU A 374 -14.83 14.97 16.78
CA LEU A 374 -13.63 14.14 16.65
C LEU A 374 -13.93 12.67 16.91
N ALA A 375 -14.92 12.36 17.74
CA ALA A 375 -15.38 10.99 17.90
C ALA A 375 -16.27 10.52 16.76
N ASP A 376 -16.60 11.42 15.82
CA ASP A 376 -17.43 11.07 14.68
C ASP A 376 -16.62 10.84 13.40
N ILE A 377 -15.44 11.43 13.28
CA ILE A 377 -14.67 11.34 12.04
C ILE A 377 -14.07 9.96 11.85
N MET A 378 -13.90 9.18 12.92
CA MET A 378 -13.53 7.77 12.77
C MET A 378 -14.65 7.00 12.07
N THR A 379 -15.90 7.23 12.49
CA THR A 379 -17.04 6.63 11.83
C THR A 379 -17.19 7.14 10.39
N ILE A 380 -16.83 8.41 10.15
CA ILE A 380 -16.90 8.96 8.80
C ILE A 380 -15.89 8.27 7.89
N LEU A 381 -14.62 8.24 8.27
CA LEU A 381 -13.60 7.61 7.43
C LEU A 381 -13.72 6.09 7.40
N GLY A 382 -14.51 5.51 8.30
CA GLY A 382 -14.91 4.12 8.11
C GLY A 382 -16.01 3.98 7.08
N SER A 383 -17.06 4.80 7.18
CA SER A 383 -18.21 4.67 6.29
C SER A 383 -17.95 5.18 4.88
N ILE A 384 -16.85 5.89 4.63
CA ILE A 384 -16.44 6.16 3.25
C ILE A 384 -16.00 4.85 2.58
N ASP A 385 -15.42 3.93 3.35
CA ASP A 385 -14.89 2.63 2.90
C ASP A 385 -13.82 2.85 1.81
N ILE A 386 -12.70 3.42 2.26
CA ILE A 386 -11.63 3.83 1.37
C ILE A 386 -10.30 3.34 1.93
N ILE A 387 -9.40 2.92 1.04
CA ILE A 387 -7.98 2.77 1.34
C ILE A 387 -7.22 3.68 0.38
N MET A 388 -6.03 4.12 0.79
CA MET A 388 -5.26 5.12 0.07
C MET A 388 -4.45 4.54 -1.10
N GLY A 389 -4.75 3.31 -1.54
CA GLY A 389 -4.03 2.75 -2.67
C GLY A 389 -4.51 3.31 -4.01
N GLU A 390 -5.82 3.46 -4.18
CA GLU A 390 -6.39 4.04 -5.38
C GLU A 390 -6.58 5.55 -5.26
N VAL A 391 -6.27 6.13 -4.10
CA VAL A 391 -6.48 7.57 -3.90
C VAL A 391 -5.38 8.36 -4.59
N ASP A 392 -4.14 8.15 -4.16
CA ASP A 392 -3.02 8.93 -4.67
C ASP A 392 -2.52 8.35 -6.00
N ARG A 393 -2.21 7.05 -5.99
CA ARG A 393 -1.82 6.19 -7.14
C ARG A 393 -0.85 6.82 -8.14
N THR B 6 -40.86 11.16 32.89
CA THR B 6 -40.27 9.83 32.99
C THR B 6 -39.11 9.67 31.99
N GLY B 7 -38.26 10.69 31.91
CA GLY B 7 -37.11 10.62 31.02
C GLY B 7 -36.02 9.72 31.54
N PHE B 8 -35.81 9.73 32.87
CA PHE B 8 -34.87 8.80 33.47
C PHE B 8 -35.36 7.36 33.40
N MET B 9 -36.69 7.18 33.38
CA MET B 9 -37.25 5.86 33.10
C MET B 9 -36.91 5.43 31.68
N ASN B 10 -36.87 6.38 30.74
CA ASN B 10 -36.51 6.03 29.36
C ASN B 10 -35.01 5.74 29.26
N TYR B 11 -34.19 6.43 30.07
CA TYR B 11 -32.78 6.09 30.20
C TYR B 11 -32.61 4.67 30.75
N GLY B 12 -33.42 4.31 31.74
CA GLY B 12 -33.37 2.97 32.29
C GLY B 12 -33.80 1.91 31.30
N GLN B 13 -34.80 2.22 30.47
CA GLN B 13 -35.23 1.28 29.43
C GLN B 13 -34.18 1.12 28.33
N GLN B 14 -33.50 2.23 27.98
CA GLN B 14 -32.37 2.15 27.06
C GLN B 14 -31.25 1.28 27.62
N THR B 15 -30.98 1.40 28.92
CA THR B 15 -29.96 0.53 29.51
C THR B 15 -30.43 -0.90 29.72
N LEU B 16 -31.75 -1.14 29.81
CA LEU B 16 -32.25 -2.52 29.82
C LEU B 16 -32.04 -3.20 28.47
N ARG B 17 -32.36 -2.49 27.38
CA ARG B 17 -32.04 -2.99 26.04
C ARG B 17 -30.53 -3.12 25.84
N ALA B 18 -29.76 -2.21 26.43
CA ALA B 18 -28.31 -2.27 26.35
C ALA B 18 -27.76 -3.49 27.09
N ALA B 19 -28.32 -3.80 28.26
CA ALA B 19 -27.85 -4.95 29.03
C ALA B 19 -28.26 -6.25 28.37
N ARG B 20 -29.44 -6.30 27.74
CA ARG B 20 -29.83 -7.46 26.94
C ARG B 20 -28.88 -7.66 25.76
N TYR B 21 -28.49 -6.57 25.10
CA TYR B 21 -27.57 -6.68 23.97
C TYR B 21 -26.16 -7.04 24.42
N ILE B 22 -25.71 -6.54 25.57
CA ILE B 22 -24.40 -6.88 26.09
C ILE B 22 -24.36 -8.36 26.52
N GLY B 23 -25.45 -8.85 27.12
CA GLY B 23 -25.52 -10.27 27.45
C GLY B 23 -25.54 -11.18 26.23
N GLN B 24 -26.31 -10.82 25.19
CA GLN B 24 -26.35 -11.61 23.98
C GLN B 24 -25.02 -11.58 23.23
N GLY B 25 -24.42 -10.39 23.10
CA GLY B 25 -23.11 -10.29 22.48
C GLY B 25 -22.01 -10.92 23.31
N PHE B 26 -22.19 -10.99 24.63
CA PHE B 26 -21.25 -11.70 25.48
C PHE B 26 -21.35 -13.20 25.27
N MET B 27 -22.57 -13.73 25.09
CA MET B 27 -22.73 -15.13 24.70
C MET B 27 -22.09 -15.41 23.34
N ILE B 28 -22.28 -14.47 22.40
CA ILE B 28 -21.68 -14.61 21.05
C ILE B 28 -20.16 -14.62 21.13
N THR B 29 -19.57 -13.69 21.89
CA THR B 29 -18.12 -13.65 22.00
C THR B 29 -17.54 -14.79 22.82
N LEU B 30 -18.31 -15.29 23.80
CA LEU B 30 -17.89 -16.46 24.62
C LEU B 30 -17.85 -17.67 23.69
N SER B 31 -18.82 -17.77 22.78
CA SER B 31 -18.78 -18.83 21.77
C SER B 31 -17.66 -18.59 20.76
N HIS B 32 -17.30 -17.32 20.53
CA HIS B 32 -16.22 -17.01 19.61
C HIS B 32 -14.85 -17.35 20.21
N THR B 33 -14.76 -17.39 21.54
CA THR B 33 -13.51 -17.79 22.19
C THR B 33 -13.29 -19.30 22.18
N ASN B 34 -14.21 -20.09 21.62
CA ASN B 34 -14.06 -21.53 21.56
C ASN B 34 -13.37 -21.98 20.27
N ARG B 35 -12.67 -21.07 19.57
CA ARG B 35 -11.94 -21.42 18.34
C ARG B 35 -10.58 -21.99 18.74
N LEU B 36 -10.63 -23.21 19.27
CA LEU B 36 -9.46 -23.97 19.69
C LEU B 36 -8.70 -24.77 18.63
N PRO B 37 -9.35 -25.51 17.68
CA PRO B 37 -8.53 -26.42 16.84
C PRO B 37 -7.60 -25.74 15.83
N VAL B 38 -7.94 -24.55 15.33
CA VAL B 38 -7.20 -24.04 14.17
C VAL B 38 -5.86 -23.45 14.60
N THR B 39 -5.90 -22.32 15.33
CA THR B 39 -4.77 -21.62 15.94
C THR B 39 -3.50 -21.48 15.09
N ILE B 40 -3.58 -20.72 13.99
CA ILE B 40 -2.41 -20.55 13.14
C ILE B 40 -1.36 -19.70 13.84
N GLN B 41 -0.11 -20.13 13.72
CA GLN B 41 1.02 -19.52 14.41
C GLN B 41 2.31 -19.90 13.68
N TYR B 42 3.43 -19.71 14.35
CA TYR B 42 4.72 -20.09 13.78
C TYR B 42 4.88 -21.62 13.79
N PRO B 43 5.67 -22.17 12.86
CA PRO B 43 5.94 -23.62 12.91
C PRO B 43 6.91 -24.02 14.00
N TYR B 44 7.64 -23.07 14.58
CA TYR B 44 8.69 -23.28 15.60
C TYR B 44 9.76 -24.27 15.15
N THR B 49 -0.27 -25.24 1.32
CA THR B 49 -0.27 -24.51 0.06
C THR B 49 -0.16 -25.46 -1.12
N SER B 50 -0.36 -24.93 -2.33
CA SER B 50 -0.28 -25.70 -3.56
C SER B 50 0.97 -25.29 -4.32
N GLU B 51 1.10 -25.79 -5.55
CA GLU B 51 2.31 -25.58 -6.34
C GLU B 51 2.45 -24.13 -6.82
N ARG B 52 1.35 -23.38 -6.89
CA ARG B 52 1.40 -22.00 -7.45
C ARG B 52 1.64 -20.96 -6.35
N PHE B 53 2.53 -21.24 -5.40
CA PHE B 53 2.80 -20.31 -4.31
C PHE B 53 3.45 -19.03 -4.81
N ARG B 54 4.21 -19.13 -5.91
CA ARG B 54 4.97 -18.04 -6.54
C ARG B 54 5.90 -17.37 -5.51
N GLY B 55 6.58 -18.19 -4.73
CA GLY B 55 7.57 -17.70 -3.81
C GLY B 55 8.92 -17.62 -4.47
N ARG B 56 9.89 -18.37 -3.94
CA ARG B 56 11.22 -18.39 -4.52
C ARG B 56 11.21 -19.11 -5.86
N ILE B 57 11.84 -18.49 -6.85
CA ILE B 57 11.77 -18.96 -8.23
C ILE B 57 12.94 -19.90 -8.48
N HIS B 58 12.62 -21.12 -8.90
CA HIS B 58 13.64 -22.12 -9.22
C HIS B 58 14.15 -21.88 -10.64
N PHE B 59 15.47 -21.95 -10.81
CA PHE B 59 16.09 -21.65 -12.08
C PHE B 59 17.09 -22.74 -12.45
N GLU B 60 17.16 -23.05 -13.74
CA GLU B 60 18.08 -24.05 -14.28
C GLU B 60 18.96 -23.37 -15.33
N PHE B 61 20.26 -23.65 -15.28
CA PHE B 61 21.23 -22.90 -16.06
C PHE B 61 21.43 -23.45 -17.48
N ASP B 62 21.60 -24.77 -17.61
CA ASP B 62 21.82 -25.35 -18.93
C ASP B 62 20.54 -25.43 -19.76
N LYS B 63 19.38 -25.41 -19.12
CA LYS B 63 18.12 -25.35 -19.86
C LYS B 63 17.83 -23.91 -20.30
N CYS B 64 18.41 -22.93 -19.61
CA CYS B 64 18.41 -21.55 -20.06
C CYS B 64 19.34 -21.37 -21.25
N ILE B 65 18.77 -20.99 -22.40
CA ILE B 65 19.58 -20.93 -23.62
C ILE B 65 19.56 -19.57 -24.33
N ALA B 66 18.38 -19.11 -24.80
CA ALA B 66 18.35 -17.88 -25.62
C ALA B 66 16.97 -17.21 -25.68
N CYS B 67 16.86 -16.09 -26.40
CA CYS B 67 15.57 -15.33 -26.60
C CYS B 67 15.31 -14.33 -25.46
N GLU B 68 16.09 -14.24 -24.42
CA GLU B 68 16.04 -13.22 -23.35
C GLU B 68 14.64 -12.64 -23.10
N VAL B 69 13.69 -13.39 -22.72
CA VAL B 69 12.32 -12.81 -22.52
C VAL B 69 12.16 -12.40 -21.06
N CYS B 70 12.96 -12.96 -20.16
CA CYS B 70 12.90 -12.60 -18.71
C CYS B 70 13.20 -11.11 -18.57
N VAL B 71 14.12 -10.58 -19.38
CA VAL B 71 14.46 -9.17 -19.33
C VAL B 71 13.43 -8.32 -20.08
N ARG B 72 12.57 -8.94 -20.89
CA ARG B 72 11.61 -8.20 -21.70
C ARG B 72 10.22 -8.10 -21.10
N VAL B 73 9.65 -9.23 -20.65
CA VAL B 73 8.29 -9.24 -20.10
C VAL B 73 8.25 -8.73 -18.67
N CYS B 74 9.42 -8.50 -18.06
CA CYS B 74 9.48 -8.01 -16.69
C CYS B 74 8.93 -6.59 -16.59
N PRO B 75 8.16 -6.28 -15.54
CA PRO B 75 7.66 -4.92 -15.36
C PRO B 75 8.73 -3.88 -15.08
N ILE B 76 9.94 -4.29 -14.70
CA ILE B 76 11.01 -3.36 -14.39
C ILE B 76 12.28 -3.68 -15.18
N ASP B 77 12.30 -4.82 -15.88
CA ASP B 77 13.47 -5.24 -16.72
C ASP B 77 14.72 -5.48 -15.85
N LEU B 78 14.55 -6.11 -14.68
CA LEU B 78 15.69 -6.33 -13.73
C LEU B 78 16.81 -7.28 -14.20
N PRO B 79 16.57 -8.45 -14.86
CA PRO B 79 17.65 -9.41 -15.18
C PRO B 79 18.90 -8.85 -15.88
N VAL B 80 20.10 -9.25 -15.42
CA VAL B 80 21.32 -8.79 -16.06
C VAL B 80 22.13 -10.02 -16.43
N VAL B 81 22.09 -10.41 -17.70
CA VAL B 81 22.81 -11.57 -18.20
C VAL B 81 23.69 -11.11 -19.36
N ASP B 82 25.00 -11.20 -19.19
CA ASP B 82 25.93 -10.89 -20.27
C ASP B 82 26.18 -12.12 -21.14
N TRP B 83 26.33 -11.90 -22.44
CA TRP B 83 26.42 -12.99 -23.39
C TRP B 83 27.22 -12.55 -24.62
N LYS B 84 28.10 -13.43 -25.07
CA LYS B 84 28.94 -13.20 -26.24
C LYS B 84 28.78 -14.38 -27.19
N LEU B 85 28.42 -14.10 -28.44
CA LEU B 85 28.09 -15.13 -29.42
C LEU B 85 29.30 -15.97 -29.82
N GLU B 86 29.17 -17.29 -29.70
CA GLU B 86 30.16 -18.22 -30.21
C GLU B 86 29.82 -18.60 -31.64
N THR B 87 30.86 -18.71 -32.47
CA THR B 87 30.67 -18.78 -33.92
C THR B 87 30.18 -20.16 -34.35
N ASN B 88 29.20 -20.16 -35.25
CA ASN B 88 28.68 -21.29 -36.03
C ASN B 88 27.99 -22.38 -35.20
N ILE B 89 27.79 -22.19 -33.90
CA ILE B 89 27.10 -23.16 -33.07
C ILE B 89 25.89 -22.58 -32.37
N ARG B 90 25.58 -21.30 -32.60
CA ARG B 90 24.42 -20.58 -32.04
C ARG B 90 24.42 -20.58 -30.51
N LYS B 91 25.59 -20.57 -29.90
CA LYS B 91 25.68 -20.54 -28.45
C LYS B 91 26.01 -19.13 -27.99
N LYS B 92 25.24 -18.63 -27.02
CA LYS B 92 25.36 -17.25 -26.57
C LYS B 92 26.36 -17.07 -25.45
N ARG B 93 26.85 -18.17 -24.84
CA ARG B 93 27.80 -18.17 -23.72
C ARG B 93 27.28 -17.36 -22.53
N LEU B 94 26.19 -17.84 -21.95
CA LEU B 94 25.51 -17.12 -20.89
C LEU B 94 26.30 -17.21 -19.59
N LEU B 95 26.34 -16.09 -18.85
CA LEU B 95 27.06 -16.00 -17.58
C LEU B 95 26.30 -15.08 -16.65
N ASN B 96 26.47 -15.33 -15.33
CA ASN B 96 26.07 -14.43 -14.24
C ASN B 96 24.58 -14.08 -14.28
N TYR B 97 23.74 -15.09 -14.03
CA TYR B 97 22.30 -14.88 -13.98
C TYR B 97 21.95 -14.14 -12.69
N SER B 98 22.16 -12.82 -12.68
CA SER B 98 22.05 -12.00 -11.49
C SER B 98 20.61 -11.53 -11.34
N ILE B 99 19.95 -11.98 -10.27
CA ILE B 99 18.60 -11.54 -9.93
C ILE B 99 18.66 -10.88 -8.56
N ASP B 100 18.19 -9.64 -8.47
CA ASP B 100 18.05 -8.94 -7.21
C ASP B 100 16.62 -9.11 -6.73
N PHE B 101 16.44 -9.79 -5.61
CA PHE B 101 15.09 -9.98 -5.08
C PHE B 101 14.54 -8.73 -4.41
N GLY B 102 15.40 -7.75 -4.09
CA GLY B 102 14.90 -6.44 -3.72
C GLY B 102 14.28 -5.71 -4.90
N ILE B 103 14.85 -5.88 -6.09
CA ILE B 103 14.22 -5.41 -7.32
C ILE B 103 13.03 -6.30 -7.69
N CYS B 104 13.16 -7.60 -7.45
CA CYS B 104 12.14 -8.55 -7.87
C CYS B 104 10.88 -8.45 -7.03
N ILE B 105 9.73 -8.56 -7.71
CA ILE B 105 8.43 -8.48 -7.08
C ILE B 105 7.84 -9.88 -6.83
N PHE B 106 8.34 -10.90 -7.53
CA PHE B 106 7.73 -12.22 -7.66
C PHE B 106 6.28 -12.09 -8.13
N CYS B 107 6.07 -11.28 -9.16
CA CYS B 107 4.76 -11.15 -9.78
C CYS B 107 4.50 -12.22 -10.82
N GLY B 108 5.54 -12.88 -11.32
CA GLY B 108 5.38 -14.06 -12.14
C GLY B 108 4.84 -13.84 -13.54
N ASN B 109 5.64 -13.22 -14.40
CA ASN B 109 5.32 -13.19 -15.83
C ASN B 109 6.13 -14.23 -16.60
N CYS B 110 7.46 -14.13 -16.53
CA CYS B 110 8.35 -15.04 -17.24
C CYS B 110 8.42 -16.44 -16.62
N VAL B 111 7.80 -16.65 -15.46
CA VAL B 111 7.70 -17.99 -14.89
C VAL B 111 6.83 -18.88 -15.77
N GLU B 112 5.71 -18.34 -16.26
CA GLU B 112 4.86 -19.06 -17.18
C GLU B 112 5.04 -18.62 -18.63
N TYR B 113 5.75 -17.52 -18.88
CA TYR B 113 5.95 -17.01 -20.24
C TYR B 113 7.30 -17.40 -20.83
N CYS B 114 7.98 -18.35 -20.23
CA CYS B 114 9.28 -18.76 -20.73
C CYS B 114 9.11 -19.74 -21.88
N PRO B 115 9.82 -19.56 -23.00
CA PRO B 115 9.81 -20.60 -24.04
C PRO B 115 10.50 -21.87 -23.60
N THR B 116 11.56 -21.76 -22.79
CA THR B 116 12.23 -22.93 -22.25
C THR B 116 11.50 -23.53 -21.06
N ASN B 117 10.76 -22.70 -20.31
CA ASN B 117 10.05 -23.08 -19.08
C ASN B 117 10.98 -23.69 -18.03
N CYS B 118 12.23 -23.21 -17.97
CA CYS B 118 13.11 -23.56 -16.87
C CYS B 118 12.83 -22.71 -15.63
N LEU B 119 12.03 -21.67 -15.77
CA LEU B 119 11.63 -20.83 -14.65
C LEU B 119 10.39 -21.43 -14.00
N SER B 120 10.54 -21.93 -12.77
CA SER B 120 9.43 -22.50 -12.02
C SER B 120 9.45 -21.94 -10.60
N MET B 121 8.29 -21.94 -9.95
CA MET B 121 8.18 -21.40 -8.62
C MET B 121 8.25 -22.51 -7.57
N THR B 122 8.61 -22.12 -6.35
CA THR B 122 8.69 -23.02 -5.21
C THR B 122 7.90 -22.43 -4.05
N GLU B 123 8.07 -23.02 -2.87
CA GLU B 123 7.36 -22.56 -1.67
C GLU B 123 8.25 -21.87 -0.66
N GLU B 124 9.47 -21.49 -1.04
CA GLU B 124 10.39 -20.82 -0.11
C GLU B 124 10.11 -19.31 -0.11
N TYR B 125 10.08 -18.74 1.10
CA TYR B 125 9.91 -17.30 1.28
C TYR B 125 10.81 -16.73 2.36
N GLU B 126 11.74 -17.53 2.89
CA GLU B 126 12.61 -17.10 3.99
C GLU B 126 13.88 -16.49 3.40
N PHE B 127 13.74 -15.31 2.83
CA PHE B 127 14.87 -14.59 2.24
C PHE B 127 15.07 -13.24 2.92
N SER B 128 14.65 -13.14 4.18
CA SER B 128 14.91 -11.93 4.96
C SER B 128 16.37 -11.88 5.35
N THR B 129 17.11 -10.94 4.75
CA THR B 129 18.56 -10.91 4.83
C THR B 129 19.02 -9.62 5.51
N TYR B 130 20.31 -9.57 5.84
CA TYR B 130 20.90 -8.45 6.56
C TYR B 130 21.48 -7.36 5.65
N ASP B 131 21.57 -7.58 4.35
CA ASP B 131 22.19 -6.57 3.49
C ASP B 131 21.59 -6.63 2.09
N ARG B 132 21.50 -5.47 1.43
CA ARG B 132 20.87 -5.43 0.12
C ARG B 132 21.79 -5.93 -0.98
N HIS B 133 23.11 -5.83 -0.79
CA HIS B 133 24.04 -6.38 -1.77
C HIS B 133 24.14 -7.90 -1.70
N GLU B 134 23.65 -8.51 -0.61
CA GLU B 134 23.60 -9.96 -0.54
C GLU B 134 22.48 -10.52 -1.42
N LEU B 135 21.44 -9.72 -1.68
CA LEU B 135 20.28 -10.16 -2.46
C LEU B 135 20.59 -10.42 -3.92
N ASN B 136 21.72 -9.93 -4.44
CA ASN B 136 22.12 -10.24 -5.80
C ASN B 136 22.57 -11.70 -5.87
N TYR B 137 21.67 -12.58 -6.31
CA TYR B 137 21.90 -14.01 -6.26
C TYR B 137 22.48 -14.50 -7.58
N ASN B 138 23.09 -15.69 -7.53
CA ASN B 138 23.73 -16.26 -8.69
C ASN B 138 22.86 -17.38 -9.28
N GLN B 139 23.35 -18.00 -10.36
CA GLN B 139 22.58 -19.03 -11.04
C GLN B 139 22.63 -20.37 -10.29
N ILE B 140 23.71 -20.61 -9.54
CA ILE B 140 23.78 -21.83 -8.74
C ILE B 140 23.01 -21.68 -7.43
N ALA B 141 22.86 -20.45 -6.92
CA ALA B 141 22.02 -20.24 -5.75
C ALA B 141 20.54 -20.35 -6.09
N LEU B 142 20.18 -20.13 -7.35
CA LEU B 142 18.81 -20.25 -7.82
C LEU B 142 18.46 -21.65 -8.31
N GLY B 143 19.35 -22.62 -8.12
CA GLY B 143 19.05 -23.99 -8.49
C GLY B 143 18.98 -24.92 -7.30
N ARG B 144 18.60 -24.39 -6.14
CA ARG B 144 18.55 -25.15 -4.91
C ARG B 144 17.13 -25.64 -4.64
N LEU B 145 17.01 -26.91 -4.23
CA LEU B 145 15.69 -27.42 -3.81
C LEU B 145 15.49 -26.91 -2.39
N PRO B 146 14.49 -26.05 -2.11
CA PRO B 146 14.36 -25.41 -0.79
C PRO B 146 14.21 -26.29 0.46
N MET B 147 13.14 -27.09 0.53
CA MET B 147 12.81 -27.81 1.74
C MET B 147 11.69 -28.79 1.46
N SER B 148 11.76 -29.96 2.06
CA SER B 148 10.62 -30.89 2.10
C SER B 148 9.96 -30.69 3.45
N VAL B 149 8.85 -29.93 3.45
CA VAL B 149 8.25 -29.46 4.71
C VAL B 149 7.56 -30.55 5.50
N ILE B 150 7.37 -31.74 4.93
CA ILE B 150 6.88 -32.87 5.70
C ILE B 150 7.97 -33.37 6.65
N ASP B 151 9.24 -33.17 6.30
CA ASP B 151 10.37 -33.82 6.95
C ASP B 151 10.97 -32.96 8.08
N ASP B 152 10.16 -32.14 8.74
CA ASP B 152 10.64 -31.39 9.89
C ASP B 152 10.08 -32.00 11.18
N TYR B 153 10.85 -31.89 12.26
CA TYR B 153 10.42 -32.34 13.57
C TYR B 153 9.55 -31.31 14.29
N THR B 154 9.41 -30.10 13.72
CA THR B 154 8.52 -29.09 14.28
C THR B 154 7.36 -28.74 13.37
N ILE B 155 7.39 -29.17 12.11
CA ILE B 155 6.31 -28.90 11.18
C ILE B 155 5.49 -30.19 11.01
N ARG B 156 4.20 -30.11 11.32
CA ARG B 156 3.27 -31.20 11.08
C ARG B 156 2.76 -31.12 9.64
N THR B 157 1.69 -31.85 9.35
CA THR B 157 0.99 -31.68 8.09
C THR B 157 0.15 -30.42 8.15
N ILE B 158 0.41 -29.48 7.23
CA ILE B 158 -0.39 -28.26 7.15
C ILE B 158 -1.75 -28.62 6.54
N TRP B 159 -2.82 -28.05 7.11
CA TRP B 159 -4.18 -28.38 6.68
C TRP B 159 -4.45 -27.75 5.32
N ASN B 160 -4.00 -28.45 4.28
CA ASN B 160 -4.16 -27.97 2.91
C ASN B 160 -5.55 -28.30 2.36
N SER B 161 -5.85 -29.60 2.24
CA SER B 161 -7.11 -30.05 1.68
C SER B 161 -8.22 -29.92 2.71
N PRO B 162 -7.96 -30.26 3.97
CA PRO B 162 -8.99 -30.14 5.00
C PRO B 162 -8.90 -28.79 5.71
N GLN B 163 -9.90 -28.54 6.56
CA GLN B 163 -9.93 -27.34 7.39
C GLN B 163 -10.74 -27.65 8.64
N THR B 164 -10.27 -27.11 9.78
CA THR B 164 -10.77 -27.38 11.12
C THR B 164 -10.76 -28.89 11.41
N LYS B 165 -9.54 -29.44 11.41
CA LYS B 165 -9.37 -30.88 11.55
C LYS B 165 -9.60 -31.35 12.98
N ASN B 166 -9.08 -30.58 13.95
CA ASN B 166 -9.11 -30.91 15.39
C ASN B 166 -8.48 -32.28 15.67
N GLY B 167 -7.25 -32.47 15.19
CA GLY B 167 -6.59 -33.74 15.33
C GLY B 167 -5.28 -33.71 16.10
N VAL B 168 -4.76 -32.51 16.36
CA VAL B 168 -3.51 -32.40 17.11
C VAL B 168 -3.76 -32.56 18.60
N ASN B 169 -4.51 -31.62 19.19
CA ASN B 169 -4.98 -31.63 20.58
C ASN B 169 -3.91 -31.86 21.65
N GLY C 3 -24.53 14.01 -32.67
CA GLY C 3 -25.19 13.35 -31.57
C GLY C 3 -26.63 13.79 -31.39
N THR C 4 -27.23 13.43 -30.25
CA THR C 4 -28.61 13.81 -30.00
C THR C 4 -28.74 15.27 -29.59
N LEU C 5 -28.02 15.67 -28.54
CA LEU C 5 -28.13 17.03 -28.01
C LEU C 5 -27.36 18.05 -28.82
N SER C 6 -26.46 17.61 -29.70
CA SER C 6 -25.69 18.56 -30.50
C SER C 6 -26.53 19.15 -31.63
N VAL C 7 -27.55 18.43 -32.10
CA VAL C 7 -28.41 18.94 -33.16
C VAL C 7 -29.82 19.27 -32.67
N TRP C 8 -30.06 19.18 -31.37
CA TRP C 8 -31.37 19.50 -30.81
C TRP C 8 -31.32 20.65 -29.81
N LEU C 9 -30.37 20.63 -28.88
CA LEU C 9 -30.27 21.65 -27.84
C LEU C 9 -29.11 22.61 -28.05
N ALA C 10 -27.92 22.11 -28.36
CA ALA C 10 -26.76 22.95 -28.62
C ALA C 10 -26.71 23.46 -30.05
N LYS C 11 -27.68 23.10 -30.89
CA LYS C 11 -27.76 23.64 -32.24
C LYS C 11 -28.35 25.04 -32.28
N ARG C 12 -28.87 25.54 -31.16
CA ARG C 12 -29.45 26.88 -31.11
C ARG C 12 -28.40 27.88 -30.63
N GLY C 13 -27.32 27.97 -31.41
CA GLY C 13 -26.29 28.96 -31.17
C GLY C 13 -25.20 28.54 -30.20
N LEU C 14 -24.81 27.28 -30.21
CA LEU C 14 -23.66 26.82 -29.44
C LEU C 14 -22.75 25.99 -30.33
N VAL C 15 -21.45 26.01 -30.01
CA VAL C 15 -20.45 25.31 -30.80
C VAL C 15 -20.30 23.88 -30.32
N HIS C 16 -21.16 22.99 -30.82
CA HIS C 16 -21.06 21.56 -30.53
C HIS C 16 -20.36 20.86 -31.70
N ARG C 17 -19.08 21.19 -31.86
CA ARG C 17 -18.28 20.69 -32.97
C ARG C 17 -17.97 19.21 -32.81
N SER C 18 -18.73 18.36 -33.48
CA SER C 18 -18.65 16.92 -33.30
C SER C 18 -17.39 16.35 -33.96
N LEU C 19 -16.88 15.28 -33.35
CA LEU C 19 -15.74 14.54 -33.87
C LEU C 19 -16.11 13.12 -34.25
N GLY C 20 -17.38 12.85 -34.49
CA GLY C 20 -17.85 11.52 -34.80
C GLY C 20 -18.29 10.76 -33.56
N PHE C 21 -18.48 9.46 -33.74
CA PHE C 21 -18.84 8.60 -32.62
C PHE C 21 -17.59 7.99 -31.99
N ASP C 22 -17.72 7.63 -30.71
CA ASP C 22 -16.64 6.97 -29.99
C ASP C 22 -16.79 5.45 -30.14
N TYR C 23 -16.08 4.69 -29.32
CA TYR C 23 -15.93 3.25 -29.56
C TYR C 23 -17.22 2.47 -29.30
N GLN C 24 -17.93 2.78 -28.22
CA GLN C 24 -19.11 1.98 -27.86
C GLN C 24 -20.41 2.77 -28.00
N GLY C 25 -20.58 3.85 -27.24
CA GLY C 25 -21.79 4.65 -27.38
C GLY C 25 -21.58 6.13 -27.15
N ILE C 26 -20.35 6.52 -26.83
CA ILE C 26 -20.07 7.89 -26.46
C ILE C 26 -19.89 8.73 -27.72
N GLU C 27 -19.85 10.06 -27.55
CA GLU C 27 -19.72 10.98 -28.65
C GLU C 27 -18.88 12.16 -28.21
N THR C 28 -17.92 12.56 -29.04
CA THR C 28 -16.97 13.61 -28.72
C THR C 28 -17.36 14.87 -29.47
N LEU C 29 -17.58 15.96 -28.74
CA LEU C 29 -18.01 17.22 -29.32
C LEU C 29 -17.13 18.34 -28.80
N GLN C 30 -16.42 19.01 -29.72
CA GLN C 30 -15.45 20.03 -29.34
C GLN C 30 -16.15 21.30 -28.86
N ILE C 31 -15.77 21.77 -27.68
CA ILE C 31 -16.36 22.96 -27.06
C ILE C 31 -15.21 23.86 -26.64
N LYS C 32 -15.32 25.16 -26.93
CA LYS C 32 -14.26 26.14 -26.56
C LYS C 32 -14.42 26.57 -25.10
N PRO C 33 -13.33 26.84 -24.36
CA PRO C 33 -13.42 27.32 -22.97
C PRO C 33 -14.30 28.59 -22.82
N GLU C 34 -14.27 29.48 -23.82
CA GLU C 34 -15.07 30.74 -23.76
C GLU C 34 -16.50 30.42 -23.29
N ASP C 35 -17.20 29.54 -23.99
CA ASP C 35 -18.57 29.14 -23.57
C ASP C 35 -18.51 27.72 -23.01
N TRP C 36 -18.20 27.56 -21.72
CA TRP C 36 -18.06 26.21 -21.14
C TRP C 36 -18.87 26.09 -19.83
N HIS C 37 -18.98 27.18 -19.06
CA HIS C 37 -19.80 27.16 -17.81
C HIS C 37 -21.28 27.17 -18.18
N SER C 38 -21.68 28.08 -19.07
CA SER C 38 -23.06 28.13 -19.56
C SER C 38 -23.39 26.88 -20.37
N ILE C 39 -22.40 26.33 -21.09
CA ILE C 39 -22.60 25.07 -21.79
C ILE C 39 -22.77 23.93 -20.79
N ALA C 40 -22.05 23.99 -19.67
CA ALA C 40 -22.21 22.98 -18.62
C ALA C 40 -23.58 23.08 -17.96
N VAL C 41 -24.09 24.30 -17.74
CA VAL C 41 -25.42 24.45 -17.16
C VAL C 41 -26.49 24.04 -18.14
N ILE C 42 -26.27 24.28 -19.44
CA ILE C 42 -27.24 23.89 -20.46
C ILE C 42 -27.30 22.37 -20.60
N LEU C 43 -26.14 21.69 -20.53
CA LEU C 43 -26.15 20.23 -20.55
C LEU C 43 -26.61 19.66 -19.21
N TYR C 44 -26.51 20.45 -18.14
CA TYR C 44 -27.04 20.01 -16.85
C TYR C 44 -28.56 20.04 -16.83
N VAL C 45 -29.17 21.12 -17.31
CA VAL C 45 -30.61 21.12 -17.48
C VAL C 45 -30.92 20.58 -18.86
N TYR C 46 -30.75 19.27 -19.02
CA TYR C 46 -31.16 18.53 -20.21
C TYR C 46 -31.69 17.15 -19.88
N GLY C 47 -31.51 16.68 -18.64
CA GLY C 47 -31.62 15.29 -18.27
C GLY C 47 -30.33 14.70 -17.78
N TYR C 48 -29.19 15.25 -18.22
CA TYR C 48 -27.88 14.79 -17.79
C TYR C 48 -27.54 15.42 -16.44
N ASN C 49 -27.20 14.58 -15.46
CA ASN C 49 -26.88 15.02 -14.11
C ASN C 49 -25.56 14.44 -13.62
N TYR C 50 -25.23 13.22 -14.04
CA TYR C 50 -24.16 12.45 -13.41
C TYR C 50 -22.89 12.57 -14.24
N LEU C 51 -21.90 13.31 -13.72
CA LEU C 51 -20.60 13.45 -14.35
C LEU C 51 -19.55 12.68 -13.57
N ARG C 52 -18.77 11.90 -14.34
CA ARG C 52 -17.67 11.13 -13.72
C ARG C 52 -16.55 10.96 -14.74
N SER C 53 -15.31 10.82 -14.28
CA SER C 53 -14.11 10.56 -15.10
C SER C 53 -13.81 11.72 -16.05
N GLN C 54 -13.50 12.87 -15.44
CA GLN C 54 -12.84 13.93 -16.18
C GLN C 54 -11.45 13.46 -16.61
N CYS C 55 -11.22 13.44 -17.92
CA CYS C 55 -10.04 12.83 -18.51
C CYS C 55 -9.18 13.92 -19.14
N ALA C 56 -7.96 14.07 -18.64
CA ALA C 56 -7.02 15.07 -19.14
C ALA C 56 -5.94 14.35 -19.93
N TYR C 57 -6.15 14.16 -21.22
CA TYR C 57 -5.20 13.47 -22.07
C TYR C 57 -4.27 14.46 -22.75
N ASP C 58 -3.04 14.01 -23.01
CA ASP C 58 -1.96 14.90 -23.41
C ASP C 58 -1.41 14.50 -24.77
N VAL C 59 -2.28 14.33 -25.75
CA VAL C 59 -1.81 14.16 -27.13
C VAL C 59 -1.18 15.46 -27.62
N ALA C 60 -0.25 15.32 -28.58
CA ALA C 60 0.57 16.38 -29.17
C ALA C 60 1.29 17.20 -28.11
N PRO C 61 2.37 16.67 -27.50
CA PRO C 61 3.06 17.40 -26.43
C PRO C 61 3.72 18.67 -26.96
N GLY C 62 3.45 19.78 -26.27
CA GLY C 62 3.79 21.09 -26.77
C GLY C 62 2.70 21.75 -27.57
N GLY C 63 1.59 21.06 -27.82
CA GLY C 63 0.50 21.59 -28.61
C GLY C 63 -0.83 21.63 -27.88
N LEU C 64 -1.80 20.86 -28.37
CA LEU C 64 -3.16 20.90 -27.86
C LEU C 64 -3.28 20.14 -26.56
N LEU C 65 -4.04 20.68 -25.62
CA LEU C 65 -4.29 20.06 -24.32
C LEU C 65 -5.78 20.01 -24.05
N ALA C 66 -6.27 18.86 -23.60
CA ALA C 66 -7.71 18.64 -23.47
C ALA C 66 -8.04 18.05 -22.11
N SER C 67 -9.25 18.35 -21.65
CA SER C 67 -9.73 18.01 -20.31
C SER C 67 -11.16 17.47 -20.38
N VAL C 68 -11.37 16.46 -21.24
CA VAL C 68 -12.71 16.02 -21.65
C VAL C 68 -13.49 15.41 -20.49
N TYR C 69 -14.80 15.28 -20.69
CA TYR C 69 -15.78 14.78 -19.72
C TYR C 69 -16.40 13.47 -20.20
N HIS C 70 -17.20 12.86 -19.33
CA HIS C 70 -17.97 11.66 -19.67
C HIS C 70 -19.38 11.78 -19.08
N LEU C 71 -20.02 12.92 -19.32
CA LEU C 71 -21.34 13.20 -18.73
C LEU C 71 -22.42 12.32 -19.36
N THR C 72 -23.29 11.79 -18.50
CA THR C 72 -24.41 10.97 -18.95
C THR C 72 -25.65 11.37 -18.14
N ARG C 73 -26.73 10.60 -18.32
CA ARG C 73 -28.03 10.92 -17.75
C ARG C 73 -28.62 9.73 -17.00
N ILE C 74 -27.83 9.11 -16.12
CA ILE C 74 -28.37 8.09 -15.24
C ILE C 74 -29.11 8.75 -14.08
N GLU C 75 -30.04 8.01 -13.49
CA GLU C 75 -30.89 8.55 -12.44
C GLU C 75 -31.38 7.39 -11.57
N TYR C 76 -32.41 7.65 -10.77
CA TYR C 76 -32.87 6.69 -9.78
C TYR C 76 -33.71 5.59 -10.42
N GLY C 77 -34.85 5.94 -10.99
CA GLY C 77 -35.77 4.97 -11.54
C GLY C 77 -35.55 4.69 -13.00
N VAL C 78 -35.35 5.74 -13.80
CA VAL C 78 -35.07 5.56 -15.21
C VAL C 78 -33.63 5.14 -15.41
N ASN C 79 -33.35 4.51 -16.55
CA ASN C 79 -32.03 3.99 -16.87
C ASN C 79 -31.65 4.34 -18.29
N GLN C 80 -31.93 5.56 -18.72
CA GLN C 80 -31.56 6.03 -20.05
C GLN C 80 -30.14 6.59 -19.97
N ALA C 81 -29.16 5.72 -20.20
CA ALA C 81 -27.75 6.11 -20.10
C ALA C 81 -27.28 6.59 -21.47
N GLU C 82 -27.40 7.88 -21.71
CA GLU C 82 -26.91 8.52 -22.93
C GLU C 82 -25.60 9.23 -22.58
N GLU C 83 -24.48 8.65 -22.99
CA GLU C 83 -23.16 9.17 -22.66
C GLU C 83 -22.67 10.09 -23.76
N VAL C 84 -21.83 11.04 -23.38
CA VAL C 84 -21.26 12.02 -24.29
C VAL C 84 -19.96 12.52 -23.71
N CYS C 85 -19.02 12.89 -24.58
CA CYS C 85 -17.75 13.50 -24.17
C CYS C 85 -17.79 14.98 -24.55
N ILE C 86 -17.85 15.85 -23.54
CA ILE C 86 -17.72 17.29 -23.75
C ILE C 86 -16.24 17.59 -23.88
N LYS C 87 -15.79 17.88 -25.10
CA LYS C 87 -14.38 18.06 -25.40
C LYS C 87 -14.02 19.53 -25.22
N VAL C 88 -13.30 19.85 -24.16
CA VAL C 88 -12.75 21.18 -23.99
C VAL C 88 -11.26 21.10 -24.34
N PHE C 89 -10.74 22.17 -24.93
CA PHE C 89 -9.38 22.16 -25.45
C PHE C 89 -8.62 23.38 -24.97
N THR C 90 -7.30 23.23 -24.87
CA THR C 90 -6.40 24.33 -24.52
C THR C 90 -5.03 24.02 -25.12
N HIS C 91 -4.07 24.89 -24.82
CA HIS C 91 -2.71 24.77 -25.32
C HIS C 91 -1.71 24.99 -24.19
N ARG C 92 -0.43 24.89 -24.53
CA ARG C 92 0.63 25.16 -23.56
C ARG C 92 0.74 26.65 -23.27
N SER C 93 0.54 27.49 -24.29
CA SER C 93 0.62 28.93 -24.09
C SER C 93 -0.60 29.49 -23.39
N ASN C 94 -1.75 28.81 -23.51
CA ASN C 94 -2.98 29.23 -22.87
C ASN C 94 -3.50 28.09 -21.99
N PRO C 95 -3.09 28.02 -20.74
CA PRO C 95 -3.70 27.06 -19.80
C PRO C 95 -4.97 27.56 -19.13
N ARG C 96 -5.54 28.67 -19.59
CA ARG C 96 -6.71 29.23 -18.94
C ARG C 96 -7.96 28.44 -19.32
N ILE C 97 -8.60 27.83 -18.32
CA ILE C 97 -9.82 27.07 -18.52
C ILE C 97 -10.77 27.35 -17.37
N PRO C 98 -12.08 27.40 -17.65
CA PRO C 98 -13.06 27.63 -16.58
C PRO C 98 -13.43 26.33 -15.87
N SER C 99 -13.43 26.40 -14.54
CA SER C 99 -13.82 25.24 -13.75
C SER C 99 -15.33 25.23 -13.54
N VAL C 100 -15.87 24.02 -13.40
CA VAL C 100 -17.30 23.84 -13.15
C VAL C 100 -17.58 23.78 -11.64
N PHE C 101 -16.56 24.07 -10.81
CA PHE C 101 -16.65 24.00 -9.36
C PHE C 101 -17.55 25.08 -8.75
N TRP C 102 -18.07 26.02 -9.53
CA TRP C 102 -19.04 26.96 -9.01
C TRP C 102 -20.45 26.35 -8.99
N VAL C 103 -20.80 25.59 -10.02
CA VAL C 103 -22.09 24.90 -10.10
C VAL C 103 -21.95 23.45 -9.66
N TRP C 104 -21.09 22.69 -10.32
CA TRP C 104 -20.79 21.30 -9.93
C TRP C 104 -19.63 21.33 -8.94
N LYS C 105 -19.98 21.48 -7.67
CA LYS C 105 -18.99 21.70 -6.62
C LYS C 105 -18.27 20.44 -6.17
N SER C 106 -18.52 19.29 -6.81
CA SER C 106 -17.77 18.07 -6.54
C SER C 106 -16.54 17.94 -7.43
N THR C 107 -16.25 18.95 -8.25
CA THR C 107 -15.10 18.94 -9.14
C THR C 107 -13.85 19.49 -8.48
N ASP C 108 -13.76 19.41 -7.15
CA ASP C 108 -12.56 19.89 -6.46
C ASP C 108 -11.36 18.99 -6.78
N PHE C 109 -11.51 17.69 -6.53
CA PHE C 109 -10.40 16.74 -6.71
C PHE C 109 -10.04 16.56 -8.17
N GLN C 110 -11.04 16.59 -9.06
CA GLN C 110 -10.81 16.38 -10.49
C GLN C 110 -10.01 17.52 -11.10
N GLU C 111 -10.46 18.75 -10.89
CA GLU C 111 -9.74 19.91 -11.41
C GLU C 111 -8.41 20.14 -10.68
N ARG C 112 -8.32 19.79 -9.39
CA ARG C 112 -7.03 19.87 -8.71
C ARG C 112 -6.04 18.84 -9.26
N GLU C 113 -6.49 17.64 -9.62
CA GLU C 113 -5.57 16.68 -10.22
C GLU C 113 -5.19 17.10 -11.63
N SER C 114 -6.11 17.75 -12.36
CA SER C 114 -5.79 18.25 -13.70
C SER C 114 -4.78 19.39 -13.65
N TYR C 115 -4.91 20.28 -12.66
CA TYR C 115 -3.90 21.32 -12.46
C TYR C 115 -2.63 20.74 -11.86
N ASP C 116 -2.73 19.65 -11.12
CA ASP C 116 -1.59 19.06 -10.43
C ASP C 116 -0.71 18.25 -11.39
N MET C 117 -1.31 17.69 -12.44
CA MET C 117 -0.57 16.87 -13.39
C MET C 117 -0.30 17.57 -14.71
N LEU C 118 -1.02 18.64 -15.03
CA LEU C 118 -0.78 19.39 -16.26
C LEU C 118 -0.47 20.87 -16.02
N GLY C 119 -1.18 21.52 -15.10
CA GLY C 119 -0.99 22.94 -14.87
C GLY C 119 -1.98 23.81 -15.62
N ILE C 120 -3.23 23.38 -15.66
CA ILE C 120 -4.27 24.07 -16.42
C ILE C 120 -4.87 25.12 -15.50
N THR C 121 -4.64 26.40 -15.83
CA THR C 121 -5.03 27.51 -14.97
C THR C 121 -6.54 27.68 -14.93
N TYR C 122 -7.05 27.88 -13.70
CA TYR C 122 -8.48 27.78 -13.43
C TYR C 122 -8.98 29.02 -12.70
N ASP C 123 -10.29 29.21 -12.75
CA ASP C 123 -10.99 30.26 -12.03
C ASP C 123 -12.27 29.67 -11.45
N SER C 124 -12.93 30.48 -10.60
CA SER C 124 -14.18 30.12 -9.91
C SER C 124 -14.03 28.82 -9.10
N HIS C 125 -12.89 28.68 -8.44
CA HIS C 125 -12.54 27.46 -7.73
C HIS C 125 -12.13 27.81 -6.32
N PRO C 126 -12.69 27.13 -5.31
CA PRO C 126 -12.49 27.55 -3.90
C PRO C 126 -11.08 27.34 -3.37
N ARG C 127 -10.46 26.20 -3.67
CA ARG C 127 -9.11 25.94 -3.20
C ARG C 127 -8.40 25.09 -4.25
N LEU C 128 -7.68 25.74 -5.16
CA LEU C 128 -6.92 25.05 -6.20
C LEU C 128 -5.50 24.89 -5.70
N LYS C 129 -5.18 23.70 -5.21
CA LYS C 129 -3.86 23.38 -4.67
C LYS C 129 -3.36 22.08 -5.28
N ARG C 130 -2.08 21.79 -5.06
CA ARG C 130 -1.46 20.59 -5.60
C ARG C 130 -1.89 19.40 -4.74
N ILE C 131 -2.80 18.60 -5.28
CA ILE C 131 -3.51 17.60 -4.48
C ILE C 131 -2.69 16.34 -4.29
N LEU C 132 -1.65 16.13 -5.08
CA LEU C 132 -0.76 14.98 -4.94
C LEU C 132 0.69 15.36 -4.71
N MET C 133 1.14 16.49 -5.22
CA MET C 133 2.50 16.98 -5.10
C MET C 133 2.56 18.04 -4.01
N PRO C 134 3.77 18.38 -3.51
CA PRO C 134 3.88 19.50 -2.58
C PRO C 134 3.55 20.83 -3.25
N GLU C 135 3.25 21.82 -2.42
CA GLU C 135 2.89 23.15 -2.92
C GLU C 135 4.09 23.90 -3.46
N SER C 136 5.30 23.48 -3.09
CA SER C 136 6.51 24.06 -3.66
C SER C 136 6.89 23.45 -4.99
N TRP C 137 6.23 22.36 -5.40
CA TRP C 137 6.64 21.59 -6.57
C TRP C 137 6.34 22.37 -7.85
N ILE C 138 7.36 22.53 -8.69
CA ILE C 138 7.19 23.10 -10.01
C ILE C 138 7.28 21.98 -11.04
N GLY C 139 6.73 22.23 -12.22
CA GLY C 139 6.68 21.23 -13.27
C GLY C 139 5.52 20.26 -13.10
N TRP C 140 5.14 19.62 -14.20
CA TRP C 140 3.98 18.72 -14.21
C TRP C 140 4.33 17.42 -14.93
N PRO C 141 4.09 16.27 -14.29
CA PRO C 141 4.64 15.01 -14.81
C PRO C 141 3.85 14.36 -15.94
N LEU C 142 2.54 14.59 -15.99
CA LEU C 142 1.70 13.85 -16.94
C LEU C 142 1.92 14.33 -18.37
N ARG C 143 2.26 15.59 -18.57
CA ARG C 143 2.56 16.08 -19.90
C ARG C 143 3.85 15.46 -20.43
N LYS C 144 3.85 15.12 -21.71
CA LYS C 144 4.88 14.25 -22.27
C LYS C 144 6.19 14.97 -22.58
N ASP C 145 6.28 16.27 -22.33
CA ASP C 145 7.51 17.02 -22.55
C ASP C 145 8.19 17.39 -21.23
N TYR C 146 8.10 16.48 -20.25
CA TYR C 146 8.58 16.74 -18.90
C TYR C 146 9.76 15.83 -18.58
N ILE C 147 10.72 16.36 -17.84
CA ILE C 147 11.88 15.61 -17.36
C ILE C 147 11.90 15.71 -15.84
N ALA C 148 11.92 14.55 -15.18
CA ALA C 148 12.12 14.54 -13.74
C ALA C 148 13.57 14.90 -13.43
N PRO C 149 13.83 15.99 -12.67
CA PRO C 149 15.21 16.47 -12.51
C PRO C 149 16.07 15.59 -11.62
N ASN C 150 17.31 16.03 -11.39
CA ASN C 150 18.34 15.23 -10.74
C ASN C 150 18.02 15.09 -9.26
N PHE C 151 17.14 14.15 -8.94
CA PHE C 151 16.74 13.84 -7.58
C PHE C 151 17.20 12.43 -7.22
N TYR C 152 17.95 12.32 -6.11
CA TYR C 152 18.58 11.06 -5.74
C TYR C 152 17.57 10.01 -5.28
N GLU C 153 16.39 10.43 -4.82
CA GLU C 153 15.36 9.49 -4.43
C GLU C 153 14.71 8.80 -5.62
N ILE C 154 14.94 9.28 -6.85
CA ILE C 154 14.43 8.63 -8.05
C ILE C 154 15.39 7.57 -8.58
N GLN C 155 16.60 7.46 -8.05
CA GLN C 155 17.54 6.42 -8.44
C GLN C 155 17.81 5.51 -7.25
N ASP C 156 18.27 4.30 -7.56
CA ASP C 156 18.57 3.31 -6.52
C ASP C 156 19.98 3.52 -5.95
N ALA C 157 20.99 3.43 -6.82
CA ALA C 157 22.40 3.65 -6.53
C ALA C 157 22.95 2.80 -5.37
N SER D 3 37.28 0.49 2.00
CA SER D 3 37.67 1.73 2.65
C SER D 3 36.68 2.09 3.75
N ILE D 4 37.07 1.82 5.00
CA ILE D 4 36.23 2.09 6.17
C ILE D 4 36.98 2.96 7.16
N LYS D 5 36.36 3.27 8.29
CA LYS D 5 37.00 3.96 9.39
C LYS D 5 37.54 2.94 10.39
N PHE D 6 38.11 3.45 11.48
CA PHE D 6 38.65 2.61 12.53
C PHE D 6 37.92 2.85 13.84
N PRO D 7 37.52 1.78 14.54
CA PRO D 7 36.92 1.96 15.87
C PRO D 7 37.98 2.19 16.94
N ILE D 8 37.56 2.31 18.20
CA ILE D 8 38.52 2.41 19.29
C ILE D 8 39.01 1.03 19.70
N LEU D 9 38.09 0.20 20.21
CA LEU D 9 38.33 -1.19 20.61
C LEU D 9 39.48 -1.31 21.63
N ASP D 10 39.26 -0.69 22.79
CA ASP D 10 40.27 -0.74 23.85
C ASP D 10 40.17 -2.05 24.65
N ARG D 11 39.04 -2.24 25.33
CA ARG D 11 38.82 -3.40 26.19
C ARG D 11 37.34 -3.49 26.50
N THR D 12 36.98 -4.51 27.28
CA THR D 12 35.62 -4.68 27.80
C THR D 12 35.71 -4.51 29.32
N THR D 13 35.24 -3.34 29.80
CA THR D 13 35.40 -3.00 31.21
C THR D 13 34.47 -3.81 32.10
N LYS D 14 33.29 -4.18 31.60
CA LYS D 14 32.29 -4.88 32.41
C LYS D 14 32.46 -6.39 32.32
N ASN D 15 33.65 -6.89 32.66
CA ASN D 15 33.98 -8.29 32.47
C ASN D 15 33.79 -9.13 33.73
N SER D 16 32.84 -8.79 34.58
CA SER D 16 32.47 -9.67 35.68
C SER D 16 31.36 -10.63 35.24
N VAL D 17 31.10 -11.62 36.09
CA VAL D 17 30.07 -12.61 35.77
C VAL D 17 28.68 -12.01 35.95
N ILE D 18 28.53 -11.14 36.96
CA ILE D 18 27.22 -10.55 37.24
C ILE D 18 26.84 -9.55 36.15
N SER D 19 27.81 -8.75 35.68
CA SER D 19 27.50 -7.72 34.69
C SER D 19 27.23 -8.33 33.32
N THR D 20 28.02 -9.32 32.91
CA THR D 20 27.73 -10.00 31.65
C THR D 20 26.47 -10.85 31.75
N THR D 21 26.16 -11.38 32.93
CA THR D 21 24.89 -12.08 33.12
C THR D 21 23.71 -11.14 32.98
N LEU D 22 23.80 -9.94 33.56
CA LEU D 22 22.73 -8.96 33.46
C LEU D 22 22.62 -8.43 32.03
N ASN D 23 23.76 -8.28 31.34
CA ASN D 23 23.73 -7.84 29.95
C ASN D 23 23.08 -8.90 29.06
N ASP D 24 23.40 -10.18 29.28
CA ASP D 24 22.80 -11.26 28.50
C ASP D 24 21.31 -11.38 28.77
N LEU D 25 20.89 -11.25 30.04
CA LEU D 25 19.48 -11.35 30.37
C LEU D 25 18.68 -10.16 29.84
N SER D 26 19.25 -8.95 29.95
CA SER D 26 18.58 -7.76 29.44
C SER D 26 18.55 -7.75 27.92
N ASN D 27 19.56 -8.34 27.27
CA ASN D 27 19.57 -8.41 25.82
C ASN D 27 18.58 -9.45 25.31
N TRP D 28 18.49 -10.59 26.00
CA TRP D 28 17.53 -11.62 25.59
C TRP D 28 16.10 -11.20 25.88
N SER D 29 15.88 -10.46 26.97
CA SER D 29 14.55 -9.90 27.20
C SER D 29 14.26 -8.75 26.26
N ARG D 30 15.29 -8.02 25.83
CA ARG D 30 15.13 -7.01 24.81
C ARG D 30 14.85 -7.64 23.45
N LEU D 31 15.44 -8.80 23.20
CA LEU D 31 15.15 -9.58 22.00
C LEU D 31 13.85 -10.36 22.10
N SER D 32 13.24 -10.42 23.29
CA SER D 32 11.96 -11.10 23.46
C SER D 32 10.76 -10.19 23.31
N SER D 33 10.87 -8.92 23.71
CA SER D 33 9.74 -8.00 23.75
C SER D 33 9.82 -7.06 22.56
N LEU D 34 9.31 -7.51 21.42
CA LEU D 34 9.22 -6.68 20.23
C LEU D 34 8.23 -5.53 20.42
N TRP D 35 6.94 -5.86 20.50
CA TRP D 35 5.77 -4.99 20.63
C TRP D 35 5.82 -3.79 19.68
N PRO D 36 5.55 -3.93 18.35
CA PRO D 36 5.73 -2.78 17.45
C PRO D 36 4.62 -1.72 17.56
N LEU D 37 4.76 -0.62 16.83
CA LEU D 37 3.71 0.43 16.80
C LEU D 37 2.77 0.07 15.65
N LEU D 38 2.98 -1.10 15.03
CA LEU D 38 2.15 -1.58 13.89
C LEU D 38 2.58 -0.86 12.61
N TYR D 39 2.31 0.45 12.52
CA TYR D 39 2.67 1.23 11.32
C TYR D 39 2.31 0.44 10.04
N GLY D 40 1.00 0.32 9.85
CA GLY D 40 0.50 -0.35 8.66
C GLY D 40 0.17 0.65 7.59
N THR D 41 -1.12 0.89 7.38
CA THR D 41 -1.68 1.89 6.46
C THR D 41 -1.24 1.69 5.01
N SER D 42 -0.96 0.45 4.63
CA SER D 42 -0.54 0.09 3.29
C SER D 42 -0.85 -1.38 3.08
N CYS D 43 -0.27 -1.99 2.04
CA CYS D 43 -0.53 -3.39 1.74
C CYS D 43 0.08 -4.34 2.76
N CYS D 44 1.05 -3.87 3.56
CA CYS D 44 1.63 -4.69 4.62
C CYS D 44 0.91 -4.52 5.96
N PHE D 45 -0.23 -3.82 5.97
CA PHE D 45 -1.09 -3.79 7.15
C PHE D 45 -1.83 -5.11 7.33
N ILE D 46 -1.95 -5.91 6.27
CA ILE D 46 -2.76 -7.12 6.30
C ILE D 46 -2.16 -8.21 7.19
N GLU D 47 -0.88 -8.09 7.54
CA GLU D 47 -0.24 -9.07 8.41
C GLU D 47 -0.51 -8.80 9.88
N PHE D 48 -1.04 -7.60 10.21
CA PHE D 48 -1.29 -7.24 11.59
C PHE D 48 -2.45 -8.02 12.20
N ALA D 49 -3.48 -8.30 11.40
CA ALA D 49 -4.63 -9.05 11.90
C ALA D 49 -4.29 -10.51 12.12
N SER D 50 -3.25 -11.03 11.45
CA SER D 50 -2.81 -12.40 11.63
C SER D 50 -1.73 -12.52 12.69
N LEU D 51 -0.91 -11.48 12.85
CA LEU D 51 0.14 -11.49 13.87
C LEU D 51 -0.30 -10.74 15.12
N ARG D 66 1.57 0.90 20.21
CA ARG D 66 0.48 1.66 20.80
C ARG D 66 0.04 2.80 19.89
N SER D 67 -0.23 3.96 20.51
CA SER D 67 -0.57 5.18 19.79
C SER D 67 0.37 6.33 20.11
N SER D 68 1.15 6.23 21.17
CA SER D 68 2.16 7.21 21.57
C SER D 68 3.37 7.12 20.65
N PRO D 69 3.61 8.12 19.80
CA PRO D 69 4.64 7.99 18.77
C PRO D 69 6.07 8.16 19.26
N ARG D 70 6.32 8.10 20.56
CA ARG D 70 7.65 8.04 21.12
C ARG D 70 7.90 6.78 21.94
N GLN D 71 6.98 5.81 21.93
CA GLN D 71 7.06 4.70 22.88
C GLN D 71 7.83 3.50 22.30
N ALA D 72 7.34 2.93 21.21
CA ALA D 72 7.80 1.61 20.75
C ALA D 72 9.03 1.79 19.85
N ASP D 73 10.21 1.53 20.42
CA ASP D 73 11.46 1.67 19.69
C ASP D 73 11.70 0.58 18.65
N LEU D 74 10.98 -0.55 18.73
CA LEU D 74 11.25 -1.71 17.90
C LEU D 74 10.27 -1.80 16.72
N ILE D 75 9.96 -0.66 16.13
CA ILE D 75 9.03 -0.60 15.00
C ILE D 75 9.68 -1.16 13.75
N LEU D 76 8.89 -1.86 12.94
CA LEU D 76 9.26 -2.25 11.58
C LEU D 76 8.43 -1.42 10.61
N THR D 77 9.05 -0.90 9.55
CA THR D 77 8.33 -0.11 8.56
C THR D 77 7.58 -1.01 7.59
N ALA D 78 6.34 -1.33 7.93
CA ALA D 78 5.48 -2.16 7.09
C ALA D 78 4.51 -1.30 6.27
N GLY D 79 5.10 -0.51 5.38
CA GLY D 79 4.31 0.42 4.59
C GLY D 79 5.04 0.95 3.36
N THR D 80 4.29 1.47 2.39
CA THR D 80 4.90 2.04 1.20
C THR D 80 5.25 3.50 1.46
N VAL D 81 6.54 3.80 1.57
CA VAL D 81 7.02 5.12 1.97
C VAL D 81 7.30 5.95 0.73
N THR D 82 6.81 7.18 0.74
CA THR D 82 6.93 8.11 -0.38
C THR D 82 7.75 9.33 0.05
N MET D 83 7.90 10.28 -0.87
CA MET D 83 8.67 11.48 -0.58
C MET D 83 7.91 12.42 0.37
N LYS D 84 6.58 12.48 0.23
CA LYS D 84 5.80 13.29 1.16
C LYS D 84 5.67 12.59 2.52
N MET D 85 5.76 11.26 2.52
CA MET D 85 5.78 10.50 3.77
C MET D 85 7.10 10.67 4.51
N ALA D 86 8.17 11.03 3.80
CA ALA D 86 9.51 11.06 4.38
C ALA D 86 9.76 12.08 5.51
N PRO D 87 9.24 13.33 5.49
CA PRO D 87 9.49 14.19 6.66
C PRO D 87 8.85 13.71 7.95
N SER D 88 7.60 13.22 7.89
CA SER D 88 7.00 12.64 9.08
C SER D 88 7.71 11.35 9.50
N LEU D 89 8.28 10.62 8.55
CA LEU D 89 8.99 9.39 8.88
C LEU D 89 10.31 9.68 9.59
N VAL D 90 11.07 10.66 9.11
CA VAL D 90 12.31 11.00 9.81
C VAL D 90 12.03 11.74 11.12
N ARG D 91 10.88 12.43 11.23
CA ARG D 91 10.48 12.98 12.52
C ARG D 91 10.11 11.88 13.50
N LEU D 92 9.47 10.81 13.01
CA LEU D 92 9.13 9.68 13.87
C LEU D 92 10.37 8.91 14.29
N TYR D 93 11.38 8.84 13.43
CA TYR D 93 12.65 8.26 13.85
C TYR D 93 13.39 9.17 14.83
N GLU D 94 13.23 10.49 14.69
CA GLU D 94 13.71 11.40 15.73
C GLU D 94 12.96 11.20 17.04
N GLN D 95 11.73 10.71 16.98
CA GLN D 95 10.97 10.31 18.15
C GLN D 95 11.30 8.89 18.62
N MET D 96 12.18 8.15 17.91
CA MET D 96 12.72 6.89 18.40
C MET D 96 14.25 6.85 18.28
N PRO D 97 14.97 7.92 18.73
CA PRO D 97 16.31 8.18 18.18
C PRO D 97 17.45 7.22 18.58
N GLU D 98 17.70 7.03 19.88
CA GLU D 98 18.87 6.29 20.32
C GLU D 98 18.76 4.76 20.33
N PRO D 99 17.76 4.10 21.04
CA PRO D 99 17.96 2.69 21.44
C PRO D 99 17.95 1.67 20.31
N LYS D 100 16.88 1.63 19.50
CA LYS D 100 16.65 0.54 18.57
C LYS D 100 16.47 1.06 17.15
N TYR D 101 16.32 0.13 16.22
CA TYR D 101 16.34 0.38 14.78
C TYR D 101 15.02 -0.06 14.16
N VAL D 102 14.95 0.00 12.82
CA VAL D 102 13.75 -0.31 12.07
C VAL D 102 14.05 -1.50 11.15
N ILE D 103 12.98 -2.18 10.73
CA ILE D 103 13.07 -3.34 9.84
C ILE D 103 12.27 -3.04 8.57
N ALA D 104 12.94 -3.06 7.42
CA ALA D 104 12.27 -2.82 6.16
C ALA D 104 11.48 -4.06 5.73
N MET D 105 10.19 -3.88 5.47
CA MET D 105 9.32 -5.00 5.17
C MET D 105 8.41 -4.74 3.99
N GLY D 106 8.92 -3.97 3.03
CA GLY D 106 8.21 -3.73 1.77
C GLY D 106 9.26 -3.39 0.73
N ALA D 107 9.25 -4.01 -0.45
CA ALA D 107 10.34 -3.72 -1.41
C ALA D 107 10.44 -2.21 -1.65
N CYS D 108 9.46 -1.41 -1.19
CA CYS D 108 9.52 0.02 -1.44
C CYS D 108 10.30 0.71 -0.34
N THR D 109 10.44 0.05 0.81
CA THR D 109 11.38 0.41 1.85
C THR D 109 12.78 -0.14 1.58
N ILE D 110 12.99 -0.82 0.47
CA ILE D 110 14.28 -1.40 0.13
C ILE D 110 14.80 -0.84 -1.18
N THR D 111 14.07 -1.04 -2.28
CA THR D 111 14.51 -0.62 -3.60
C THR D 111 13.53 0.30 -4.32
N GLY D 112 12.44 0.70 -3.67
CA GLY D 112 11.36 1.39 -4.35
C GLY D 112 10.29 0.46 -4.87
N GLY D 113 10.49 -0.84 -4.77
CA GLY D 113 9.46 -1.79 -5.14
C GLY D 113 9.32 -1.94 -6.64
N MET D 114 8.09 -2.15 -7.07
CA MET D 114 7.78 -2.35 -8.48
C MET D 114 7.89 -1.08 -9.31
N PHE D 115 7.95 0.10 -8.68
CA PHE D 115 8.10 1.37 -9.37
C PHE D 115 9.50 1.93 -9.21
N SER D 116 10.51 1.05 -9.22
CA SER D 116 11.88 1.48 -8.92
C SER D 116 12.51 2.29 -10.04
N THR D 117 11.97 2.23 -11.25
CA THR D 117 12.50 3.07 -12.32
C THR D 117 11.90 4.47 -12.33
N ASP D 118 10.61 4.57 -12.58
CA ASP D 118 10.01 5.77 -13.16
C ASP D 118 9.14 6.56 -12.20
N SER D 119 9.11 6.21 -10.91
CA SER D 119 8.25 6.91 -9.96
C SER D 119 8.98 8.11 -9.39
N TYR D 120 8.34 9.28 -9.49
CA TYR D 120 8.94 10.50 -8.98
C TYR D 120 8.65 10.71 -7.50
N SER D 121 7.40 10.54 -7.09
CA SER D 121 7.00 10.76 -5.70
C SER D 121 6.99 9.46 -4.91
N THR D 122 8.09 8.72 -4.98
CA THR D 122 8.28 7.53 -4.16
C THR D 122 9.78 7.31 -4.00
N VAL D 123 10.22 7.23 -2.76
CA VAL D 123 11.65 7.07 -2.47
C VAL D 123 12.05 5.63 -2.79
N ARG D 124 13.27 5.48 -3.30
CA ARG D 124 13.79 4.17 -3.69
C ARG D 124 14.35 3.42 -2.49
N GLY D 125 13.48 3.09 -1.55
CA GLY D 125 13.97 2.50 -0.33
C GLY D 125 14.19 3.52 0.76
N VAL D 126 14.01 3.07 2.00
CA VAL D 126 14.29 3.90 3.17
C VAL D 126 15.72 3.65 3.62
N ASP D 127 16.48 2.93 2.79
CA ASP D 127 17.91 2.73 2.97
C ASP D 127 18.76 3.95 2.58
N LYS D 128 18.11 5.05 2.19
CA LYS D 128 18.73 6.36 2.12
C LYS D 128 18.09 7.33 3.11
N LEU D 129 17.29 6.82 4.05
CA LEU D 129 16.56 7.64 5.00
C LEU D 129 16.75 7.25 6.46
N ILE D 130 16.95 5.96 6.75
CA ILE D 130 16.86 5.45 8.12
C ILE D 130 17.73 4.20 8.19
N PRO D 131 18.39 3.93 9.33
CA PRO D 131 19.16 2.67 9.44
C PRO D 131 18.25 1.45 9.51
N VAL D 132 18.52 0.47 8.64
CA VAL D 132 17.69 -0.71 8.47
C VAL D 132 18.55 -1.94 8.75
N ASP D 133 18.07 -2.82 9.64
CA ASP D 133 18.75 -4.07 9.92
C ASP D 133 18.41 -5.15 8.90
N VAL D 134 17.12 -5.48 8.76
CA VAL D 134 16.68 -6.64 8.01
C VAL D 134 15.86 -6.18 6.80
N TYR D 135 16.18 -6.74 5.63
CA TYR D 135 15.46 -6.50 4.39
C TYR D 135 14.60 -7.71 4.05
N LEU D 136 13.31 -7.46 3.76
CA LEU D 136 12.36 -8.53 3.49
C LEU D 136 12.31 -8.82 1.99
N PRO D 137 11.72 -9.95 1.56
CA PRO D 137 11.29 -10.06 0.16
C PRO D 137 10.28 -9.02 -0.28
N GLY D 138 9.51 -8.42 0.64
CA GLY D 138 8.74 -7.25 0.27
C GLY D 138 7.23 -7.38 0.27
N CYS D 139 6.65 -7.63 -0.91
CA CYS D 139 5.17 -7.74 -1.06
C CYS D 139 4.60 -8.77 -0.07
N PRO D 140 3.55 -8.44 0.71
CA PRO D 140 2.98 -9.32 1.74
C PRO D 140 3.28 -10.82 1.74
N PRO D 141 4.40 -11.34 2.33
CA PRO D 141 4.58 -12.79 2.43
C PRO D 141 3.61 -13.44 3.41
N LYS D 142 3.84 -14.72 3.70
CA LYS D 142 3.06 -15.45 4.69
C LYS D 142 3.21 -14.83 6.08
N PRO D 143 2.22 -15.01 6.97
CA PRO D 143 2.31 -14.37 8.31
C PRO D 143 3.40 -14.93 9.21
N GLU D 144 4.06 -16.03 8.86
CA GLU D 144 5.20 -16.49 9.64
C GLU D 144 6.50 -15.88 9.16
N ALA D 145 6.48 -15.14 8.05
CA ALA D 145 7.69 -14.46 7.59
C ALA D 145 8.07 -13.32 8.53
N VAL D 146 7.08 -12.61 9.06
CA VAL D 146 7.35 -11.56 10.05
C VAL D 146 7.83 -12.18 11.36
N ILE D 147 7.36 -13.39 11.66
CA ILE D 147 7.84 -14.11 12.85
C ILE D 147 9.30 -14.52 12.67
N ASP D 148 9.65 -14.98 11.47
CA ASP D 148 11.05 -15.32 11.21
C ASP D 148 11.91 -14.06 11.15
N ALA D 149 11.34 -12.94 10.71
CA ALA D 149 12.08 -11.68 10.67
C ALA D 149 12.36 -11.15 12.07
N ILE D 150 11.37 -11.20 12.96
CA ILE D 150 11.63 -10.76 14.33
C ILE D 150 12.48 -11.79 15.10
N THR D 151 12.46 -13.06 14.68
CA THR D 151 13.39 -14.02 15.28
C THR D 151 14.83 -13.74 14.86
N LYS D 152 15.03 -13.39 13.59
CA LYS D 152 16.36 -13.05 13.12
C LYS D 152 16.82 -11.71 13.69
N LEU D 153 15.89 -10.78 13.92
CA LEU D 153 16.23 -9.56 14.65
C LEU D 153 16.57 -9.86 16.11
N ARG D 154 15.92 -10.86 16.71
CA ARG D 154 16.26 -11.26 18.06
C ARG D 154 17.65 -11.88 18.12
N LYS D 155 18.02 -12.62 17.08
CA LYS D 155 19.38 -13.14 16.96
C LYS D 155 20.39 -12.01 16.73
N LYS D 156 19.97 -10.95 16.04
CA LYS D 156 20.83 -9.78 15.84
C LYS D 156 21.07 -9.03 17.15
N ILE D 157 20.00 -8.78 17.90
CA ILE D 157 20.12 -8.08 19.18
C ILE D 157 20.86 -8.93 20.19
N ALA D 158 20.73 -10.26 20.09
CA ALA D 158 21.49 -11.17 20.95
C ALA D 158 22.99 -11.09 20.66
N ARG D 159 23.37 -10.79 19.42
CA ARG D 159 24.77 -10.50 19.12
C ARG D 159 25.22 -9.19 19.78
N GLU D 160 24.31 -8.22 19.88
CA GLU D 160 24.64 -6.93 20.47
C GLU D 160 24.73 -7.05 21.99
N ILE D 161 25.77 -6.46 22.56
CA ILE D 161 25.98 -6.47 24.00
C ILE D 161 25.80 -5.06 24.53
N TYR D 162 24.91 -4.29 23.88
CA TYR D 162 24.62 -2.88 24.16
C TYR D 162 25.85 -1.98 24.00
N LYS D 163 26.76 -2.40 23.10
CA LYS D 163 27.97 -1.66 22.64
C LYS D 163 28.86 -1.16 23.78
N ASP D 164 28.75 -1.77 24.96
CA ASP D 164 29.47 -1.39 26.19
C ASP D 164 29.25 0.07 26.57
N ARG D 165 28.06 0.59 26.24
CA ARG D 165 27.60 1.95 26.58
C ARG D 165 28.53 3.04 26.06
N ILE D 166 29.17 2.78 24.92
CA ILE D 166 30.15 3.71 24.36
C ILE D 166 29.42 4.72 23.48
N ARG D 167 29.63 6.00 23.77
CA ARG D 167 28.99 7.07 23.01
C ARG D 167 29.65 7.26 21.65
N ARG D 173 28.83 10.39 19.37
CA ARG D 173 29.50 11.68 19.25
C ARG D 173 28.68 12.63 18.37
N CYS D 174 28.52 13.86 18.85
CA CYS D 174 27.70 14.85 18.15
C CYS D 174 28.56 15.69 17.20
N PHE D 175 28.03 15.87 15.99
CA PHE D 175 28.75 16.65 14.98
C PHE D 175 28.53 18.14 15.16
N THR D 176 27.26 18.56 15.18
CA THR D 176 26.80 19.94 15.34
C THR D 176 27.43 20.86 14.29
N THR D 177 27.06 20.60 13.04
CA THR D 177 27.49 21.44 11.93
C THR D 177 26.43 22.49 11.64
N ASN D 178 26.83 23.75 11.60
CA ASN D 178 25.87 24.84 11.54
C ASN D 178 26.55 26.08 10.99
N HIS D 179 25.77 26.89 10.27
CA HIS D 179 26.18 28.22 9.84
C HIS D 179 25.25 29.24 10.50
N LYS D 180 25.82 30.26 11.11
CA LYS D 180 25.04 31.35 11.69
C LYS D 180 24.93 32.54 10.75
N PHE D 181 25.36 32.40 9.50
CA PHE D 181 25.09 33.41 8.49
C PHE D 181 23.69 33.21 7.93
N PHE D 182 22.99 34.32 7.72
CA PHE D 182 21.62 34.28 7.25
C PHE D 182 21.57 33.91 5.78
N VAL D 183 20.61 33.07 5.41
CA VAL D 183 20.43 32.65 4.03
C VAL D 183 19.78 33.77 3.23
N VAL D 184 19.87 33.71 1.92
CA VAL D 184 19.24 34.73 1.05
C VAL D 184 17.81 34.27 0.86
N ARG D 185 16.96 34.63 1.82
CA ARG D 185 15.62 34.09 1.90
C ARG D 185 14.63 34.96 1.11
N SER D 186 13.59 34.31 0.61
CA SER D 186 12.48 35.00 -0.05
C SER D 186 11.19 34.24 0.28
N PRO D 187 10.59 34.49 1.46
CA PRO D 187 9.35 33.79 1.80
C PRO D 187 8.14 34.32 1.03
N HIS D 188 6.96 33.76 1.30
CA HIS D 188 5.75 34.21 0.62
C HIS D 188 5.30 35.56 1.15
N ASN E 86 0.66 -9.27 71.99
CA ASN E 86 1.28 -10.02 73.08
C ASN E 86 0.78 -11.46 73.15
N GLN E 87 0.46 -12.04 72.00
CA GLN E 87 -0.14 -13.36 71.95
C GLN E 87 0.87 -14.47 71.75
N GLN E 88 1.57 -14.47 70.60
CA GLN E 88 2.44 -15.55 70.14
C GLN E 88 1.72 -16.90 70.20
N GLU E 89 0.70 -17.01 69.34
CA GLU E 89 -0.15 -18.19 69.34
C GLU E 89 0.52 -19.39 68.69
N LEU E 90 1.60 -19.19 67.94
CA LEU E 90 2.23 -20.27 67.19
C LEU E 90 3.38 -20.93 67.94
N SER E 91 4.40 -20.12 68.30
CA SER E 91 5.60 -20.55 69.03
C SER E 91 6.38 -21.64 68.28
N SER E 92 6.32 -21.62 66.94
CA SER E 92 7.12 -22.51 66.11
C SER E 92 8.31 -21.74 65.54
N VAL E 93 9.49 -22.34 65.69
CA VAL E 93 10.74 -21.67 65.33
C VAL E 93 11.07 -21.84 63.85
N VAL E 94 10.82 -23.02 63.27
CA VAL E 94 11.27 -23.32 61.91
C VAL E 94 10.44 -24.51 61.43
N LEU E 95 10.40 -24.69 60.10
CA LEU E 95 9.73 -25.81 59.42
C LEU E 95 8.21 -25.81 59.68
N ASP E 96 7.59 -24.64 59.53
CA ASP E 96 6.14 -24.55 59.56
C ASP E 96 5.58 -24.00 58.26
N ILE E 97 6.06 -22.84 57.81
CA ILE E 97 5.64 -22.27 56.53
C ILE E 97 6.70 -22.44 55.45
N GLY E 98 7.97 -22.63 55.82
CA GLY E 98 9.01 -22.89 54.82
C GLY E 98 8.83 -24.23 54.14
N ILE E 99 8.32 -25.22 54.87
CA ILE E 99 7.98 -26.52 54.30
C ILE E 99 6.83 -26.38 53.30
N ILE E 100 5.79 -25.64 53.68
CA ILE E 100 4.65 -25.41 52.79
C ILE E 100 5.07 -24.54 51.60
N SER E 101 6.02 -23.62 51.82
CA SER E 101 6.49 -22.76 50.73
C SER E 101 7.29 -23.57 49.71
N VAL E 102 8.20 -24.43 50.16
CA VAL E 102 8.96 -25.22 49.20
C VAL E 102 8.09 -26.30 48.56
N TRP E 103 7.05 -26.75 49.27
CA TRP E 103 6.09 -27.66 48.67
C TRP E 103 5.33 -27.00 47.53
N TYR E 104 4.76 -25.82 47.79
CA TYR E 104 4.01 -25.10 46.77
C TYR E 104 4.90 -24.57 45.65
N PHE E 105 6.18 -24.30 45.94
CA PHE E 105 7.08 -23.80 44.91
C PHE E 105 7.83 -24.89 44.16
N LEU E 106 7.78 -26.13 44.63
CA LEU E 106 8.47 -27.21 43.92
C LEU E 106 7.55 -28.28 43.35
N VAL E 107 6.58 -28.77 44.13
CA VAL E 107 5.74 -29.86 43.66
C VAL E 107 4.69 -29.34 42.68
N MET E 108 4.15 -28.15 42.95
CA MET E 108 3.09 -27.60 42.10
C MET E 108 3.54 -27.21 40.69
N PRO E 109 4.57 -26.37 40.46
CA PRO E 109 4.75 -25.75 39.10
C PRO E 109 5.02 -26.71 37.93
N PRO E 110 5.73 -27.86 38.06
CA PRO E 110 5.81 -28.72 36.87
C PRO E 110 4.50 -29.40 36.52
N ILE E 111 3.69 -29.79 37.52
CA ILE E 111 2.40 -30.37 37.22
C ILE E 111 1.45 -29.31 36.66
N ILE E 112 1.57 -28.06 37.13
CA ILE E 112 0.76 -26.97 36.60
C ILE E 112 1.12 -26.67 35.15
N MET E 113 2.42 -26.57 34.84
CA MET E 113 2.85 -26.34 33.47
C MET E 113 2.55 -27.55 32.58
N ASN E 114 2.57 -28.75 33.14
CA ASN E 114 2.23 -29.95 32.37
C ASN E 114 0.75 -29.96 32.01
N TRP E 115 -0.12 -29.58 32.96
CA TRP E 115 -1.54 -29.41 32.67
C TRP E 115 -1.80 -28.28 31.70
N LEU E 116 -0.95 -27.25 31.69
CA LEU E 116 -1.04 -26.24 30.65
C LEU E 116 -0.63 -26.78 29.28
N ARG E 117 0.30 -27.73 29.25
CA ARG E 117 0.73 -28.32 27.99
C ARG E 117 -0.29 -29.32 27.45
N VAL E 118 -0.62 -30.34 28.26
CA VAL E 118 -1.41 -31.46 27.75
C VAL E 118 -2.89 -31.12 27.55
N ARG E 119 -3.36 -30.01 28.11
CA ARG E 119 -4.74 -29.59 27.95
C ARG E 119 -4.81 -28.25 27.23
N TRP E 120 -3.92 -28.04 26.26
CA TRP E 120 -3.90 -26.78 25.53
C TRP E 120 -5.03 -26.68 24.53
N TYR E 121 -5.43 -27.82 23.94
CA TYR E 121 -6.54 -27.83 23.00
C TYR E 121 -7.75 -28.59 23.53
N ARG E 122 -7.55 -29.65 24.30
CA ARG E 122 -8.66 -30.44 24.86
C ARG E 122 -9.21 -29.66 26.04
N ARG E 123 -10.13 -28.74 25.74
CA ARG E 123 -10.70 -27.87 26.76
C ARG E 123 -11.99 -27.24 26.24
N LYS E 124 -12.95 -27.09 27.13
CA LYS E 124 -14.05 -26.15 26.92
C LYS E 124 -13.56 -24.75 27.27
N PHE E 125 -14.29 -23.72 26.83
CA PHE E 125 -13.99 -22.37 27.31
C PHE E 125 -14.27 -22.22 28.80
N PHE E 126 -15.16 -23.07 29.35
CA PHE E 126 -15.23 -23.24 30.79
C PHE E 126 -13.92 -23.81 31.35
N GLU E 127 -13.35 -24.80 30.66
CA GLU E 127 -12.10 -25.38 31.11
C GLU E 127 -10.93 -24.41 30.91
N MET E 128 -10.89 -23.70 29.78
CA MET E 128 -9.88 -22.66 29.59
C MET E 128 -10.04 -21.51 30.58
N TYR E 129 -11.28 -21.24 30.98
CA TYR E 129 -11.57 -20.22 31.98
C TYR E 129 -10.98 -20.60 33.34
N LEU E 130 -11.23 -21.84 33.78
CA LEU E 130 -10.69 -22.27 35.07
C LEU E 130 -9.17 -22.50 35.00
N GLN E 131 -8.64 -22.87 33.84
CA GLN E 131 -7.18 -22.97 33.70
C GLN E 131 -6.52 -21.60 33.71
N PHE E 132 -7.17 -20.59 33.14
CA PHE E 132 -6.66 -19.23 33.22
C PHE E 132 -6.68 -18.72 34.66
N MET E 133 -7.75 -19.05 35.39
CA MET E 133 -7.80 -18.69 36.82
C MET E 133 -6.73 -19.41 37.62
N PHE E 134 -6.46 -20.68 37.28
CA PHE E 134 -5.41 -21.44 37.97
C PHE E 134 -4.02 -20.88 37.69
N VAL E 135 -3.71 -20.60 36.42
CA VAL E 135 -2.38 -20.07 36.10
C VAL E 135 -2.23 -18.63 36.59
N PHE E 136 -3.34 -17.91 36.80
CA PHE E 136 -3.26 -16.62 37.45
C PHE E 136 -2.97 -16.77 38.94
N MET E 137 -3.59 -17.75 39.59
CA MET E 137 -3.35 -17.97 41.01
C MET E 137 -1.94 -18.51 41.26
N PHE E 138 -1.36 -19.21 40.29
CA PHE E 138 -0.21 -20.07 40.56
C PHE E 138 1.04 -19.53 39.85
N PHE E 139 1.23 -18.21 39.86
CA PHE E 139 2.28 -17.63 39.02
C PHE E 139 3.70 -17.79 39.56
N PRO E 140 4.07 -17.29 40.76
CA PRO E 140 5.51 -17.11 41.04
C PRO E 140 6.26 -18.39 41.34
N GLY E 141 5.60 -19.55 41.41
CA GLY E 141 6.30 -20.81 41.46
C GLY E 141 6.92 -21.24 40.15
N LEU E 142 6.51 -20.64 39.04
CA LEU E 142 6.97 -21.00 37.71
C LEU E 142 8.28 -20.32 37.32
N LEU E 143 9.03 -19.79 38.29
CA LEU E 143 10.25 -19.06 37.98
C LEU E 143 11.44 -19.99 37.77
N LEU E 144 11.47 -21.14 38.45
CA LEU E 144 12.53 -22.11 38.22
C LEU E 144 12.23 -23.03 37.04
N TRP E 145 11.00 -23.02 36.53
CA TRP E 145 10.62 -23.82 35.38
C TRP E 145 10.47 -23.01 34.10
N ALA E 146 10.72 -21.70 34.14
CA ALA E 146 10.57 -20.89 32.94
C ALA E 146 11.71 -21.05 31.93
N PRO E 147 13.01 -20.98 32.29
CA PRO E 147 14.03 -21.18 31.25
C PRO E 147 14.24 -22.62 30.84
N PHE E 148 13.95 -23.59 31.70
CA PHE E 148 14.21 -25.00 31.43
C PHE E 148 13.03 -25.59 30.68
N LEU E 149 13.33 -26.34 29.62
CA LEU E 149 12.29 -26.94 28.77
C LEU E 149 12.91 -28.16 28.09
N ASN E 150 12.53 -29.36 28.53
CA ASN E 150 13.18 -30.58 28.09
C ASN E 150 12.26 -31.54 27.32
N PHE E 151 11.09 -31.88 27.85
CA PHE E 151 10.16 -32.80 27.19
C PHE E 151 9.08 -31.98 26.49
N ARG E 152 9.42 -31.42 25.31
CA ARG E 152 8.38 -30.66 24.56
C ARG E 152 8.81 -30.41 23.11
N LYS E 153 9.21 -31.32 22.42
CA LYS E 153 9.14 -31.28 20.97
C LYS E 153 9.59 -32.60 20.37
N PHE E 154 8.64 -33.50 20.13
CA PHE E 154 8.84 -34.69 19.32
C PHE E 154 7.51 -35.21 18.76
N PRO E 155 6.89 -34.52 17.78
CA PRO E 155 5.58 -34.99 17.30
C PRO E 155 5.67 -36.03 16.19
N ARG E 156 6.59 -36.96 16.31
CA ARG E 156 6.87 -38.02 15.33
C ARG E 156 7.39 -39.22 16.11
N ASP E 157 8.06 -40.13 15.41
CA ASP E 157 9.02 -41.05 16.02
C ASP E 157 10.39 -40.91 15.34
N PRO E 158 11.07 -39.76 15.52
CA PRO E 158 12.27 -39.49 14.72
C PRO E 158 13.55 -40.00 15.38
N ASN E 159 14.67 -39.76 14.73
CA ASN E 159 15.99 -40.07 15.28
C ASN E 159 16.83 -38.82 15.33
N MET E 160 17.71 -38.74 16.33
CA MET E 160 18.57 -37.57 16.53
C MET E 160 19.67 -37.59 15.47
N LYS E 161 19.35 -37.06 14.29
CA LYS E 161 20.24 -37.07 13.14
C LYS E 161 21.08 -35.81 13.05
N ASN E 162 21.24 -35.08 14.15
CA ASN E 162 22.02 -33.84 14.17
C ASN E 162 23.52 -34.08 14.06
N GLY F 87 2.69 23.07 8.67
CA GLY F 87 2.73 23.23 10.11
C GLY F 87 3.88 24.11 10.58
N GLN F 88 4.81 23.52 11.32
CA GLN F 88 6.02 24.22 11.73
C GLN F 88 7.30 23.61 11.18
N TRP F 89 7.33 22.30 10.92
CA TRP F 89 8.52 21.69 10.34
C TRP F 89 8.49 21.93 8.82
N LEU F 90 9.54 22.57 8.32
CA LEU F 90 9.69 22.86 6.89
C LEU F 90 11.10 22.40 6.51
N SER F 91 11.24 21.13 6.17
CA SER F 91 12.54 20.55 5.88
C SER F 91 12.39 19.38 4.93
N SER F 92 13.51 19.03 4.29
CA SER F 92 13.64 17.81 3.49
C SER F 92 14.81 17.04 4.06
N VAL F 93 14.53 16.15 5.02
CA VAL F 93 15.54 15.51 5.85
C VAL F 93 15.73 14.08 5.36
N THR F 94 16.95 13.77 4.91
CA THR F 94 17.33 12.43 4.48
C THR F 94 18.56 11.98 5.26
N ARG F 95 19.18 10.87 4.85
CA ARG F 95 20.48 10.51 5.41
C ARG F 95 21.55 11.51 4.99
N HIS F 96 22.33 11.97 5.98
CA HIS F 96 23.51 12.84 5.86
C HIS F 96 23.19 14.27 5.42
N VAL F 97 21.92 14.55 5.11
CA VAL F 97 21.45 15.89 4.75
C VAL F 97 20.15 16.14 5.49
N ARG F 98 20.15 17.14 6.37
CA ARG F 98 18.94 17.56 7.08
C ARG F 98 18.93 19.08 7.05
N ILE F 99 17.84 19.66 6.54
CA ILE F 99 17.77 21.11 6.38
C ILE F 99 17.66 21.79 7.75
N TYR F 100 16.54 21.55 8.44
CA TYR F 100 16.31 21.97 9.84
C TYR F 100 16.47 23.47 10.04
N ALA F 101 15.64 24.24 9.34
CA ALA F 101 15.64 25.69 9.45
C ALA F 101 14.96 26.08 10.76
N ALA F 102 15.72 26.03 11.84
CA ALA F 102 15.20 26.31 13.17
C ALA F 102 16.29 26.97 14.01
N TYR F 103 15.91 27.43 15.20
CA TYR F 103 16.85 28.04 16.14
C TYR F 103 17.61 26.92 16.84
N ILE F 104 18.64 26.41 16.18
CA ILE F 104 19.45 25.31 16.71
C ILE F 104 20.91 25.76 16.65
N ASP F 105 21.35 26.45 17.70
CA ASP F 105 22.78 26.82 17.80
C ASP F 105 23.56 25.57 18.24
N PRO F 106 23.20 24.85 19.32
CA PRO F 106 23.85 23.58 19.67
C PRO F 106 23.03 22.42 19.09
N GLU F 107 22.61 21.48 19.95
CA GLU F 107 21.82 20.31 19.48
C GLU F 107 20.36 20.45 19.94
N THR F 108 20.11 21.24 20.99
CA THR F 108 18.75 21.39 21.51
C THR F 108 17.90 22.07 20.44
N CYS F 109 16.87 21.36 19.96
CA CYS F 109 16.01 21.90 18.93
C CYS F 109 15.05 22.93 19.50
N GLU F 110 14.47 23.72 18.61
CA GLU F 110 13.51 24.74 19.00
C GLU F 110 12.41 24.87 17.95
N SER F 114 11.63 29.96 17.63
CA SER F 114 11.76 28.52 17.47
C SER F 114 12.27 28.15 16.08
N GLN F 115 11.52 28.54 15.06
CA GLN F 115 11.87 28.30 13.67
C GLN F 115 12.18 29.63 13.00
N MET F 116 13.27 29.66 12.24
CA MET F 116 13.74 30.90 11.64
C MET F 116 14.40 30.58 10.30
N ASP F 117 15.17 31.55 9.78
CA ASP F 117 15.90 31.40 8.53
C ASP F 117 17.29 30.78 8.72
N LYS F 118 17.60 30.31 9.93
CA LYS F 118 18.89 29.69 10.22
C LYS F 118 18.78 28.20 9.90
N LEU F 119 19.26 27.83 8.71
CA LEU F 119 19.22 26.44 8.24
C LEU F 119 20.39 25.69 8.87
N THR F 120 20.09 24.77 9.79
CA THR F 120 21.11 24.07 10.56
C THR F 120 21.32 22.69 9.94
N LEU F 121 22.37 22.57 9.13
CA LEU F 121 22.61 21.36 8.36
C LEU F 121 23.16 20.25 9.25
N ILE F 122 22.29 19.40 9.77
CA ILE F 122 22.72 18.24 10.54
C ILE F 122 23.15 17.14 9.58
N LEU F 123 24.40 16.70 9.73
CA LEU F 123 25.00 15.70 8.85
C LEU F 123 25.32 14.46 9.65
N ASP F 124 25.15 13.28 9.03
CA ASP F 124 25.40 11.93 9.55
C ASP F 124 24.67 11.67 10.86
N PRO F 125 23.35 11.48 10.87
CA PRO F 125 22.70 11.10 12.13
C PRO F 125 22.95 9.66 12.54
N THR F 126 23.24 8.78 11.57
CA THR F 126 23.23 7.34 11.81
C THR F 126 24.63 6.73 11.97
N GLU F 127 25.68 7.54 11.93
CA GLU F 127 27.08 7.12 12.01
C GLU F 127 27.43 6.10 10.92
N GLU F 128 27.25 6.53 9.67
CA GLU F 128 27.37 5.66 8.52
C GLU F 128 28.76 5.70 7.88
N PHE F 129 29.44 6.83 7.92
CA PHE F 129 30.76 6.97 7.31
C PHE F 129 31.77 7.50 8.34
N VAL F 130 32.96 7.84 7.86
CA VAL F 130 34.03 8.31 8.73
C VAL F 130 33.79 9.76 9.15
N TRP F 131 33.72 10.66 8.15
CA TRP F 131 33.42 12.09 8.31
C TRP F 131 34.45 12.79 9.20
N ASP F 132 35.68 12.87 8.68
CA ASP F 132 36.71 13.67 9.30
C ASP F 132 36.35 15.15 9.26
N ASP F 133 36.87 15.91 10.24
CA ASP F 133 36.42 17.28 10.48
C ASP F 133 36.82 18.24 9.36
N GLU F 134 37.99 18.04 8.75
CA GLU F 134 38.39 18.88 7.63
C GLU F 134 37.54 18.61 6.41
N SER F 135 37.21 17.34 6.16
CA SER F 135 36.33 17.00 5.04
C SER F 135 34.90 17.45 5.31
N CYS F 136 34.47 17.43 6.57
CA CYS F 136 33.16 18.00 6.93
C CYS F 136 33.14 19.50 6.69
N ASN F 137 34.24 20.19 7.00
CA ASN F 137 34.33 21.62 6.71
C ASN F 137 34.32 21.89 5.21
N LYS F 138 34.95 21.01 4.42
CA LYS F 138 34.92 21.15 2.96
C LYS F 138 33.52 20.97 2.41
N VAL F 139 32.81 19.94 2.87
CA VAL F 139 31.44 19.70 2.41
C VAL F 139 30.49 20.81 2.87
N TYR F 140 30.70 21.34 4.08
CA TYR F 140 29.86 22.44 4.56
C TYR F 140 30.13 23.73 3.78
N SER F 141 31.39 23.98 3.40
CA SER F 141 31.70 25.15 2.59
C SER F 141 31.15 25.00 1.18
N TYR F 142 31.18 23.77 0.64
CA TYR F 142 30.59 23.52 -0.67
C TYR F 142 29.08 23.71 -0.64
N PHE F 143 28.43 23.28 0.44
CA PHE F 143 26.99 23.48 0.58
C PHE F 143 26.65 24.96 0.76
N GLN F 144 27.53 25.70 1.44
CA GLN F 144 27.33 27.14 1.59
C GLN F 144 27.45 27.86 0.24
N GLU F 145 28.40 27.44 -0.59
CA GLU F 145 28.53 28.03 -1.92
C GLU F 145 27.37 27.65 -2.82
N LEU F 146 26.85 26.41 -2.66
CA LEU F 146 25.71 25.99 -3.46
C LEU F 146 24.42 26.71 -3.05
N VAL F 147 24.21 26.92 -1.74
CA VAL F 147 23.02 27.67 -1.34
C VAL F 147 23.18 29.16 -1.58
N ASP F 148 24.42 29.66 -1.72
CA ASP F 148 24.60 31.06 -2.09
C ASP F 148 24.35 31.29 -3.57
N HIS F 149 24.84 30.39 -4.43
CA HIS F 149 24.64 30.56 -5.87
C HIS F 149 23.29 30.06 -6.36
N TYR F 150 22.61 29.21 -5.60
CA TYR F 150 21.33 28.66 -6.02
C TYR F 150 20.13 29.38 -5.44
N GLU F 151 20.33 30.42 -4.64
CA GLU F 151 19.23 31.19 -4.09
C GLU F 151 18.89 32.34 -5.06
N GLY F 152 18.06 33.27 -4.61
CA GLY F 152 17.57 34.32 -5.48
C GLY F 152 16.15 34.05 -5.90
N ALA F 153 15.80 32.75 -6.00
CA ALA F 153 14.40 32.37 -6.32
C ALA F 153 13.68 32.17 -4.99
N PRO F 154 12.33 32.32 -4.91
CA PRO F 154 11.58 32.06 -3.67
C PRO F 154 12.07 30.78 -2.97
N LEU F 155 12.70 30.92 -1.81
CA LEU F 155 13.26 29.75 -1.10
C LEU F 155 12.11 28.90 -0.54
N THR F 156 11.70 27.86 -1.28
CA THR F 156 10.56 27.01 -0.85
C THR F 156 11.06 25.57 -0.72
N GLU F 157 10.15 24.58 -0.64
CA GLU F 157 10.61 23.21 -0.43
C GLU F 157 11.26 22.59 -1.66
N TYR F 158 10.93 23.05 -2.87
CA TYR F 158 11.51 22.46 -4.08
C TYR F 158 13.00 22.77 -4.19
N THR F 159 13.39 23.99 -3.81
CA THR F 159 14.80 24.34 -3.73
C THR F 159 15.50 23.51 -2.65
N LEU F 160 14.78 23.15 -1.59
CA LEU F 160 15.36 22.30 -0.55
C LEU F 160 15.60 20.88 -1.06
N ARG F 161 14.65 20.38 -1.85
CA ARG F 161 14.83 19.03 -2.47
C ARG F 161 16.06 19.12 -3.38
N LEU F 162 16.12 20.13 -4.25
CA LEU F 162 17.22 20.25 -5.21
C LEU F 162 18.57 20.37 -4.52
N ILE F 163 18.63 21.14 -3.42
CA ILE F 163 19.91 21.39 -2.78
C ILE F 163 20.34 20.18 -1.93
N GLY F 164 19.40 19.46 -1.32
CA GLY F 164 19.77 18.23 -0.64
C GLY F 164 20.14 17.13 -1.61
N SER F 165 19.51 17.13 -2.79
CA SER F 165 19.80 16.11 -3.80
C SER F 165 21.20 16.29 -4.38
N ASP F 166 21.55 17.51 -4.82
CA ASP F 166 22.90 17.65 -5.36
C ASP F 166 23.96 17.74 -4.27
N VAL F 167 23.58 18.01 -3.01
CA VAL F 167 24.52 17.83 -1.91
C VAL F 167 24.82 16.35 -1.71
N GLU F 168 23.80 15.49 -1.83
CA GLU F 168 24.06 14.05 -1.76
C GLU F 168 24.84 13.54 -2.95
N HIS F 169 24.66 14.16 -4.12
CA HIS F 169 25.53 13.85 -5.27
C HIS F 169 26.98 14.26 -4.99
N TYR F 170 27.19 15.40 -4.34
CA TYR F 170 28.54 15.84 -4.01
C TYR F 170 29.18 14.92 -2.96
N ILE F 171 28.39 14.47 -1.99
CA ILE F 171 28.90 13.54 -0.98
C ILE F 171 29.22 12.18 -1.61
N ARG F 172 28.39 11.75 -2.57
CA ARG F 172 28.64 10.48 -3.26
C ARG F 172 29.90 10.55 -4.12
N LYS F 173 30.09 11.64 -4.86
CA LYS F 173 31.30 11.78 -5.67
C LYS F 173 32.52 12.10 -4.82
N MET F 174 32.34 12.57 -3.58
CA MET F 174 33.48 12.74 -2.69
C MET F 174 33.89 11.43 -2.05
N LEU F 175 32.92 10.57 -1.70
CA LEU F 175 33.26 9.29 -1.09
C LEU F 175 33.74 8.29 -2.16
N PHE F 176 33.29 8.47 -3.41
CA PHE F 176 33.76 7.61 -4.49
C PHE F 176 35.21 7.91 -4.84
N ASP F 177 35.64 9.15 -4.67
CA ASP F 177 37.05 9.51 -4.86
C ASP F 177 37.88 9.26 -3.61
N GLY F 178 37.29 8.73 -2.54
CA GLY F 178 38.03 8.37 -1.35
C GLY F 178 38.26 9.49 -0.37
N GLU F 179 37.57 10.62 -0.51
CA GLU F 179 37.68 11.67 0.51
C GLU F 179 36.88 11.30 1.75
N ILE F 180 35.83 10.50 1.58
CA ILE F 180 34.99 10.05 2.67
C ILE F 180 35.02 8.52 2.67
N GLN F 181 35.71 7.95 3.66
CA GLN F 181 35.67 6.50 3.84
C GLN F 181 34.39 6.12 4.59
N TYR F 182 34.16 4.82 4.76
CA TYR F 182 33.01 4.36 5.51
C TYR F 182 33.32 4.36 7.01
N ASN F 183 32.44 3.73 7.80
CA ASN F 183 32.59 3.76 9.26
C ASN F 183 32.91 2.40 9.85
N MET F 184 32.05 1.40 9.61
CA MET F 184 32.08 0.08 10.26
C MET F 184 32.11 0.18 11.78
N ASP F 185 31.41 1.17 12.34
CA ASP F 185 31.21 1.27 13.78
C ASP F 185 29.74 1.30 14.17
N ALA F 186 28.83 1.40 13.20
CA ALA F 186 27.40 1.25 13.47
C ALA F 186 27.00 -0.20 13.40
N ARG F 187 25.74 -0.47 13.75
CA ARG F 187 25.23 -1.83 13.81
C ARG F 187 24.65 -2.31 12.48
N VAL F 188 24.83 -1.55 11.40
CA VAL F 188 24.32 -1.96 10.10
C VAL F 188 25.46 -2.07 9.10
N LEU F 189 26.09 -0.93 8.78
CA LEU F 189 27.12 -0.77 7.73
C LEU F 189 26.66 -1.39 6.41
N ASN F 190 25.57 -0.84 5.86
CA ASN F 190 24.95 -1.43 4.69
C ASN F 190 25.66 -1.14 3.38
N PHE F 191 26.70 -0.30 3.40
CA PHE F 191 27.42 0.18 2.21
C PHE F 191 26.46 0.81 1.20
N SER F 192 25.89 1.95 1.64
CA SER F 192 24.75 2.56 0.98
C SER F 192 25.07 3.08 -0.43
N MET F 193 26.34 3.34 -0.73
CA MET F 193 26.73 3.82 -2.05
C MET F 193 27.47 2.77 -2.87
N GLY F 194 27.35 1.50 -2.51
CA GLY F 194 27.99 0.44 -3.29
C GLY F 194 29.43 0.21 -2.88
N LYS F 195 29.87 -1.04 -3.07
CA LYS F 195 31.23 -1.41 -2.73
C LYS F 195 32.22 -0.85 -3.75
N PRO F 196 33.33 -0.28 -3.29
CA PRO F 196 34.37 0.19 -4.22
C PRO F 196 35.05 -0.97 -4.93
N ARG F 197 35.09 -0.87 -6.25
CA ARG F 197 35.59 -2.01 -7.04
C ARG F 197 37.10 -2.06 -7.13
N VAL F 198 37.63 -2.96 -7.95
CA VAL F 198 39.06 -3.15 -8.11
C VAL F 198 39.59 -2.34 -9.30
N GLN F 199 38.75 -1.52 -9.92
CA GLN F 199 39.15 -0.69 -11.05
C GLN F 199 40.05 0.45 -10.61
N VAL G 58 18.07 -21.05 33.19
CA VAL G 58 18.89 -21.96 32.33
C VAL G 58 19.70 -21.12 31.35
N LYS G 59 21.03 -21.13 31.49
CA LYS G 59 21.92 -20.34 30.59
C LYS G 59 23.31 -20.98 30.57
N PRO G 60 23.68 -21.87 29.59
CA PRO G 60 24.95 -22.63 29.67
C PRO G 60 26.12 -21.92 30.36
N ASP G 61 26.49 -20.72 29.89
CA ASP G 61 27.67 -19.98 30.43
C ASP G 61 28.89 -20.92 30.39
N ILE G 62 28.93 -21.84 29.42
CA ILE G 62 30.05 -22.80 29.30
C ILE G 62 30.78 -22.43 28.01
N GLY G 63 31.95 -21.81 28.13
CA GLY G 63 32.71 -21.38 26.94
C GLY G 63 33.27 -22.56 26.18
N GLN G 64 32.66 -23.75 26.32
CA GLN G 64 33.13 -24.86 25.51
C GLN G 64 32.90 -24.65 24.02
N TRP G 65 31.92 -23.83 23.65
CA TRP G 65 31.75 -23.46 22.25
C TRP G 65 32.89 -22.60 21.75
N LEU G 66 33.45 -21.75 22.63
CA LEU G 66 34.63 -20.98 22.28
C LEU G 66 35.84 -21.89 22.10
N GLN G 67 35.95 -22.94 22.94
CA GLN G 67 37.02 -23.92 22.77
C GLN G 67 36.85 -24.71 21.48
N ASP G 68 35.60 -24.98 21.08
CA ASP G 68 35.34 -25.65 19.82
C ASP G 68 35.68 -24.76 18.64
N VAL G 69 35.38 -23.46 18.74
CA VAL G 69 35.64 -22.55 17.64
C VAL G 69 37.12 -22.19 17.54
N GLU G 70 37.87 -22.35 18.63
CA GLU G 70 39.31 -22.16 18.54
C GLU G 70 40.05 -23.46 18.29
N GLU G 71 39.40 -24.60 18.44
CA GLU G 71 40.01 -25.90 18.13
C GLU G 71 39.60 -26.41 16.75
N HIS G 72 38.30 -26.54 16.51
CA HIS G 72 37.82 -27.04 15.23
C HIS G 72 37.47 -25.94 14.24
N LYS G 73 36.92 -24.82 14.72
CA LYS G 73 36.54 -23.64 13.96
C LYS G 73 35.51 -23.93 12.86
N ALA G 74 34.75 -25.01 12.99
CA ALA G 74 33.68 -25.33 12.05
C ALA G 74 32.67 -26.17 12.81
N ILE G 75 31.62 -25.52 13.32
CA ILE G 75 30.64 -26.18 14.18
C ILE G 75 29.24 -25.83 13.70
N ALA G 76 28.39 -26.83 13.54
CA ALA G 76 26.99 -26.63 13.19
C ALA G 76 26.21 -26.25 14.45
N ILE G 77 25.66 -25.05 14.46
CA ILE G 77 24.96 -24.52 15.64
C ILE G 77 23.52 -25.01 15.55
N TYR G 78 23.26 -26.17 16.16
CA TYR G 78 21.91 -26.74 16.19
C TYR G 78 21.12 -26.03 17.28
N ALA G 79 20.32 -25.03 16.88
CA ALA G 79 19.59 -24.19 17.80
C ALA G 79 18.29 -23.74 17.13
N PRO G 80 17.17 -23.68 17.89
CA PRO G 80 15.87 -23.45 17.24
C PRO G 80 15.64 -22.01 16.79
N HIS G 81 14.41 -21.72 16.36
CA HIS G 81 13.95 -20.36 16.16
C HIS G 81 13.32 -19.77 17.41
N GLU G 82 13.67 -20.30 18.59
CA GLU G 82 13.13 -19.84 19.86
C GLU G 82 13.92 -18.64 20.37
N GLY G 83 13.78 -17.53 19.65
CA GLY G 83 14.44 -16.30 20.03
C GLY G 83 15.94 -16.30 19.77
N GLY G 84 16.60 -15.30 20.34
CA GLY G 84 18.02 -15.11 20.16
C GLY G 84 18.87 -15.81 21.21
N TYR G 85 18.93 -17.14 21.15
CA TYR G 85 19.82 -17.93 22.00
C TYR G 85 21.03 -18.42 21.23
N GLU G 86 21.51 -17.65 20.27
CA GLU G 86 22.55 -18.09 19.35
C GLU G 86 23.73 -17.13 19.34
N GLY G 87 23.45 -15.84 19.44
CA GLY G 87 24.48 -14.83 19.39
C GLY G 87 25.24 -14.62 20.68
N ARG G 88 24.88 -15.30 21.77
CA ARG G 88 25.59 -15.13 23.03
C ARG G 88 27.02 -15.66 22.95
N TYR G 89 27.24 -16.74 22.22
CA TYR G 89 28.61 -17.18 22.01
C TYR G 89 29.30 -16.31 20.97
N LEU G 90 28.54 -15.76 20.03
CA LEU G 90 29.08 -14.73 19.13
C LEU G 90 29.42 -13.46 19.89
N ASN G 91 28.64 -13.13 20.92
CA ASN G 91 28.97 -11.99 21.77
C ASN G 91 30.19 -12.27 22.62
N ARG G 92 30.40 -13.52 23.04
CA ARG G 92 31.61 -13.85 23.78
C ARG G 92 32.84 -13.88 22.89
N LEU G 93 32.66 -14.24 21.61
CA LEU G 93 33.78 -14.13 20.67
C LEU G 93 34.08 -12.67 20.35
N LYS G 94 33.04 -11.82 20.30
CA LYS G 94 33.25 -10.40 20.05
C LYS G 94 33.89 -9.70 21.24
N MET G 95 33.57 -10.13 22.47
CA MET G 95 34.18 -9.55 23.66
C MET G 95 35.61 -10.03 23.89
N GLN G 96 36.06 -11.05 23.16
CA GLN G 96 37.42 -11.53 23.23
C GLN G 96 38.38 -10.73 22.36
N GLY G 97 37.89 -9.71 21.66
CA GLY G 97 38.70 -8.89 20.78
C GLY G 97 38.54 -9.21 19.31
N TYR G 98 37.74 -10.22 18.97
CA TYR G 98 37.57 -10.61 17.58
C TYR G 98 36.56 -9.71 16.89
N TYR G 99 36.40 -9.91 15.59
CA TYR G 99 35.39 -9.23 14.79
C TYR G 99 34.57 -10.26 14.02
N PHE G 100 33.25 -10.15 14.11
CA PHE G 100 32.34 -11.12 13.51
C PHE G 100 31.46 -10.42 12.48
N LEU G 101 31.44 -10.96 11.27
CA LEU G 101 30.55 -10.49 10.21
C LEU G 101 29.64 -11.63 9.78
N ASP G 102 28.64 -11.29 9.00
CA ASP G 102 27.52 -12.17 8.73
C ASP G 102 27.47 -12.62 7.27
N ILE G 103 26.90 -13.81 7.08
CA ILE G 103 26.59 -14.33 5.75
C ILE G 103 25.42 -15.29 5.90
N SER G 104 24.81 -15.64 4.77
CA SER G 104 23.71 -16.60 4.76
C SER G 104 23.78 -17.43 3.49
N ALA G 105 23.64 -18.75 3.65
CA ALA G 105 23.72 -19.69 2.54
C ALA G 105 22.37 -19.93 1.87
N ARG G 106 21.35 -19.13 2.18
CA ARG G 106 20.04 -19.29 1.54
C ARG G 106 20.05 -18.74 0.13
N GLY G 107 21.00 -17.88 -0.20
CA GLY G 107 21.14 -17.39 -1.55
C GLY G 107 22.59 -17.22 -1.97
N LEU G 108 23.49 -17.89 -1.26
CA LEU G 108 24.92 -17.84 -1.56
C LEU G 108 25.28 -19.07 -2.39
N GLY G 109 25.58 -18.85 -3.66
CA GLY G 109 26.00 -19.91 -4.56
C GLY G 109 27.45 -19.72 -4.96
N ASP G 110 28.15 -20.85 -5.18
CA ASP G 110 29.61 -20.95 -5.39
C ASP G 110 30.33 -20.23 -4.26
N PRO G 111 30.37 -20.82 -3.06
CA PRO G 111 30.85 -20.05 -1.89
C PRO G 111 32.34 -19.77 -1.90
N GLU G 112 33.17 -20.67 -2.45
CA GLU G 112 34.59 -20.38 -2.58
C GLU G 112 34.84 -19.33 -3.66
N THR G 113 33.96 -19.25 -4.66
CA THR G 113 34.06 -18.23 -5.69
C THR G 113 33.48 -16.90 -5.24
N THR G 114 32.82 -16.86 -4.09
CA THR G 114 32.31 -15.61 -3.54
C THR G 114 33.18 -15.08 -2.41
N LEU G 115 33.76 -15.97 -1.58
CA LEU G 115 34.63 -15.50 -0.51
C LEU G 115 35.97 -15.02 -1.05
N LEU G 116 36.38 -15.53 -2.21
CA LEU G 116 37.63 -15.11 -2.83
C LEU G 116 37.39 -14.71 -4.28
N LYS G 117 38.47 -14.53 -5.03
CA LYS G 117 38.52 -14.44 -6.51
C LYS G 117 37.71 -13.28 -7.10
N ASN G 118 37.33 -12.31 -6.24
CA ASN G 118 36.63 -11.04 -6.56
C ASN G 118 35.46 -11.24 -7.53
N TYR G 119 34.42 -11.89 -6.99
CA TYR G 119 33.19 -12.17 -7.72
C TYR G 119 32.55 -10.87 -8.24
N PRO G 120 31.88 -10.94 -9.39
CA PRO G 120 31.49 -9.70 -10.08
C PRO G 120 30.35 -8.97 -9.39
N VAL G 121 30.33 -7.64 -9.57
CA VAL G 121 29.31 -6.82 -8.96
C VAL G 121 27.97 -7.00 -9.68
N CYS G 122 27.96 -6.73 -11.00
CA CYS G 122 26.80 -6.79 -11.91
C CYS G 122 25.63 -5.98 -11.36
N PRO G 123 25.68 -4.65 -11.46
CA PRO G 123 24.59 -3.83 -10.92
C PRO G 123 23.30 -4.01 -11.72
N ALA G 124 22.20 -4.24 -11.01
CA ALA G 124 20.92 -4.55 -11.63
C ALA G 124 20.33 -3.28 -12.22
N HIS G 125 20.48 -3.10 -13.52
CA HIS G 125 19.84 -1.97 -14.19
C HIS G 125 18.35 -2.27 -14.41
N LEU G 126 17.54 -1.24 -14.22
CA LEU G 126 16.09 -1.38 -14.40
C LEU G 126 15.66 -1.00 -15.81
N GLY G 127 16.29 -1.62 -16.81
CA GLY G 127 16.00 -1.32 -18.19
C GLY G 127 16.49 0.03 -18.67
N LYS G 128 17.37 0.68 -17.93
CA LYS G 128 17.90 1.99 -18.31
C LYS G 128 19.40 1.99 -18.50
N GLN G 129 20.14 1.46 -17.52
CA GLN G 129 21.63 1.45 -17.57
C GLN G 129 22.13 0.23 -18.35
N PRO G 130 23.42 0.11 -18.71
CA PRO G 130 23.94 -1.11 -19.34
C PRO G 130 24.35 -2.20 -18.34
N ILE G 131 24.98 -3.28 -18.83
CA ILE G 131 25.41 -4.42 -17.95
C ILE G 131 26.44 -3.92 -16.95
N ALA G 132 27.50 -3.24 -17.43
CA ALA G 132 28.58 -2.74 -16.57
C ALA G 132 29.17 -3.85 -15.69
N ARG G 133 29.77 -4.83 -16.35
CA ARG G 133 30.29 -6.03 -15.68
C ARG G 133 31.56 -5.67 -14.92
N TRP G 134 31.38 -5.13 -13.72
CA TRP G 134 32.49 -4.78 -12.86
C TRP G 134 32.74 -5.88 -11.84
N TYR G 135 33.93 -5.85 -11.24
CA TYR G 135 34.38 -6.89 -10.31
C TYR G 135 34.35 -6.34 -8.89
N TYR G 136 33.40 -6.82 -8.10
CA TYR G 136 33.31 -6.42 -6.70
C TYR G 136 34.40 -7.11 -5.90
N PRO G 137 34.84 -6.51 -4.78
CA PRO G 137 35.87 -7.16 -3.97
C PRO G 137 35.34 -8.40 -3.28
N PRO G 138 36.21 -9.34 -2.86
CA PRO G 138 35.72 -10.60 -2.29
C PRO G 138 35.05 -10.44 -0.94
N GLU G 139 34.46 -11.54 -0.46
CA GLU G 139 33.71 -11.49 0.79
C GLU G 139 34.64 -11.49 2.00
N VAL G 140 35.49 -12.51 2.13
CA VAL G 140 36.34 -12.63 3.31
C VAL G 140 37.74 -12.07 3.10
N ASP G 141 38.19 -11.88 1.86
CA ASP G 141 39.46 -11.21 1.65
C ASP G 141 39.35 -9.73 1.97
N TYR G 142 38.24 -9.10 1.57
CA TYR G 142 37.99 -7.72 1.98
C TYR G 142 37.65 -7.64 3.46
N ARG G 143 37.13 -8.73 4.03
CA ARG G 143 36.88 -8.76 5.47
C ARG G 143 38.17 -8.89 6.27
N LEU G 144 39.16 -9.61 5.73
CA LEU G 144 40.49 -9.56 6.30
C LEU G 144 41.14 -8.20 6.07
N ALA G 145 40.78 -7.54 4.95
CA ALA G 145 41.14 -6.15 4.75
C ALA G 145 40.29 -5.19 5.58
N ALA G 146 39.23 -5.67 6.21
CA ALA G 146 38.38 -4.86 7.10
C ALA G 146 38.77 -5.03 8.56
N LEU G 147 40.05 -5.25 8.84
CA LEU G 147 40.58 -5.26 10.21
C LEU G 147 41.65 -4.19 10.32
N PRO G 148 41.28 -2.95 10.64
CA PRO G 148 42.29 -1.87 10.72
C PRO G 148 43.23 -1.96 11.91
N PRO G 149 42.81 -2.36 13.18
CA PRO G 149 43.86 -2.51 14.20
C PRO G 149 44.57 -3.85 14.11
N SER G 150 45.52 -4.07 15.01
CA SER G 150 46.25 -5.32 15.06
C SER G 150 45.80 -6.26 16.18
N ALA G 151 44.97 -5.78 17.11
CA ALA G 151 44.56 -6.59 18.24
C ALA G 151 43.48 -7.60 17.87
N LYS G 152 42.86 -7.48 16.69
CA LYS G 152 41.86 -8.42 16.25
C LYS G 152 42.52 -9.75 15.91
N GLY G 153 42.25 -10.78 16.71
CA GLY G 153 42.96 -12.03 16.56
C GLY G 153 42.45 -12.86 15.39
N LEU G 154 41.15 -12.80 15.10
CA LEU G 154 40.58 -13.60 14.03
C LEU G 154 39.34 -12.88 13.49
N VAL G 155 38.77 -13.45 12.44
CA VAL G 155 37.55 -12.96 11.82
C VAL G 155 36.54 -14.08 11.81
N VAL G 156 35.40 -13.87 12.46
CA VAL G 156 34.34 -14.86 12.54
C VAL G 156 33.37 -14.65 11.39
N TRP G 157 33.11 -15.70 10.62
CA TRP G 157 32.14 -15.67 9.54
C TRP G 157 30.88 -16.36 10.03
N VAL G 158 29.87 -15.57 10.40
CA VAL G 158 28.64 -16.08 10.98
C VAL G 158 27.70 -16.45 9.83
N LEU G 159 27.46 -17.75 9.65
CA LEU G 159 26.55 -18.23 8.64
C LEU G 159 25.27 -18.72 9.29
N GLU G 160 24.12 -18.29 8.76
CA GLU G 160 22.83 -18.58 9.37
C GLU G 160 21.85 -19.18 8.38
N ALA G 161 22.28 -20.19 7.62
CA ALA G 161 21.37 -20.94 6.74
C ALA G 161 21.96 -22.34 6.54
N LYS G 162 21.41 -23.31 7.27
CA LYS G 162 21.83 -24.70 7.12
C LYS G 162 21.08 -25.43 6.03
N VAL G 163 19.89 -24.96 5.66
CA VAL G 163 19.15 -25.56 4.56
C VAL G 163 19.57 -24.92 3.24
N LEU G 164 19.27 -25.62 2.14
CA LEU G 164 19.64 -25.25 0.77
C LEU G 164 21.15 -25.03 0.65
N SER G 165 21.91 -25.84 1.39
CA SER G 165 23.39 -25.75 1.34
C SER G 165 23.95 -27.15 1.12
N LYS G 166 24.35 -27.47 -0.11
CA LYS G 166 24.88 -28.82 -0.44
C LYS G 166 25.96 -29.20 0.57
N SER G 167 25.90 -30.41 1.13
CA SER G 167 26.95 -30.87 2.07
C SER G 167 28.32 -30.76 1.41
N GLU G 168 28.40 -31.03 0.10
CA GLU G 168 29.68 -30.88 -0.63
C GLU G 168 30.17 -29.43 -0.51
N LEU G 169 29.28 -28.46 -0.75
CA LEU G 169 29.67 -27.06 -0.68
C LEU G 169 29.90 -26.60 0.76
N GLN G 170 29.24 -27.24 1.72
CA GLN G 170 29.52 -26.93 3.13
C GLN G 170 30.90 -27.43 3.53
N PHE G 171 31.31 -28.60 3.02
CA PHE G 171 32.68 -29.07 3.22
C PHE G 171 33.69 -28.17 2.51
N LEU G 172 33.32 -27.66 1.33
CA LEU G 172 34.18 -26.71 0.63
C LEU G 172 34.33 -25.41 1.40
N ALA G 173 33.26 -24.95 2.05
CA ALA G 173 33.34 -23.74 2.86
C ALA G 173 34.08 -23.98 4.17
N LEU G 174 34.08 -25.23 4.65
CA LEU G 174 34.89 -25.54 5.85
C LEU G 174 36.37 -25.51 5.44
N LEU G 175 36.64 -25.60 4.13
CA LEU G 175 38.05 -25.54 3.64
C LEU G 175 38.64 -24.15 3.91
N PRO G 176 38.09 -22.99 3.46
CA PRO G 176 38.59 -21.66 3.85
C PRO G 176 38.44 -21.32 5.33
N SER G 177 37.95 -22.23 6.16
CA SER G 177 37.99 -21.98 7.62
C SER G 177 39.36 -22.47 8.05
N LEU G 178 39.97 -23.34 7.23
CA LEU G 178 41.34 -23.85 7.51
C LEU G 178 42.29 -23.34 6.40
N ARG G 179 41.77 -22.77 5.32
CA ARG G 179 42.66 -22.17 4.29
C ARG G 179 43.55 -21.15 5.00
N PRO G 180 43.05 -20.09 5.71
CA PRO G 180 43.97 -19.30 6.53
C PRO G 180 43.90 -19.77 7.98
N ASN G 181 44.18 -18.86 8.93
CA ASN G 181 44.07 -19.20 10.37
C ASN G 181 43.17 -18.16 11.03
N VAL G 182 42.79 -17.12 10.29
CA VAL G 182 41.94 -16.03 10.83
C VAL G 182 40.53 -16.16 10.24
N ARG G 183 40.04 -17.39 10.07
CA ARG G 183 38.66 -17.59 9.56
C ARG G 183 37.91 -18.55 10.49
N VAL G 184 36.79 -18.09 11.06
CA VAL G 184 35.98 -18.93 11.94
C VAL G 184 34.66 -19.19 11.25
N ILE G 185 34.31 -20.46 11.08
CA ILE G 185 33.02 -20.84 10.50
C ILE G 185 32.01 -21.01 11.63
N ALA G 186 30.89 -20.30 11.54
CA ALA G 186 29.85 -20.28 12.56
C ALA G 186 28.50 -20.62 11.94
N GLU G 187 28.47 -21.72 11.18
CA GLU G 187 27.29 -22.13 10.43
C GLU G 187 26.18 -22.63 11.36
N CYS G 188 25.00 -22.81 10.79
CA CYS G 188 23.83 -23.26 11.53
C CYS G 188 23.82 -24.79 11.63
N GLY G 189 22.84 -25.32 12.34
CA GLY G 189 22.76 -26.75 12.57
C GLY G 189 21.37 -27.34 12.36
N ASN G 190 20.62 -26.77 11.41
CA ASN G 190 19.32 -27.25 10.93
C ASN G 190 18.24 -27.24 12.03
N TRP G 191 18.40 -26.35 13.02
CA TRP G 191 17.36 -25.95 13.98
C TRP G 191 16.86 -27.14 14.82
N ARG G 192 17.76 -27.66 15.66
CA ARG G 192 17.36 -28.61 16.68
C ARG G 192 16.60 -27.89 17.80
N LYS G 193 16.03 -28.68 18.72
CA LYS G 193 15.23 -28.10 19.79
C LYS G 193 16.10 -27.46 20.87
N PHE G 194 17.22 -28.10 21.21
CA PHE G 194 18.16 -27.61 22.21
C PHE G 194 19.23 -26.76 21.54
N VAL G 195 20.30 -26.48 22.26
CA VAL G 195 21.46 -25.77 21.73
C VAL G 195 22.60 -26.78 21.65
N TRP G 196 22.85 -27.29 20.45
CA TRP G 196 23.90 -28.27 20.21
C TRP G 196 24.94 -27.70 19.24
N LYS G 197 26.22 -27.95 19.51
CA LYS G 197 27.27 -27.51 18.55
C LYS G 197 28.11 -28.70 18.07
N PRO G 198 27.59 -29.69 17.31
CA PRO G 198 28.43 -30.76 16.76
C PRO G 198 29.34 -30.16 15.68
N LEU G 199 30.47 -30.80 15.41
CA LEU G 199 31.44 -30.20 14.44
C LEU G 199 31.05 -30.58 13.01
N ALA G 200 31.73 -29.99 12.02
CA ALA G 200 31.51 -30.31 10.61
C ALA G 200 31.99 -31.73 10.33
N GLU G 201 31.13 -32.70 10.68
CA GLU G 201 31.43 -34.11 10.47
C GLU G 201 30.66 -34.67 9.28
N ILE G 202 29.38 -34.32 9.15
CA ILE G 202 28.60 -34.72 7.98
C ILE G 202 29.05 -34.00 6.73
N ALA G 203 29.51 -32.76 6.85
CA ALA G 203 30.02 -32.02 5.71
C ALA G 203 31.50 -32.29 5.51
N VAL H 72 11.23 7.24 -42.48
CA VAL H 72 9.87 7.31 -41.97
C VAL H 72 9.86 8.24 -40.75
N TYR H 73 11.06 8.55 -40.26
CA TYR H 73 11.23 9.40 -39.09
C TYR H 73 12.33 10.42 -39.39
N SER H 74 12.78 11.12 -38.35
CA SER H 74 13.75 12.19 -38.50
C SER H 74 15.18 11.71 -38.31
N MET H 75 15.47 11.07 -37.19
CA MET H 75 16.82 10.64 -36.86
C MET H 75 16.78 9.18 -36.44
N LYS H 76 17.93 8.65 -36.01
CA LYS H 76 18.03 7.27 -35.58
C LYS H 76 17.76 7.20 -34.08
N LYS H 77 17.92 6.00 -33.50
CA LYS H 77 17.60 5.76 -32.10
C LYS H 77 18.88 5.40 -31.37
N GLY H 78 19.34 6.29 -30.49
CA GLY H 78 20.50 6.02 -29.67
C GLY H 78 21.57 7.09 -29.73
N GLN H 79 21.23 8.26 -30.24
CA GLN H 79 22.17 9.38 -30.32
C GLN H 79 22.01 10.28 -29.09
N ILE H 80 23.09 10.97 -28.75
CA ILE H 80 23.08 11.85 -27.59
C ILE H 80 22.21 13.07 -27.85
N VAL H 81 21.53 13.54 -26.81
CA VAL H 81 20.61 14.67 -26.91
C VAL H 81 21.19 15.82 -26.10
N ARG H 82 21.56 16.89 -26.78
CA ARG H 82 21.98 18.12 -26.12
C ARG H 82 20.84 19.13 -26.10
N VAL H 83 20.65 19.78 -24.95
CA VAL H 83 19.51 20.65 -24.71
C VAL H 83 20.03 22.01 -24.28
N GLU H 84 19.58 23.06 -24.96
CA GLU H 84 19.80 24.42 -24.48
C GLU H 84 18.56 24.94 -23.79
N LYS H 85 18.73 25.92 -22.90
CA LYS H 85 17.60 26.51 -22.20
C LYS H 85 16.74 27.36 -23.14
N GLU H 86 17.35 27.91 -24.19
CA GLU H 86 16.59 28.68 -25.17
C GLU H 86 15.99 27.76 -26.24
N LYS H 87 16.62 26.61 -26.48
CA LYS H 87 16.19 25.73 -27.57
C LYS H 87 14.93 24.96 -27.20
N TYR H 88 14.69 24.75 -25.91
CA TYR H 88 13.51 24.05 -25.41
C TYR H 88 12.65 25.00 -24.56
N LEU H 89 12.43 26.21 -25.07
CA LEU H 89 11.76 27.25 -24.28
C LEU H 89 10.27 26.99 -24.11
N ASN H 90 9.69 26.03 -24.85
CA ASN H 90 8.30 25.65 -24.64
C ASN H 90 8.10 24.94 -23.31
N SER H 91 9.13 24.24 -22.81
CA SER H 91 9.04 23.43 -21.61
C SER H 91 9.34 24.31 -20.39
N ILE H 92 9.60 23.68 -19.25
CA ILE H 92 9.72 24.37 -17.97
C ILE H 92 11.18 24.60 -17.59
N ASN H 93 12.08 24.70 -18.58
CA ASN H 93 13.52 24.80 -18.36
C ASN H 93 13.98 26.11 -17.72
N TYR H 94 13.09 27.04 -17.41
CA TYR H 94 13.47 28.33 -16.84
C TYR H 94 12.85 28.59 -15.47
N LEU H 95 12.22 27.59 -14.86
CA LEU H 95 11.67 27.76 -13.52
C LEU H 95 12.77 27.72 -12.46
N SER H 96 13.53 26.62 -12.42
CA SER H 96 14.67 26.51 -11.52
C SER H 96 15.82 27.31 -12.12
N VAL H 97 15.80 28.62 -11.86
CA VAL H 97 16.81 29.51 -12.42
C VAL H 97 18.13 29.35 -11.68
N GLY H 98 18.11 29.51 -10.36
CA GLY H 98 19.31 29.39 -9.56
C GLY H 98 19.64 30.68 -8.83
N GLY H 105 17.63 25.59 -8.93
CA GLY H 105 18.97 25.04 -9.04
C GLY H 105 19.42 24.89 -10.48
N LEU H 106 19.69 23.65 -10.89
CA LEU H 106 20.15 23.35 -12.24
C LEU H 106 19.56 22.01 -12.66
N ASP H 107 20.03 21.50 -13.79
CA ASP H 107 19.56 20.22 -14.32
C ASP H 107 20.76 19.45 -14.87
N TYR H 108 20.47 18.34 -15.57
CA TYR H 108 21.50 17.41 -16.02
C TYR H 108 21.36 17.00 -17.48
N ILE H 109 20.20 17.18 -18.10
CA ILE H 109 19.96 16.69 -19.46
C ILE H 109 20.27 17.78 -20.47
N TYR H 110 20.90 18.87 -20.01
CA TYR H 110 21.31 19.92 -20.95
C TYR H 110 22.51 19.49 -21.77
N GLU H 111 23.42 18.72 -21.19
CA GLU H 111 24.56 18.21 -21.93
C GLU H 111 24.17 16.93 -22.68
N ASP H 112 25.15 16.29 -23.31
CA ASP H 112 24.92 15.08 -24.10
C ASP H 112 24.69 13.90 -23.16
N ARG H 113 23.47 13.83 -22.63
CA ARG H 113 23.09 12.81 -21.65
C ARG H 113 21.87 11.99 -22.09
N GLY H 114 20.85 12.64 -22.65
CA GLY H 114 19.68 11.91 -23.10
C GLY H 114 19.97 11.14 -24.39
N GLU H 115 19.33 9.98 -24.50
CA GLU H 115 19.48 9.11 -25.67
C GLU H 115 18.12 8.93 -26.33
N VAL H 116 18.10 8.88 -27.66
CA VAL H 116 16.85 8.72 -28.40
C VAL H 116 16.46 7.25 -28.34
N LEU H 117 15.27 6.95 -27.82
CA LEU H 117 14.81 5.57 -27.66
C LEU H 117 13.72 5.21 -28.66
N ASP H 118 12.94 6.19 -29.11
CA ASP H 118 11.88 5.97 -30.08
C ASP H 118 11.62 7.29 -30.80
N LEU H 119 11.05 7.21 -32.00
CA LEU H 119 10.77 8.40 -32.80
C LEU H 119 9.40 8.26 -33.46
N ARG H 120 8.75 9.39 -33.71
CA ARG H 120 7.49 9.41 -34.43
C ARG H 120 7.44 10.61 -35.36
N GLU H 126 8.28 13.82 -36.45
CA GLU H 126 7.68 14.99 -35.80
C GLU H 126 8.11 15.06 -34.34
N TYR H 127 8.15 13.91 -33.68
CA TYR H 127 8.52 13.81 -32.28
C TYR H 127 9.44 12.63 -32.07
N ALA H 128 10.18 12.66 -30.97
CA ALA H 128 11.13 11.60 -30.65
C ALA H 128 11.16 11.38 -29.15
N LEU H 129 11.20 10.12 -28.75
CA LEU H 129 11.36 9.77 -27.33
C LEU H 129 12.82 9.98 -26.93
N VAL H 130 13.01 10.40 -25.68
CA VAL H 130 14.33 10.66 -25.14
C VAL H 130 14.43 10.01 -23.76
N GLY H 131 15.66 9.89 -23.27
CA GLY H 131 15.92 9.28 -21.98
C GLY H 131 17.41 9.09 -21.76
N TRP H 132 17.86 9.32 -20.54
CA TRP H 132 19.29 9.29 -20.25
C TRP H 132 19.80 7.86 -20.22
N VAL H 133 21.09 7.70 -20.51
CA VAL H 133 21.66 6.37 -20.60
C VAL H 133 21.94 5.81 -19.20
N GLY H 134 22.13 6.66 -18.20
CA GLY H 134 22.42 6.16 -16.87
C GLY H 134 21.37 6.50 -15.84
N ILE H 135 20.71 7.65 -16.01
CA ILE H 135 19.63 8.05 -15.11
C ILE H 135 18.40 7.24 -15.45
N PRO H 136 17.89 6.42 -14.52
CA PRO H 136 16.80 5.50 -14.86
C PRO H 136 15.41 6.11 -14.88
N THR H 137 15.28 7.44 -14.89
CA THR H 137 14.00 8.11 -14.71
C THR H 137 13.09 7.91 -15.93
N ALA H 138 11.85 8.38 -15.78
CA ALA H 138 10.85 8.31 -16.86
C ALA H 138 11.37 9.04 -18.10
N PRO H 139 10.92 8.71 -19.32
CA PRO H 139 11.49 9.31 -20.51
C PRO H 139 10.68 10.56 -20.83
N ALA H 140 10.79 11.05 -22.06
CA ALA H 140 9.94 12.19 -22.44
C ALA H 140 9.78 12.23 -23.95
N TRP H 141 8.83 13.00 -24.42
CA TRP H 141 8.66 13.21 -25.85
C TRP H 141 8.97 14.66 -26.17
N LEU H 142 9.80 14.87 -27.19
CA LEU H 142 10.25 16.25 -27.54
C LEU H 142 10.36 16.37 -29.06
N PRO H 143 10.06 17.55 -29.67
CA PRO H 143 10.23 17.74 -31.11
C PRO H 143 11.61 17.41 -31.70
N THR H 144 11.66 17.01 -32.97
CA THR H 144 12.89 16.60 -33.64
C THR H 144 13.88 17.74 -33.79
N ASP H 145 13.41 18.99 -33.82
CA ASP H 145 14.29 20.15 -33.82
C ASP H 145 14.55 20.71 -32.43
N MET H 146 13.67 20.43 -31.47
CA MET H 146 13.87 20.90 -30.11
C MET H 146 15.00 20.15 -29.43
N LEU H 147 15.16 18.88 -29.74
CA LEU H 147 16.36 18.14 -29.36
C LEU H 147 17.41 18.24 -30.45
N ILE H 148 18.56 17.61 -30.23
CA ILE H 148 19.65 17.64 -31.19
C ILE H 148 20.46 16.36 -31.03
N LYS H 149 20.63 15.62 -32.12
CA LYS H 149 21.52 14.45 -32.14
C LYS H 149 22.95 14.92 -32.00
N CYS H 150 23.57 14.65 -30.85
CA CYS H 150 24.87 15.24 -30.54
C CYS H 150 26.04 14.36 -30.99
N GLU H 151 26.16 13.17 -30.41
CA GLU H 151 27.22 12.22 -30.77
C GLU H 151 26.82 10.83 -30.27
N LYS H 152 27.76 9.89 -30.33
CA LYS H 152 27.62 8.57 -29.73
C LYS H 152 28.67 8.47 -28.63
N LEU H 153 28.33 8.99 -27.45
CA LEU H 153 29.22 8.93 -26.29
C LEU H 153 28.35 8.75 -25.05
N VAL H 154 28.20 7.51 -24.60
CA VAL H 154 27.51 7.25 -23.35
C VAL H 154 28.45 7.53 -22.18
N TYR H 155 27.85 7.84 -21.03
CA TYR H 155 28.62 8.17 -19.84
C TYR H 155 28.03 7.48 -18.63
N GLU H 156 28.86 6.68 -17.96
CA GLU H 156 28.48 6.00 -16.73
C GLU H 156 29.73 5.70 -15.93
N ARG H 157 29.66 5.99 -14.63
CA ARG H 157 30.75 5.81 -13.65
C ARG H 157 32.03 6.54 -14.05
N UNK I 1 -31.36 28.12 -23.14
CA UNK I 1 -30.89 29.46 -23.50
C UNK I 1 -29.54 29.75 -22.84
N UNK I 2 -29.14 31.02 -22.85
CA UNK I 2 -27.89 31.46 -22.24
C UNK I 2 -28.11 32.45 -21.10
N UNK I 3 -29.27 32.41 -20.46
CA UNK I 3 -29.59 33.37 -19.41
C UNK I 3 -28.85 33.08 -18.11
N UNK I 4 -28.36 31.85 -17.93
CA UNK I 4 -27.60 31.49 -16.73
C UNK I 4 -26.11 31.71 -16.88
N UNK I 5 -25.68 32.50 -17.88
CA UNK I 5 -24.26 32.74 -18.09
C UNK I 5 -23.71 33.71 -17.04
N UNK I 6 -24.54 34.63 -16.58
CA UNK I 6 -24.19 35.51 -15.46
C UNK I 6 -25.22 35.33 -14.35
N UNK I 7 -24.81 35.66 -13.13
CA UNK I 7 -25.68 35.47 -11.96
C UNK I 7 -26.49 36.72 -11.66
N UNK I 8 -27.18 37.24 -12.69
CA UNK I 8 -28.07 38.38 -12.51
C UNK I 8 -29.37 38.29 -13.28
N UNK I 9 -29.51 37.37 -14.23
CA UNK I 9 -30.68 37.36 -15.09
C UNK I 9 -31.81 36.55 -14.48
N UNK I 10 -33.03 36.86 -14.92
CA UNK I 10 -34.24 36.17 -14.49
C UNK I 10 -35.23 36.20 -15.65
N UNK I 11 -36.49 35.90 -15.35
CA UNK I 11 -37.55 35.92 -16.35
C UNK I 11 -38.85 36.32 -15.64
N UNK I 12 -39.95 36.30 -16.40
CA UNK I 12 -41.25 36.51 -15.80
C UNK I 12 -41.65 35.29 -14.98
N UNK I 13 -42.58 35.49 -14.06
CA UNK I 13 -43.03 34.42 -13.16
C UNK I 13 -43.88 33.45 -13.96
N UNK I 14 -43.24 32.39 -14.47
CA UNK I 14 -43.92 31.45 -15.34
C UNK I 14 -44.94 30.59 -14.59
N UNK I 15 -44.70 30.35 -13.30
CA UNK I 15 -45.68 29.64 -12.49
C UNK I 15 -46.89 30.51 -12.19
N UNK I 16 -46.67 31.81 -11.94
CA UNK I 16 -47.79 32.72 -11.73
C UNK I 16 -48.49 33.06 -13.04
N UNK I 17 -47.79 33.00 -14.16
CA UNK I 17 -48.43 33.23 -15.45
C UNK I 17 -49.26 32.02 -15.88
N UNK I 18 -48.86 30.82 -15.48
CA UNK I 18 -49.61 29.61 -15.76
C UNK I 18 -50.53 29.20 -14.61
N UNK I 19 -50.62 30.04 -13.57
CA UNK I 19 -51.46 29.84 -12.38
C UNK I 19 -51.13 28.53 -11.65
N UNK I 20 -49.85 28.16 -11.67
CA UNK I 20 -49.35 27.00 -10.96
C UNK I 20 -48.52 27.44 -9.76
N UNK I 21 -48.17 26.48 -8.91
CA UNK I 21 -47.36 26.78 -7.74
C UNK I 21 -45.89 26.86 -8.15
N UNK I 22 -45.06 27.39 -7.23
CA UNK I 22 -43.64 27.58 -7.53
C UNK I 22 -42.89 26.25 -7.55
N UNK I 23 -43.37 25.26 -6.80
CA UNK I 23 -42.74 23.93 -6.76
C UNK I 23 -43.79 22.86 -7.02
N UNK I 24 -44.62 23.08 -8.04
CA UNK I 24 -45.61 22.09 -8.43
C UNK I 24 -45.03 21.13 -9.46
N UNK I 25 -45.81 20.13 -9.82
CA UNK I 25 -45.40 19.10 -10.77
C UNK I 25 -45.90 19.44 -12.17
N UNK I 26 -45.54 18.58 -13.13
CA UNK I 26 -45.95 18.80 -14.51
C UNK I 26 -47.43 18.50 -14.71
N UNK I 27 -47.95 17.48 -14.01
CA UNK I 27 -49.38 17.21 -14.05
C UNK I 27 -50.17 18.31 -13.36
N UNK I 28 -49.64 18.84 -12.25
CA UNK I 28 -50.26 19.98 -11.60
C UNK I 28 -50.19 21.23 -12.46
N UNK I 29 -49.11 21.42 -13.21
CA UNK I 29 -49.02 22.56 -14.12
C UNK I 29 -49.98 22.40 -15.29
N UNK I 30 -50.21 21.16 -15.74
CA UNK I 30 -51.20 20.93 -16.78
C UNK I 30 -52.62 21.18 -16.26
N UNK I 31 -52.89 20.81 -15.00
CA UNK I 31 -54.18 21.12 -14.39
C UNK I 31 -54.34 22.64 -14.21
N UNK I 32 -53.25 23.33 -13.91
CA UNK I 32 -53.31 24.79 -13.78
C UNK I 32 -53.52 25.46 -15.14
N UNK I 33 -52.94 24.89 -16.20
CA UNK I 33 -53.19 25.40 -17.55
C UNK I 33 -54.63 25.15 -17.97
N UNK I 34 -55.20 24.01 -17.58
CA UNK I 34 -56.61 23.75 -17.86
C UNK I 34 -57.53 24.68 -17.08
N UNK I 35 -57.17 24.99 -15.82
CA UNK I 35 -57.96 25.95 -15.04
C UNK I 35 -57.79 27.37 -15.54
N UNK I 36 -56.65 27.69 -16.16
CA UNK I 36 -56.46 29.01 -16.75
C UNK I 36 -57.17 29.14 -18.08
N UNK I 37 -57.25 28.06 -18.85
CA UNK I 37 -57.95 28.09 -20.12
C UNK I 37 -59.46 27.96 -19.98
N UNK I 38 -59.93 27.31 -18.91
CA UNK I 38 -61.37 27.20 -18.70
C UNK I 38 -62.01 28.52 -18.27
N UNK I 39 -61.22 29.44 -17.72
CA UNK I 39 -61.69 30.76 -17.31
C UNK I 39 -61.43 31.80 -18.38
N UNK I 40 -61.46 31.39 -19.66
CA UNK I 40 -61.26 32.26 -20.80
C UNK I 40 -62.35 33.32 -20.92
N UNK I 41 -63.58 32.86 -21.16
CA UNK I 41 -64.82 33.66 -21.15
C UNK I 41 -64.84 34.79 -22.18
N UNK I 42 -64.03 34.71 -23.23
CA UNK I 42 -64.05 35.67 -24.33
C UNK I 42 -63.49 35.00 -25.57
N UNK I 43 -63.19 35.80 -26.60
CA UNK I 43 -62.78 35.27 -27.90
C UNK I 43 -61.33 35.62 -28.24
N UNK I 44 -60.97 36.90 -28.22
CA UNK I 44 -59.64 37.33 -28.67
C UNK I 44 -58.64 37.49 -27.54
N UNK I 45 -58.95 38.33 -26.55
CA UNK I 45 -58.08 38.50 -25.40
C UNK I 45 -58.01 37.23 -24.55
N UNK I 46 -59.09 36.46 -24.54
CA UNK I 46 -59.06 35.15 -23.88
C UNK I 46 -58.16 34.17 -24.62
N UNK I 47 -58.12 34.24 -25.95
CA UNK I 47 -57.19 33.41 -26.71
C UNK I 47 -55.76 33.83 -26.46
N UNK I 48 -55.52 35.14 -26.32
CA UNK I 48 -54.18 35.62 -25.95
C UNK I 48 -53.77 35.17 -24.56
N UNK I 49 -54.71 35.20 -23.61
CA UNK I 49 -54.43 34.74 -22.25
C UNK I 49 -54.19 33.24 -22.20
N UNK I 50 -54.95 32.47 -22.99
CA UNK I 50 -54.75 31.02 -23.05
C UNK I 50 -53.43 30.67 -23.72
N UNK I 51 -53.02 31.43 -24.74
CA UNK I 51 -51.74 31.18 -25.38
C UNK I 51 -50.57 31.53 -24.46
N UNK I 52 -50.69 32.63 -23.71
CA UNK I 52 -49.65 33.00 -22.75
C UNK I 52 -49.56 32.00 -21.60
N UNK I 53 -50.71 31.54 -21.10
CA UNK I 53 -50.73 30.53 -20.06
C UNK I 53 -50.21 29.19 -20.56
N UNK I 54 -50.46 28.84 -21.82
CA UNK I 54 -49.95 27.58 -22.37
C UNK I 54 -48.44 27.67 -22.59
N UNK I 55 -47.93 28.84 -22.98
CA UNK I 55 -46.48 28.99 -23.11
C UNK I 55 -45.80 28.94 -21.75
N UNK I 56 -46.42 29.55 -20.73
CA UNK I 56 -45.86 29.46 -19.39
C UNK I 56 -45.96 28.04 -18.83
N UNK I 57 -47.02 27.30 -19.18
CA UNK I 57 -47.13 25.92 -18.75
C UNK I 57 -46.18 25.00 -19.50
N UNK I 58 -45.81 25.37 -20.73
CA UNK I 58 -44.76 24.64 -21.43
C UNK I 58 -43.38 24.95 -20.85
N UNK I 59 -43.19 26.18 -20.38
CA UNK I 59 -41.92 26.52 -19.73
C UNK I 59 -41.81 25.90 -18.34
N UNK I 60 -42.93 25.68 -17.66
CA UNK I 60 -42.91 25.09 -16.33
C UNK I 60 -42.97 23.57 -16.36
N UNK I 61 -43.68 22.99 -17.34
CA UNK I 61 -43.84 21.54 -17.42
C UNK I 61 -42.60 20.84 -17.96
N UNK I 62 -41.84 21.53 -18.81
CA UNK I 62 -40.57 20.99 -19.27
C UNK I 62 -39.57 21.01 -18.10
N UNK I 63 -39.12 19.82 -17.69
CA UNK I 63 -38.27 19.70 -16.51
C UNK I 63 -36.89 20.32 -16.75
N UNK I 64 -36.41 20.30 -18.00
CA UNK I 64 -35.18 21.03 -18.33
C UNK I 64 -35.40 22.53 -18.20
N UNK I 65 -36.51 23.03 -18.75
CA UNK I 65 -36.83 24.45 -18.62
C UNK I 65 -37.18 24.83 -17.19
N UNK I 66 -37.77 23.90 -16.43
CA UNK I 66 -38.07 24.17 -15.03
C UNK I 66 -36.78 24.24 -14.19
N UNK I 67 -35.82 23.35 -14.47
CA UNK I 67 -34.53 23.44 -13.78
C UNK I 67 -33.75 24.67 -14.20
N UNK I 68 -33.89 25.11 -15.46
CA UNK I 68 -33.25 26.35 -15.90
C UNK I 68 -33.90 27.56 -15.23
N UNK I 69 -35.21 27.53 -15.02
CA UNK I 69 -35.87 28.62 -14.32
C UNK I 69 -35.58 28.60 -12.83
N UNK I 70 -35.28 27.41 -12.28
CA UNK I 70 -34.84 27.34 -10.89
C UNK I 70 -33.42 27.88 -10.73
N UNK I 71 -32.54 27.58 -11.68
CA UNK I 71 -31.17 28.08 -11.62
C UNK I 71 -31.10 29.57 -11.90
N UNK I 72 -31.99 30.09 -12.76
CA UNK I 72 -32.01 31.52 -13.02
C UNK I 72 -32.62 32.29 -11.86
N UNK I 73 -33.45 31.64 -11.06
CA UNK I 73 -34.00 32.22 -9.84
C UNK I 73 -33.17 31.86 -8.62
N UNK I 74 -31.87 32.14 -8.69
CA UNK I 74 -30.94 31.85 -7.59
C UNK I 74 -30.94 33.06 -6.66
N UNK I 75 -31.72 32.96 -5.57
CA UNK I 75 -31.90 34.05 -4.63
C UNK I 75 -31.09 33.85 -3.35
N UNK I 76 -29.89 33.29 -3.45
CA UNK I 76 -29.03 33.08 -2.31
C UNK I 76 -27.57 33.14 -2.80
N UNK I 77 -26.65 32.66 -1.95
CA UNK I 77 -25.24 32.61 -2.29
C UNK I 77 -24.77 31.20 -2.66
N UNK I 78 -25.69 30.28 -2.93
CA UNK I 78 -25.31 28.90 -3.23
C UNK I 78 -25.01 28.71 -4.71
N UNK I 79 -25.98 29.02 -5.57
CA UNK I 79 -25.96 28.75 -7.02
C UNK I 79 -25.67 27.27 -7.30
N UNK I 80 -26.45 26.39 -6.68
CA UNK I 80 -26.26 24.95 -6.81
C UNK I 80 -27.09 24.34 -7.92
N UNK I 81 -28.21 24.97 -8.30
CA UNK I 81 -29.13 24.52 -9.35
C UNK I 81 -29.67 23.12 -9.07
N UNK I 82 -30.46 23.02 -8.00
CA UNK I 82 -31.09 21.74 -7.64
C UNK I 82 -32.22 21.43 -8.60
N UNK I 83 -32.08 20.34 -9.36
CA UNK I 83 -33.08 19.99 -10.37
C UNK I 83 -34.32 19.35 -9.76
N UNK I 84 -34.16 18.57 -8.68
CA UNK I 84 -35.25 17.92 -7.94
C UNK I 84 -36.10 16.99 -8.83
N UNK I 85 -35.45 15.96 -9.34
CA UNK I 85 -36.11 14.89 -10.09
C UNK I 85 -36.30 13.70 -9.16
N UNK I 86 -37.55 13.40 -8.84
CA UNK I 86 -37.88 12.37 -7.86
C UNK I 86 -38.48 11.15 -8.56
N UNK I 87 -38.53 10.05 -7.82
CA UNK I 87 -39.09 8.79 -8.31
C UNK I 87 -39.68 8.05 -7.11
N UNK I 88 -39.95 6.76 -7.29
CA UNK I 88 -40.55 5.96 -6.22
C UNK I 88 -39.99 4.55 -6.29
N UNK I 89 -39.01 4.26 -5.44
CA UNK I 89 -38.42 2.92 -5.35
C UNK I 89 -37.85 2.74 -3.95
N UNK I 90 -38.32 1.71 -3.24
CA UNK I 90 -37.89 1.45 -1.87
C UNK I 90 -38.07 -0.02 -1.55
N UNK I 91 -37.04 -0.64 -0.99
CA UNK I 91 -37.08 -2.07 -0.64
C UNK I 91 -36.05 -2.33 0.45
N UNK I 92 -36.51 -2.63 1.66
CA UNK I 92 -35.65 -3.00 2.77
C UNK I 92 -36.45 -3.82 3.77
N UNK I 93 -35.86 -4.92 4.23
CA UNK I 93 -36.56 -5.84 5.13
C UNK I 93 -35.59 -6.42 6.14
N UNK I 94 -36.08 -6.58 7.38
CA UNK I 94 -35.28 -7.11 8.47
C UNK I 94 -36.23 -7.62 9.56
N UNK I 95 -35.63 -8.12 10.64
CA UNK I 95 -36.41 -8.66 11.76
C UNK I 95 -35.58 -8.55 13.03
N UNK I 96 -36.25 -8.39 14.17
CA UNK I 96 -35.61 -8.21 15.45
C UNK I 96 -35.79 -9.45 16.33
N UNK I 97 -35.29 -9.35 17.56
CA UNK I 97 -35.41 -10.42 18.55
C UNK I 97 -35.61 -9.81 19.93
N UNK I 98 -36.54 -10.39 20.70
CA UNK I 98 -36.85 -9.88 22.03
C UNK I 98 -37.08 -11.00 23.03
N UNK I 99 -36.45 -12.16 22.82
CA UNK I 99 -36.55 -13.24 23.81
C UNK I 99 -35.43 -13.13 24.84
N UNK I 100 -34.22 -12.81 24.39
CA UNK I 100 -33.10 -12.61 25.30
C UNK I 100 -33.28 -11.35 26.15
N UNK I 101 -34.00 -10.36 25.63
CA UNK I 101 -34.31 -9.16 26.41
C UNK I 101 -35.24 -9.50 27.57
N UNK I 102 -36.27 -10.31 27.31
CA UNK I 102 -37.16 -10.75 28.38
C UNK I 102 -36.46 -11.67 29.37
N UNK I 103 -35.53 -12.49 28.88
CA UNK I 103 -34.76 -13.36 29.78
C UNK I 103 -33.84 -12.54 30.68
N UNK I 104 -33.18 -11.52 30.12
CA UNK I 104 -32.32 -10.65 30.91
C UNK I 104 -33.14 -9.80 31.88
N UNK I 105 -34.36 -9.41 31.51
CA UNK I 105 -35.21 -8.66 32.42
C UNK I 105 -35.69 -9.53 33.58
N UNK I 106 -36.00 -10.80 33.31
CA UNK I 106 -36.39 -11.71 34.38
C UNK I 106 -35.22 -12.02 35.31
N UNK I 107 -34.01 -12.17 34.73
CA UNK I 107 -32.83 -12.39 35.56
C UNK I 107 -32.48 -11.17 36.39
N UNK I 108 -32.67 -9.96 35.84
CA UNK I 108 -32.43 -8.75 36.59
C UNK I 108 -33.47 -8.54 37.69
N UNK I 109 -34.72 -8.93 37.44
CA UNK I 109 -35.75 -8.85 38.47
C UNK I 109 -35.48 -9.85 39.59
N UNK I 110 -34.98 -11.04 39.24
CA UNK I 110 -34.59 -12.01 40.26
C UNK I 110 -33.39 -11.52 41.07
N UNK I 111 -32.44 -10.85 40.41
CA UNK I 111 -31.27 -10.32 41.11
C UNK I 111 -31.66 -9.18 42.05
N UNK I 112 -32.56 -8.30 41.61
CA UNK I 112 -33.01 -7.21 42.47
C UNK I 112 -33.88 -7.70 43.61
N UNK I 113 -34.71 -8.73 43.38
CA UNK I 113 -35.52 -9.30 44.44
C UNK I 113 -34.65 -10.01 45.48
N UNK I 114 -33.61 -10.73 45.01
CA UNK I 114 -32.67 -11.35 45.93
C UNK I 114 -31.86 -10.31 46.68
N UNK I 115 -31.55 -9.18 46.03
CA UNK I 115 -30.88 -8.07 46.71
C UNK I 115 -31.72 -7.53 47.86
N UNK I 116 -32.99 -7.22 47.58
CA UNK I 116 -33.87 -6.67 48.61
C UNK I 116 -34.13 -7.68 49.72
N UNK I 117 -34.28 -8.96 49.37
CA UNK I 117 -34.56 -9.98 50.39
C UNK I 117 -33.35 -10.24 51.28
N UNK I 118 -32.16 -10.37 50.69
CA UNK I 118 -30.97 -10.63 51.49
C UNK I 118 -30.53 -9.40 52.27
N UNK I 119 -30.84 -8.20 51.79
CA UNK I 119 -30.51 -7.01 52.55
C UNK I 119 -31.53 -6.72 53.64
N UNK I 120 -32.79 -7.13 53.45
CA UNK I 120 -33.81 -6.92 54.45
C UNK I 120 -34.00 -8.13 55.36
N UNK I 121 -33.21 -9.19 55.18
CA UNK I 121 -33.26 -10.32 56.10
C UNK I 121 -32.76 -9.95 57.48
N UNK I 122 -31.83 -8.98 57.55
CA UNK I 122 -31.30 -8.38 58.78
C UNK I 122 -30.69 -9.38 59.77
#